data_7F3K
# 
_entry.id   7F3K 
# 
_audit_conform.dict_name       mmcif_pdbx.dic 
_audit_conform.dict_version    5.380 
_audit_conform.dict_location   http://mmcif.pdb.org/dictionaries/ascii/mmcif_pdbx.dic 
# 
loop_
_database_2.database_id 
_database_2.database_code 
_database_2.pdbx_database_accession 
_database_2.pdbx_DOI 
PDB   7F3K         pdb_00007f3k 10.2210/pdb7f3k/pdb 
WWPDB D_1300022772 ?            ?                   
# 
loop_
_pdbx_database_related.db_name 
_pdbx_database_related.details 
_pdbx_database_related.db_id 
_pdbx_database_related.content_type 
PDB 'zebrafish YBX1 complexed with RNA' 6A6J unspecified 
PDB 'YBX1 complexed with RNA'           6A6L unspecified 
PDB 'YBX1 complexed with RNA'           5YTX unspecified 
PDB 'YBX1 complexed with RNA'           5YTS unspecified 
PDB 'YBX1 complexed with RNA'           5YTT unspecified 
PDB 'YBX1 complexed with RNA'           5YTV unspecified 
# 
_pdbx_database_status.status_code                     REL 
_pdbx_database_status.status_code_sf                  REL 
_pdbx_database_status.status_code_mr                  ? 
_pdbx_database_status.entry_id                        7F3K 
_pdbx_database_status.recvd_initial_deposition_date   2021-06-16 
_pdbx_database_status.SG_entry                        N 
_pdbx_database_status.deposit_site                    PDBJ 
_pdbx_database_status.process_site                    PDBJ 
_pdbx_database_status.status_code_cs                  ? 
_pdbx_database_status.status_code_nmr_data            ? 
_pdbx_database_status.methods_development_category    ? 
_pdbx_database_status.pdb_format_compatible           Y 
# 
loop_
_audit_author.name 
_audit_author.pdbx_ordinal 
_audit_author.identifier_ORCID 
'Zhang, Y.' 1 0000-0002-6001-0062 
'Huang, Y.' 2 0000-0002-2806-2874 
# 
_citation.abstract                  ? 
_citation.abstract_id_CAS           ? 
_citation.book_id_ISBN              ? 
_citation.book_publisher            ? 
_citation.book_publisher_city       ? 
_citation.book_title                ? 
_citation.coordinate_linkage        ? 
_citation.country                   ? 
_citation.database_id_Medline       ? 
_citation.details                   ? 
_citation.id                        primary 
_citation.journal_abbrev            'To Be Published' 
_citation.journal_id_ASTM           ? 
_citation.journal_id_CSD            0353 
_citation.journal_id_ISSN           ? 
_citation.journal_full              ? 
_citation.journal_issue             ? 
_citation.journal_volume            ? 
_citation.language                  ? 
_citation.page_first                ? 
_citation.page_last                 ? 
_citation.title                     'Crystal structure of human YBX2 CSD in complex with m5C RNA in space group P21212' 
_citation.year                      ? 
_citation.database_id_CSD           ? 
_citation.pdbx_database_id_DOI      ? 
_citation.pdbx_database_id_PubMed   ? 
_citation.pdbx_database_id_patent   ? 
_citation.unpublished_flag          ? 
# 
loop_
_citation_author.citation_id 
_citation_author.name 
_citation_author.ordinal 
_citation_author.identifier_ORCID 
primary 'Zhang, Y.' 1 0000-0002-6001-0062 
primary 'Huang, Y.' 2 0000-0002-2806-2874 
# 
_cell.angle_alpha                  90.000 
_cell.angle_alpha_esd              ? 
_cell.angle_beta                   90.000 
_cell.angle_beta_esd               ? 
_cell.angle_gamma                  90.000 
_cell.angle_gamma_esd              ? 
_cell.entry_id                     7F3K 
_cell.details                      ? 
_cell.formula_units_Z              ? 
_cell.length_a                     75.749 
_cell.length_a_esd                 ? 
_cell.length_b                     33.135 
_cell.length_b_esd                 ? 
_cell.length_c                     33.693 
_cell.length_c_esd                 ? 
_cell.volume                       84567.513 
_cell.volume_esd                   ? 
_cell.Z_PDB                        4 
_cell.reciprocal_angle_alpha       ? 
_cell.reciprocal_angle_beta        ? 
_cell.reciprocal_angle_gamma       ? 
_cell.reciprocal_angle_alpha_esd   ? 
_cell.reciprocal_angle_beta_esd    ? 
_cell.reciprocal_angle_gamma_esd   ? 
_cell.reciprocal_length_a          ? 
_cell.reciprocal_length_b          ? 
_cell.reciprocal_length_c          ? 
_cell.reciprocal_length_a_esd      ? 
_cell.reciprocal_length_b_esd      ? 
_cell.reciprocal_length_c_esd      ? 
_cell.pdbx_unique_axis             ? 
# 
_symmetry.entry_id                         7F3K 
_symmetry.cell_setting                     ? 
_symmetry.Int_Tables_number                18 
_symmetry.space_group_name_Hall            'P 2 2ab' 
_symmetry.space_group_name_H-M             'P 21 21 2' 
_symmetry.pdbx_full_space_group_name_H-M   ? 
# 
loop_
_entity.id 
_entity.type 
_entity.src_method 
_entity.pdbx_description 
_entity.formula_weight 
_entity.pdbx_number_of_molecules 
_entity.pdbx_ec 
_entity.pdbx_mutation 
_entity.pdbx_fragment 
_entity.details 
1 polymer     man 'Y-box-binding protein 2'              10205.441 1   ? 'I92T, Q93K' ? ? 
2 polymer     syn 
;RNA (5'-R(*UP*CP*AP*UP*(5MC)P*U)-3')
;
1827.135  1   ? ?            ? ? 
3 non-polymer syn 'SULFATE ION'                          96.063    2   ? ?            ? ? 
4 water       nat water                                  18.015    125 ? ?            ? ? 
# 
_entity_name_com.entity_id   1 
_entity_name_com.name        'Contrin,DNA-binding protein C,Dbpc,Germ cell-specific Y-box-binding protein,MSY2 homolog' 
# 
loop_
_entity_poly.entity_id 
_entity_poly.type 
_entity_poly.nstd_linkage 
_entity_poly.nstd_monomer 
_entity_poly.pdbx_seq_one_letter_code 
_entity_poly.pdbx_seq_one_letter_code_can 
_entity_poly.pdbx_strand_id 
_entity_poly.pdbx_target_identifier 
1 'polypeptide(L)'   no no  
;ADKPVLATKVLGTVKWFNVRNGYGFINRNDTKEDVFVHQTAIKRNNPRKFLRSVGDGETVEFDVVEGEKGAEATNVTGPG
GVPVKGSRYAPNR
;
;ADKPVLATKVLGTVKWFNVRNGYGFINRNDTKEDVFVHQTAIKRNNPRKFLRSVGDGETVEFDVVEGEKGAEATNVTGPG
GVPVKGSRYAPNR
;
A ? 
2 polyribonucleotide no yes 'UCAU(5MC)U'                                                                                     
UCAUCU                                                                                           B ? 
# 
loop_
_entity_poly_seq.entity_id 
_entity_poly_seq.num 
_entity_poly_seq.mon_id 
_entity_poly_seq.hetero 
1 1  ALA n 
1 2  ASP n 
1 3  LYS n 
1 4  PRO n 
1 5  VAL n 
1 6  LEU n 
1 7  ALA n 
1 8  THR n 
1 9  LYS n 
1 10 VAL n 
1 11 LEU n 
1 12 GLY n 
1 13 THR n 
1 14 VAL n 
1 15 LYS n 
1 16 TRP n 
1 17 PHE n 
1 18 ASN n 
1 19 VAL n 
1 20 ARG n 
1 21 ASN n 
1 22 GLY n 
1 23 TYR n 
1 24 GLY n 
1 25 PHE n 
1 26 ILE n 
1 27 ASN n 
1 28 ARG n 
1 29 ASN n 
1 30 ASP n 
1 31 THR n 
1 32 LYS n 
1 33 GLU n 
1 34 ASP n 
1 35 VAL n 
1 36 PHE n 
1 37 VAL n 
1 38 HIS n 
1 39 GLN n 
1 40 THR n 
1 41 ALA n 
1 42 ILE n 
1 43 LYS n 
1 44 ARG n 
1 45 ASN n 
1 46 ASN n 
1 47 PRO n 
1 48 ARG n 
1 49 LYS n 
1 50 PHE n 
1 51 LEU n 
1 52 ARG n 
1 53 SER n 
1 54 VAL n 
1 55 GLY n 
1 56 ASP n 
1 57 GLY n 
1 58 GLU n 
1 59 THR n 
1 60 VAL n 
1 61 GLU n 
1 62 PHE n 
1 63 ASP n 
1 64 VAL n 
1 65 VAL n 
1 66 GLU n 
1 67 GLY n 
1 68 GLU n 
1 69 LYS n 
1 70 GLY n 
1 71 ALA n 
1 72 GLU n 
1 73 ALA n 
1 74 THR n 
1 75 ASN n 
1 76 VAL n 
1 77 THR n 
1 78 GLY n 
1 79 PRO n 
1 80 GLY n 
1 81 GLY n 
1 82 VAL n 
1 83 PRO n 
1 84 VAL n 
1 85 LYS n 
1 86 GLY n 
1 87 SER n 
1 88 ARG n 
1 89 TYR n 
1 90 ALA n 
1 91 PRO n 
1 92 ASN n 
1 93 ARG n 
2 1  U   n 
2 2  C   n 
2 3  A   n 
2 4  U   n 
2 5  5MC n 
2 6  U   n 
# 
_entity_src_gen.entity_id                          1 
_entity_src_gen.pdbx_src_id                        1 
_entity_src_gen.pdbx_alt_source_flag               sample 
_entity_src_gen.pdbx_seq_type                      'Biological sequence' 
_entity_src_gen.pdbx_beg_seq_num                   1 
_entity_src_gen.pdbx_end_seq_num                   93 
_entity_src_gen.gene_src_common_name               Human 
_entity_src_gen.gene_src_genus                     ? 
_entity_src_gen.pdbx_gene_src_gene                 'YBX2, CSDA3, MSY2' 
_entity_src_gen.gene_src_species                   ? 
_entity_src_gen.gene_src_strain                    ? 
_entity_src_gen.gene_src_tissue                    ? 
_entity_src_gen.gene_src_tissue_fraction           ? 
_entity_src_gen.gene_src_details                   ? 
_entity_src_gen.pdbx_gene_src_fragment             ? 
_entity_src_gen.pdbx_gene_src_scientific_name      'Homo sapiens' 
_entity_src_gen.pdbx_gene_src_ncbi_taxonomy_id     9606 
_entity_src_gen.pdbx_gene_src_variant              ? 
_entity_src_gen.pdbx_gene_src_cell_line            ? 
_entity_src_gen.pdbx_gene_src_atcc                 ? 
_entity_src_gen.pdbx_gene_src_organ                ? 
_entity_src_gen.pdbx_gene_src_organelle            ? 
_entity_src_gen.pdbx_gene_src_cell                 ? 
_entity_src_gen.pdbx_gene_src_cellular_location    ? 
_entity_src_gen.host_org_common_name               ? 
_entity_src_gen.pdbx_host_org_scientific_name      'Escherichia coli' 
_entity_src_gen.pdbx_host_org_ncbi_taxonomy_id     562 
_entity_src_gen.host_org_genus                     ? 
_entity_src_gen.pdbx_host_org_gene                 ? 
_entity_src_gen.pdbx_host_org_organ                ? 
_entity_src_gen.host_org_species                   ? 
_entity_src_gen.pdbx_host_org_tissue               ? 
_entity_src_gen.pdbx_host_org_tissue_fraction      ? 
_entity_src_gen.pdbx_host_org_strain               ? 
_entity_src_gen.pdbx_host_org_variant              ? 
_entity_src_gen.pdbx_host_org_cell_line            ? 
_entity_src_gen.pdbx_host_org_atcc                 ? 
_entity_src_gen.pdbx_host_org_culture_collection   ? 
_entity_src_gen.pdbx_host_org_cell                 ? 
_entity_src_gen.pdbx_host_org_organelle            ? 
_entity_src_gen.pdbx_host_org_cellular_location    ? 
_entity_src_gen.pdbx_host_org_vector_type          ? 
_entity_src_gen.pdbx_host_org_vector               ? 
_entity_src_gen.host_org_details                   ? 
_entity_src_gen.expression_system_id               ? 
_entity_src_gen.plasmid_name                       ? 
_entity_src_gen.plasmid_details                    ? 
_entity_src_gen.pdbx_description                   ? 
# 
_pdbx_entity_src_syn.entity_id              2 
_pdbx_entity_src_syn.pdbx_src_id            1 
_pdbx_entity_src_syn.pdbx_alt_source_flag   sample 
_pdbx_entity_src_syn.pdbx_beg_seq_num       1 
_pdbx_entity_src_syn.pdbx_end_seq_num       6 
_pdbx_entity_src_syn.organism_scientific    'Homo sapiens' 
_pdbx_entity_src_syn.organism_common_name   ? 
_pdbx_entity_src_syn.ncbi_taxonomy_id       9606 
_pdbx_entity_src_syn.details                ? 
# 
loop_
_struct_ref.id 
_struct_ref.db_name 
_struct_ref.db_code 
_struct_ref.pdbx_db_accession 
_struct_ref.pdbx_db_isoform 
_struct_ref.entity_id 
_struct_ref.pdbx_seq_one_letter_code 
_struct_ref.pdbx_align_begin 
1 UNP YBOX2_HUMAN Q9Y2T7 ? 1 
;ADKPVLAIQVLGTVKWFNVRNGYGFINRNDTKEDVFVHQTAIKRNNPRKFLRSVGDGETVEFDVVEGEKGAEATNVTGPG
GVPVKGSRYAPNR
;
85 
2 PDB 7F3K        7F3K   ? 2 ?                                                                                                1  
# 
loop_
_struct_ref_seq.align_id 
_struct_ref_seq.ref_id 
_struct_ref_seq.pdbx_PDB_id_code 
_struct_ref_seq.pdbx_strand_id 
_struct_ref_seq.seq_align_beg 
_struct_ref_seq.pdbx_seq_align_beg_ins_code 
_struct_ref_seq.seq_align_end 
_struct_ref_seq.pdbx_seq_align_end_ins_code 
_struct_ref_seq.pdbx_db_accession 
_struct_ref_seq.db_align_beg 
_struct_ref_seq.pdbx_db_align_beg_ins_code 
_struct_ref_seq.db_align_end 
_struct_ref_seq.pdbx_db_align_end_ins_code 
_struct_ref_seq.pdbx_auth_seq_align_beg 
_struct_ref_seq.pdbx_auth_seq_align_end 
1 1 7F3K A 1 ? 93 ? Q9Y2T7 85 ? 177 ? 85 177 
2 2 7F3K B 1 ? 6  ? 7F3K   1  ? 6   ? 1  6   
# 
loop_
_struct_ref_seq_dif.align_id 
_struct_ref_seq_dif.pdbx_pdb_id_code 
_struct_ref_seq_dif.mon_id 
_struct_ref_seq_dif.pdbx_pdb_strand_id 
_struct_ref_seq_dif.seq_num 
_struct_ref_seq_dif.pdbx_pdb_ins_code 
_struct_ref_seq_dif.pdbx_seq_db_name 
_struct_ref_seq_dif.pdbx_seq_db_accession_code 
_struct_ref_seq_dif.db_mon_id 
_struct_ref_seq_dif.pdbx_seq_db_seq_num 
_struct_ref_seq_dif.details 
_struct_ref_seq_dif.pdbx_auth_seq_num 
_struct_ref_seq_dif.pdbx_ordinal 
1 7F3K THR A 8 ? UNP Q9Y2T7 ILE 92 'engineered mutation' 92 1 
1 7F3K LYS A 9 ? UNP Q9Y2T7 GLN 93 'engineered mutation' 93 2 
# 
loop_
_chem_comp.id 
_chem_comp.type 
_chem_comp.mon_nstd_flag 
_chem_comp.name 
_chem_comp.pdbx_synonyms 
_chem_comp.formula 
_chem_comp.formula_weight 
5MC 'RNA linking'       n "5-METHYLCYTIDINE-5'-MONOPHOSPHATE" ? 'C10 H16 N3 O8 P' 337.223 
A   'RNA linking'       y "ADENOSINE-5'-MONOPHOSPHATE"        ? 'C10 H14 N5 O7 P' 347.221 
ALA 'L-peptide linking' y ALANINE                             ? 'C3 H7 N O2'      89.093  
ARG 'L-peptide linking' y ARGININE                            ? 'C6 H15 N4 O2 1'  175.209 
ASN 'L-peptide linking' y ASPARAGINE                          ? 'C4 H8 N2 O3'     132.118 
ASP 'L-peptide linking' y 'ASPARTIC ACID'                     ? 'C4 H7 N O4'      133.103 
C   'RNA linking'       y "CYTIDINE-5'-MONOPHOSPHATE"         ? 'C9 H14 N3 O8 P'  323.197 
GLN 'L-peptide linking' y GLUTAMINE                           ? 'C5 H10 N2 O3'    146.144 
GLU 'L-peptide linking' y 'GLUTAMIC ACID'                     ? 'C5 H9 N O4'      147.129 
GLY 'peptide linking'   y GLYCINE                             ? 'C2 H5 N O2'      75.067  
HIS 'L-peptide linking' y HISTIDINE                           ? 'C6 H10 N3 O2 1'  156.162 
HOH non-polymer         . WATER                               ? 'H2 O'            18.015  
ILE 'L-peptide linking' y ISOLEUCINE                          ? 'C6 H13 N O2'     131.173 
LEU 'L-peptide linking' y LEUCINE                             ? 'C6 H13 N O2'     131.173 
LYS 'L-peptide linking' y LYSINE                              ? 'C6 H15 N2 O2 1'  147.195 
PHE 'L-peptide linking' y PHENYLALANINE                       ? 'C9 H11 N O2'     165.189 
PRO 'L-peptide linking' y PROLINE                             ? 'C5 H9 N O2'      115.130 
SER 'L-peptide linking' y SERINE                              ? 'C3 H7 N O3'      105.093 
SO4 non-polymer         . 'SULFATE ION'                       ? 'O4 S -2'         96.063  
THR 'L-peptide linking' y THREONINE                           ? 'C4 H9 N O3'      119.119 
TRP 'L-peptide linking' y TRYPTOPHAN                          ? 'C11 H12 N2 O2'   204.225 
TYR 'L-peptide linking' y TYROSINE                            ? 'C9 H11 N O3'     181.189 
U   'RNA linking'       y "URIDINE-5'-MONOPHOSPHATE"          ? 'C9 H13 N2 O9 P'  324.181 
VAL 'L-peptide linking' y VALINE                              ? 'C5 H11 N O2'     117.146 
# 
_exptl.absorpt_coefficient_mu     ? 
_exptl.absorpt_correction_T_max   ? 
_exptl.absorpt_correction_T_min   ? 
_exptl.absorpt_correction_type    ? 
_exptl.absorpt_process_details    ? 
_exptl.entry_id                   7F3K 
_exptl.crystals_number            1 
_exptl.details                    ? 
_exptl.method                     'X-RAY DIFFRACTION' 
_exptl.method_details             ? 
# 
_exptl_crystal.colour                      ? 
_exptl_crystal.density_diffrn              ? 
_exptl_crystal.density_Matthews            1.76 
_exptl_crystal.density_method              ? 
_exptl_crystal.density_percent_sol         30.00 
_exptl_crystal.description                 ? 
_exptl_crystal.F_000                       ? 
_exptl_crystal.id                          1 
_exptl_crystal.preparation                 ? 
_exptl_crystal.size_max                    ? 
_exptl_crystal.size_mid                    ? 
_exptl_crystal.size_min                    ? 
_exptl_crystal.size_rad                    ? 
_exptl_crystal.colour_lustre               ? 
_exptl_crystal.colour_modifier             ? 
_exptl_crystal.colour_primary              ? 
_exptl_crystal.density_meas                ? 
_exptl_crystal.density_meas_esd            ? 
_exptl_crystal.density_meas_gt             ? 
_exptl_crystal.density_meas_lt             ? 
_exptl_crystal.density_meas_temp           ? 
_exptl_crystal.density_meas_temp_esd       ? 
_exptl_crystal.density_meas_temp_gt        ? 
_exptl_crystal.density_meas_temp_lt        ? 
_exptl_crystal.pdbx_crystal_image_url      ? 
_exptl_crystal.pdbx_crystal_image_format   ? 
_exptl_crystal.pdbx_mosaicity              ? 
_exptl_crystal.pdbx_mosaicity_esd          ? 
# 
_exptl_crystal_grow.apparatus       ? 
_exptl_crystal_grow.atmosphere      ? 
_exptl_crystal_grow.crystal_id      1 
_exptl_crystal_grow.details         ? 
_exptl_crystal_grow.method          'VAPOR DIFFUSION, HANGING DROP' 
_exptl_crystal_grow.method_ref      ? 
_exptl_crystal_grow.pH              8.0 
_exptl_crystal_grow.pressure        ? 
_exptl_crystal_grow.pressure_esd    ? 
_exptl_crystal_grow.seeding         ? 
_exptl_crystal_grow.seeding_ref     ? 
_exptl_crystal_grow.temp            290 
_exptl_crystal_grow.temp_details    ? 
_exptl_crystal_grow.temp_esd        ? 
_exptl_crystal_grow.time            ? 
_exptl_crystal_grow.pdbx_details    '0.1 M Tris pH 8.0, 3.2 M Ammonium sulfate' 
_exptl_crystal_grow.pdbx_pH_range   ? 
# 
_diffrn.ambient_environment              ? 
_diffrn.ambient_temp                     100 
_diffrn.ambient_temp_details             ? 
_diffrn.ambient_temp_esd                 ? 
_diffrn.crystal_id                       1 
_diffrn.crystal_support                  ? 
_diffrn.crystal_treatment                ? 
_diffrn.details                          ? 
_diffrn.id                               1 
_diffrn.ambient_pressure                 ? 
_diffrn.ambient_pressure_esd             ? 
_diffrn.ambient_pressure_gt              ? 
_diffrn.ambient_pressure_lt              ? 
_diffrn.ambient_temp_gt                  ? 
_diffrn.ambient_temp_lt                  ? 
_diffrn.pdbx_serial_crystal_experiment   N 
# 
_diffrn_detector.details                      ? 
_diffrn_detector.detector                     PIXEL 
_diffrn_detector.diffrn_id                    1 
_diffrn_detector.type                         'DECTRIS PILATUS3 6M' 
_diffrn_detector.area_resol_mean              ? 
_diffrn_detector.dtime                        ? 
_diffrn_detector.pdbx_frames_total            ? 
_diffrn_detector.pdbx_collection_time_total   ? 
_diffrn_detector.pdbx_collection_date         2020-05-24 
_diffrn_detector.pdbx_frequency               ? 
# 
_diffrn_radiation.collimation                      ? 
_diffrn_radiation.diffrn_id                        1 
_diffrn_radiation.filter_edge                      ? 
_diffrn_radiation.inhomogeneity                    ? 
_diffrn_radiation.monochromator                    ? 
_diffrn_radiation.polarisn_norm                    ? 
_diffrn_radiation.polarisn_ratio                   ? 
_diffrn_radiation.probe                            ? 
_diffrn_radiation.type                             ? 
_diffrn_radiation.xray_symbol                      ? 
_diffrn_radiation.wavelength_id                    1 
_diffrn_radiation.pdbx_monochromatic_or_laue_m_l   M 
_diffrn_radiation.pdbx_wavelength_list             ? 
_diffrn_radiation.pdbx_wavelength                  ? 
_diffrn_radiation.pdbx_diffrn_protocol             'SINGLE WAVELENGTH' 
_diffrn_radiation.pdbx_analyzer                    ? 
_diffrn_radiation.pdbx_scattering_type             x-ray 
# 
_diffrn_radiation_wavelength.id           1 
_diffrn_radiation_wavelength.wavelength   0.97915 
_diffrn_radiation_wavelength.wt           1.0 
# 
_diffrn_source.current                     ? 
_diffrn_source.details                     ? 
_diffrn_source.diffrn_id                   1 
_diffrn_source.power                       ? 
_diffrn_source.size                        ? 
_diffrn_source.source                      SYNCHROTRON 
_diffrn_source.target                      ? 
_diffrn_source.type                        'SSRF BEAMLINE BL18U1' 
_diffrn_source.voltage                     ? 
_diffrn_source.take-off_angle              ? 
_diffrn_source.pdbx_wavelength_list        0.97915 
_diffrn_source.pdbx_wavelength             ? 
_diffrn_source.pdbx_synchrotron_beamline   BL18U1 
_diffrn_source.pdbx_synchrotron_site       SSRF 
# 
_reflns.B_iso_Wilson_estimate                          17.23 
_reflns.entry_id                                       7F3K 
_reflns.data_reduction_details                         ? 
_reflns.data_reduction_method                          ? 
_reflns.d_resolution_high                              1.76 
_reflns.d_resolution_low                               50 
_reflns.details                                        ? 
_reflns.limit_h_max                                    ? 
_reflns.limit_h_min                                    ? 
_reflns.limit_k_max                                    ? 
_reflns.limit_k_min                                    ? 
_reflns.limit_l_max                                    ? 
_reflns.limit_l_min                                    ? 
_reflns.number_all                                     ? 
_reflns.number_obs                                     8891 
_reflns.observed_criterion                             ? 
_reflns.observed_criterion_F_max                       ? 
_reflns.observed_criterion_F_min                       ? 
_reflns.observed_criterion_I_max                       ? 
_reflns.observed_criterion_I_min                       ? 
_reflns.observed_criterion_sigma_F                     ? 
_reflns.observed_criterion_sigma_I                     ? 
_reflns.percent_possible_obs                           99.9 
_reflns.R_free_details                                 ? 
_reflns.Rmerge_F_all                                   ? 
_reflns.Rmerge_F_obs                                   ? 
_reflns.Friedel_coverage                               ? 
_reflns.number_gt                                      ? 
_reflns.threshold_expression                           ? 
_reflns.pdbx_redundancy                                12.5 
_reflns.pdbx_Rmerge_I_obs                              0.072 
_reflns.pdbx_Rmerge_I_all                              ? 
_reflns.pdbx_Rsym_value                                ? 
_reflns.pdbx_netI_over_av_sigmaI                       ? 
_reflns.pdbx_netI_over_sigmaI                          35.3 
_reflns.pdbx_res_netI_over_av_sigmaI_2                 ? 
_reflns.pdbx_res_netI_over_sigmaI_2                    ? 
_reflns.pdbx_chi_squared                               ? 
_reflns.pdbx_scaling_rejects                           ? 
_reflns.pdbx_d_res_high_opt                            ? 
_reflns.pdbx_d_res_low_opt                             ? 
_reflns.pdbx_d_res_opt_method                          ? 
_reflns.phase_calculation_details                      ? 
_reflns.pdbx_Rrim_I_all                                ? 
_reflns.pdbx_Rpim_I_all                                ? 
_reflns.pdbx_d_opt                                     ? 
_reflns.pdbx_number_measured_all                       ? 
_reflns.pdbx_diffrn_id                                 1 
_reflns.pdbx_ordinal                                   1 
_reflns.pdbx_CC_half                                   ? 
_reflns.pdbx_CC_star                                   ? 
_reflns.pdbx_R_split                                   ? 
_reflns.pdbx_aniso_diffraction_limit_axis_1_ortho[1]   ? 
_reflns.pdbx_aniso_diffraction_limit_axis_1_ortho[2]   ? 
_reflns.pdbx_aniso_diffraction_limit_axis_1_ortho[3]   ? 
_reflns.pdbx_aniso_diffraction_limit_axis_2_ortho[1]   ? 
_reflns.pdbx_aniso_diffraction_limit_axis_2_ortho[2]   ? 
_reflns.pdbx_aniso_diffraction_limit_axis_2_ortho[3]   ? 
_reflns.pdbx_aniso_diffraction_limit_axis_3_ortho[1]   ? 
_reflns.pdbx_aniso_diffraction_limit_axis_3_ortho[2]   ? 
_reflns.pdbx_aniso_diffraction_limit_axis_3_ortho[3]   ? 
_reflns.pdbx_aniso_diffraction_limit_1                 ? 
_reflns.pdbx_aniso_diffraction_limit_2                 ? 
_reflns.pdbx_aniso_diffraction_limit_3                 ? 
_reflns.pdbx_aniso_B_tensor_eigenvector_1_ortho[1]     ? 
_reflns.pdbx_aniso_B_tensor_eigenvector_1_ortho[2]     ? 
_reflns.pdbx_aniso_B_tensor_eigenvector_1_ortho[3]     ? 
_reflns.pdbx_aniso_B_tensor_eigenvector_2_ortho[1]     ? 
_reflns.pdbx_aniso_B_tensor_eigenvector_2_ortho[2]     ? 
_reflns.pdbx_aniso_B_tensor_eigenvector_2_ortho[3]     ? 
_reflns.pdbx_aniso_B_tensor_eigenvector_3_ortho[1]     ? 
_reflns.pdbx_aniso_B_tensor_eigenvector_3_ortho[2]     ? 
_reflns.pdbx_aniso_B_tensor_eigenvector_3_ortho[3]     ? 
_reflns.pdbx_aniso_B_tensor_eigenvalue_1               ? 
_reflns.pdbx_aniso_B_tensor_eigenvalue_2               ? 
_reflns.pdbx_aniso_B_tensor_eigenvalue_3               ? 
_reflns.pdbx_orthogonalization_convention              ? 
_reflns.pdbx_percent_possible_ellipsoidal              ? 
_reflns.pdbx_percent_possible_spherical                ? 
_reflns.pdbx_percent_possible_ellipsoidal_anomalous    ? 
_reflns.pdbx_percent_possible_spherical_anomalous      ? 
_reflns.pdbx_redundancy_anomalous                      ? 
_reflns.pdbx_CC_half_anomalous                         ? 
_reflns.pdbx_absDiff_over_sigma_anomalous              ? 
_reflns.pdbx_percent_possible_anomalous                ? 
_reflns.pdbx_observed_signal_threshold                 ? 
_reflns.pdbx_signal_type                               ? 
_reflns.pdbx_signal_details                            ? 
_reflns.pdbx_signal_software_id                        ? 
# 
_reflns_shell.d_res_high                                    1.76 
_reflns_shell.d_res_low                                     1.79 
_reflns_shell.meanI_over_sigI_all                           ? 
_reflns_shell.meanI_over_sigI_obs                           ? 
_reflns_shell.number_measured_all                           ? 
_reflns_shell.number_measured_obs                           ? 
_reflns_shell.number_possible                               ? 
_reflns_shell.number_unique_all                             ? 
_reflns_shell.number_unique_obs                             409 
_reflns_shell.percent_possible_all                          ? 
_reflns_shell.percent_possible_obs                          ? 
_reflns_shell.Rmerge_F_all                                  ? 
_reflns_shell.Rmerge_F_obs                                  ? 
_reflns_shell.Rmerge_I_all                                  ? 
_reflns_shell.Rmerge_I_obs                                  0.104 
_reflns_shell.meanI_over_sigI_gt                            ? 
_reflns_shell.meanI_over_uI_all                             ? 
_reflns_shell.meanI_over_uI_gt                              ? 
_reflns_shell.number_measured_gt                            ? 
_reflns_shell.number_unique_gt                              ? 
_reflns_shell.percent_possible_gt                           ? 
_reflns_shell.Rmerge_F_gt                                   ? 
_reflns_shell.Rmerge_I_gt                                   ? 
_reflns_shell.pdbx_redundancy                               ? 
_reflns_shell.pdbx_Rsym_value                               ? 
_reflns_shell.pdbx_chi_squared                              ? 
_reflns_shell.pdbx_netI_over_sigmaI_all                     ? 
_reflns_shell.pdbx_netI_over_sigmaI_obs                     ? 
_reflns_shell.pdbx_Rrim_I_all                               ? 
_reflns_shell.pdbx_Rpim_I_all                               ? 
_reflns_shell.pdbx_rejects                                  ? 
_reflns_shell.pdbx_ordinal                                  1 
_reflns_shell.pdbx_diffrn_id                                1 
_reflns_shell.pdbx_CC_half                                  ? 
_reflns_shell.pdbx_CC_star                                  ? 
_reflns_shell.pdbx_R_split                                  ? 
_reflns_shell.pdbx_percent_possible_ellipsoidal             ? 
_reflns_shell.pdbx_percent_possible_spherical               ? 
_reflns_shell.pdbx_percent_possible_ellipsoidal_anomalous   ? 
_reflns_shell.pdbx_percent_possible_spherical_anomalous     ? 
_reflns_shell.pdbx_redundancy_anomalous                     ? 
_reflns_shell.pdbx_CC_half_anomalous                        ? 
_reflns_shell.pdbx_absDiff_over_sigma_anomalous             ? 
_reflns_shell.pdbx_percent_possible_anomalous               ? 
# 
_refine.aniso_B[1][1]                            ? 
_refine.aniso_B[1][2]                            ? 
_refine.aniso_B[1][3]                            ? 
_refine.aniso_B[2][2]                            ? 
_refine.aniso_B[2][3]                            ? 
_refine.aniso_B[3][3]                            ? 
_refine.B_iso_max                                ? 
_refine.B_iso_mean                               18.32 
_refine.B_iso_min                                ? 
_refine.correlation_coeff_Fo_to_Fc               ? 
_refine.correlation_coeff_Fo_to_Fc_free          ? 
_refine.details                                  ? 
_refine.diff_density_max                         ? 
_refine.diff_density_max_esd                     ? 
_refine.diff_density_min                         ? 
_refine.diff_density_min_esd                     ? 
_refine.diff_density_rms                         ? 
_refine.diff_density_rms_esd                     ? 
_refine.entry_id                                 7F3K 
_refine.pdbx_refine_id                           'X-RAY DIFFRACTION' 
_refine.ls_abs_structure_details                 ? 
_refine.ls_abs_structure_Flack                   ? 
_refine.ls_abs_structure_Flack_esd               ? 
_refine.ls_abs_structure_Rogers                  ? 
_refine.ls_abs_structure_Rogers_esd              ? 
_refine.ls_d_res_high                            1.76 
_refine.ls_d_res_low                             33.69 
_refine.ls_extinction_coef                       ? 
_refine.ls_extinction_coef_esd                   ? 
_refine.ls_extinction_expression                 ? 
_refine.ls_extinction_method                     ? 
_refine.ls_goodness_of_fit_all                   ? 
_refine.ls_goodness_of_fit_all_esd               ? 
_refine.ls_goodness_of_fit_obs                   ? 
_refine.ls_goodness_of_fit_obs_esd               ? 
_refine.ls_hydrogen_treatment                    ? 
_refine.ls_matrix_type                           ? 
_refine.ls_number_constraints                    ? 
_refine.ls_number_parameters                     ? 
_refine.ls_number_reflns_all                     ? 
_refine.ls_number_reflns_obs                     8859 
_refine.ls_number_reflns_R_free                  1591 
_refine.ls_number_reflns_R_work                  14605 
_refine.ls_number_restraints                     ? 
_refine.ls_percent_reflns_obs                    99.84 
_refine.ls_percent_reflns_R_free                 9.82 
_refine.ls_R_factor_all                          ? 
_refine.ls_R_factor_obs                          0.1487 
_refine.ls_R_factor_R_free                       0.1757 
_refine.ls_R_factor_R_free_error                 ? 
_refine.ls_R_factor_R_free_error_details         ? 
_refine.ls_R_factor_R_work                       0.1458 
_refine.ls_R_Fsqd_factor_obs                     ? 
_refine.ls_R_I_factor_obs                        ? 
_refine.ls_redundancy_reflns_all                 ? 
_refine.ls_redundancy_reflns_obs                 ? 
_refine.ls_restrained_S_all                      ? 
_refine.ls_restrained_S_obs                      ? 
_refine.ls_shift_over_esd_max                    ? 
_refine.ls_shift_over_esd_mean                   ? 
_refine.ls_structure_factor_coef                 ? 
_refine.ls_weighting_details                     ? 
_refine.ls_weighting_scheme                      ? 
_refine.ls_wR_factor_all                         ? 
_refine.ls_wR_factor_obs                         ? 
_refine.ls_wR_factor_R_free                      ? 
_refine.ls_wR_factor_R_work                      ? 
_refine.occupancy_max                            ? 
_refine.occupancy_min                            ? 
_refine.solvent_model_details                    'FLAT BULK SOLVENT MODEL' 
_refine.solvent_model_param_bsol                 ? 
_refine.solvent_model_param_ksol                 ? 
_refine.pdbx_R_complete                          ? 
_refine.ls_R_factor_gt                           ? 
_refine.ls_goodness_of_fit_gt                    ? 
_refine.ls_goodness_of_fit_ref                   ? 
_refine.ls_shift_over_su_max                     ? 
_refine.ls_shift_over_su_max_lt                  ? 
_refine.ls_shift_over_su_mean                    ? 
_refine.ls_shift_over_su_mean_lt                 ? 
_refine.pdbx_ls_sigma_I                          ? 
_refine.pdbx_ls_sigma_F                          1.54 
_refine.pdbx_ls_sigma_Fsqd                       ? 
_refine.pdbx_data_cutoff_high_absF               ? 
_refine.pdbx_data_cutoff_high_rms_absF           ? 
_refine.pdbx_data_cutoff_low_absF                ? 
_refine.pdbx_isotropic_thermal_model             ? 
_refine.pdbx_ls_cross_valid_method               'FREE R-VALUE' 
_refine.pdbx_method_to_determine_struct          'MOLECULAR REPLACEMENT' 
_refine.pdbx_starting_model                      6A6J 
_refine.pdbx_stereochemistry_target_values       'GeoStd + Monomer Library + CDL v1.2' 
_refine.pdbx_R_Free_selection_details            ? 
_refine.pdbx_stereochem_target_val_spec_case     ? 
_refine.pdbx_overall_ESU_R                       ? 
_refine.pdbx_overall_ESU_R_Free                  ? 
_refine.pdbx_solvent_vdw_probe_radii             1.1100 
_refine.pdbx_solvent_ion_probe_radii             ? 
_refine.pdbx_solvent_shrinkage_radii             0.9000 
_refine.pdbx_real_space_R                        ? 
_refine.pdbx_density_correlation                 ? 
_refine.pdbx_pd_number_of_powder_patterns        ? 
_refine.pdbx_pd_number_of_points                 ? 
_refine.pdbx_pd_meas_number_of_points            ? 
_refine.pdbx_pd_proc_ls_prof_R_factor            ? 
_refine.pdbx_pd_proc_ls_prof_wR_factor           ? 
_refine.pdbx_pd_Marquardt_correlation_coeff      ? 
_refine.pdbx_pd_Fsqrd_R_factor                   ? 
_refine.pdbx_pd_ls_matrix_band_width             ? 
_refine.pdbx_overall_phase_error                 15.8122 
_refine.pdbx_overall_SU_R_free_Cruickshank_DPI   ? 
_refine.pdbx_overall_SU_R_free_Blow_DPI          ? 
_refine.pdbx_overall_SU_R_Blow_DPI               ? 
_refine.pdbx_TLS_residual_ADP_flag               ? 
_refine.pdbx_diffrn_id                           1 
_refine.overall_SU_B                             ? 
_refine.overall_SU_ML                            0.1477 
_refine.overall_SU_R_Cruickshank_DPI             ? 
_refine.overall_SU_R_free                        ? 
_refine.overall_FOM_free_R_set                   ? 
_refine.overall_FOM_work_R_set                   ? 
_refine.pdbx_average_fsc_overall                 ? 
_refine.pdbx_average_fsc_work                    ? 
_refine.pdbx_average_fsc_free                    ? 
# 
_refine_hist.pdbx_refine_id                   'X-RAY DIFFRACTION' 
_refine_hist.cycle_id                         LAST 
_refine_hist.details                          ? 
_refine_hist.d_res_high                       1.76 
_refine_hist.d_res_low                        33.69 
_refine_hist.number_atoms_solvent             125 
_refine_hist.number_atoms_total               954 
_refine_hist.number_reflns_all                ? 
_refine_hist.number_reflns_obs                ? 
_refine_hist.number_reflns_R_free             ? 
_refine_hist.number_reflns_R_work             ? 
_refine_hist.R_factor_all                     ? 
_refine_hist.R_factor_obs                     ? 
_refine_hist.R_factor_R_free                  ? 
_refine_hist.R_factor_R_work                  ? 
_refine_hist.pdbx_number_residues_total       ? 
_refine_hist.pdbx_B_iso_mean_ligand           ? 
_refine_hist.pdbx_B_iso_mean_solvent          ? 
_refine_hist.pdbx_number_atoms_protein        699 
_refine_hist.pdbx_number_atoms_nucleic_acid   120 
_refine_hist.pdbx_number_atoms_ligand         10 
_refine_hist.pdbx_number_atoms_lipid          ? 
_refine_hist.pdbx_number_atoms_carb           ? 
_refine_hist.pdbx_pseudo_atom_details         ? 
# 
loop_
_refine_ls_restr.pdbx_refine_id 
_refine_ls_restr.criterion 
_refine_ls_restr.dev_ideal 
_refine_ls_restr.dev_ideal_target 
_refine_ls_restr.number 
_refine_ls_restr.rejects 
_refine_ls_restr.type 
_refine_ls_restr.weight 
_refine_ls_restr.pdbx_restraint_function 
'X-RAY DIFFRACTION' ? 0.0065  ? 853  ? f_bond_d           ? ? 
'X-RAY DIFFRACTION' ? 1.1045  ? 1179 ? f_angle_d          ? ? 
'X-RAY DIFFRACTION' ? 0.0513  ? 132  ? f_chiral_restr     ? ? 
'X-RAY DIFFRACTION' ? 0.0055  ? 135  ? f_plane_restr      ? ? 
'X-RAY DIFFRACTION' ? 26.9357 ? 161  ? f_dihedral_angle_d ? ? 
# 
loop_
_refine_ls_shell.pdbx_refine_id 
_refine_ls_shell.d_res_high 
_refine_ls_shell.d_res_low 
_refine_ls_shell.number_reflns_all 
_refine_ls_shell.number_reflns_obs 
_refine_ls_shell.number_reflns_R_free 
_refine_ls_shell.number_reflns_R_work 
_refine_ls_shell.percent_reflns_obs 
_refine_ls_shell.percent_reflns_R_free 
_refine_ls_shell.R_factor_all 
_refine_ls_shell.R_factor_obs 
_refine_ls_shell.R_factor_R_free 
_refine_ls_shell.R_factor_R_free_error 
_refine_ls_shell.R_factor_R_work 
_refine_ls_shell.redundancy_reflns_all 
_refine_ls_shell.redundancy_reflns_obs 
_refine_ls_shell.wR_factor_all 
_refine_ls_shell.wR_factor_obs 
_refine_ls_shell.wR_factor_R_free 
_refine_ls_shell.wR_factor_R_work 
_refine_ls_shell.pdbx_R_complete 
_refine_ls_shell.pdbx_total_number_of_bins_used 
_refine_ls_shell.pdbx_phase_error 
_refine_ls_shell.pdbx_fsc_work 
_refine_ls_shell.pdbx_fsc_free 
'X-RAY DIFFRACTION' 1.76 1.82  . . 151 1301 98.71  . . . 0.2044 . 0.1528 . . . . . . . . . . . 
'X-RAY DIFFRACTION' 1.82 1.88  . . 133 1336 99.80  . . . 0.1947 . 0.1439 . . . . . . . . . . . 
'X-RAY DIFFRACTION' 1.88 1.96  . . 155 1330 100.00 . . . 0.1877 . 0.1390 . . . . . . . . . . . 
'X-RAY DIFFRACTION' 1.96 2.05  . . 133 1313 100.00 . . . 0.1813 . 0.1419 . . . . . . . . . . . 
'X-RAY DIFFRACTION' 2.05 2.16  . . 146 1338 99.93  . . . 0.1794 . 0.1342 . . . . . . . . . . . 
'X-RAY DIFFRACTION' 2.16 2.29  . . 149 1321 100.00 . . . 0.1568 . 0.1472 . . . . . . . . . . . 
'X-RAY DIFFRACTION' 2.29 2.47  . . 147 1332 100.00 . . . 0.1973 . 0.1485 . . . . . . . . . . . 
'X-RAY DIFFRACTION' 2.47 2.71  . . 139 1333 100.00 . . . 0.1780 . 0.1693 . . . . . . . . . . . 
'X-RAY DIFFRACTION' 2.72 3.11  . . 145 1338 100.00 . . . 0.1972 . 0.1527 . . . . . . . . . . . 
'X-RAY DIFFRACTION' 3.11 3.91  . . 141 1345 100.00 . . . 0.1437 . 0.1360 . . . . . . . . . . . 
'X-RAY DIFFRACTION' 3.92 33.69 . . 152 1318 99.80  . . . 0.1749 . 0.1434 . . . . . . . . . . . 
# 
_struct.entry_id                     7F3K 
_struct.title                        'Crystal structure of human YBX2 CSD in complex with m5C RNA in space group P21212' 
_struct.pdbx_model_details           ? 
_struct.pdbx_formula_weight          ? 
_struct.pdbx_formula_weight_method   ? 
_struct.pdbx_model_type_details      ? 
_struct.pdbx_CASP_flag               N 
# 
_struct_keywords.entry_id        7F3K 
_struct_keywords.text            
'Complex, protein-RNA, YBX, Cold-shock domain, RNA BINDING PROTEIN, RNA BINDING PROTEIN-RNA complex' 
_struct_keywords.pdbx_keywords   'RNA BINDING PROTEIN/RNA' 
# 
loop_
_struct_asym.id 
_struct_asym.pdbx_blank_PDB_chainid_flag 
_struct_asym.pdbx_modified 
_struct_asym.entity_id 
_struct_asym.details 
A N N 1 ? 
B N N 2 ? 
C N N 3 ? 
D N N 3 ? 
E N N 4 ? 
F N N 4 ? 
# 
loop_
_struct_conf.conf_type_id 
_struct_conf.id 
_struct_conf.pdbx_PDB_helix_id 
_struct_conf.beg_label_comp_id 
_struct_conf.beg_label_asym_id 
_struct_conf.beg_label_seq_id 
_struct_conf.pdbx_beg_PDB_ins_code 
_struct_conf.end_label_comp_id 
_struct_conf.end_label_asym_id 
_struct_conf.end_label_seq_id 
_struct_conf.pdbx_end_PDB_ins_code 
_struct_conf.beg_auth_comp_id 
_struct_conf.beg_auth_asym_id 
_struct_conf.beg_auth_seq_id 
_struct_conf.end_auth_comp_id 
_struct_conf.end_auth_asym_id 
_struct_conf.end_auth_seq_id 
_struct_conf.pdbx_PDB_helix_class 
_struct_conf.details 
_struct_conf.pdbx_PDB_helix_length 
HELX_P HELX_P1 AA1 THR A 40 ? ILE A 42 ? THR A 124 ILE A 126 5 ? 3 
HELX_P HELX_P2 AA2 GLY A 78 ? VAL A 82 ? GLY A 162 VAL A 166 5 ? 5 
# 
_struct_conf_type.id          HELX_P 
_struct_conf_type.criteria    ? 
_struct_conf_type.reference   ? 
# 
loop_
_struct_conn.id 
_struct_conn.conn_type_id 
_struct_conn.pdbx_leaving_atom_flag 
_struct_conn.pdbx_PDB_id 
_struct_conn.ptnr1_label_asym_id 
_struct_conn.ptnr1_label_comp_id 
_struct_conn.ptnr1_label_seq_id 
_struct_conn.ptnr1_label_atom_id 
_struct_conn.pdbx_ptnr1_label_alt_id 
_struct_conn.pdbx_ptnr1_PDB_ins_code 
_struct_conn.pdbx_ptnr1_standard_comp_id 
_struct_conn.ptnr1_symmetry 
_struct_conn.ptnr2_label_asym_id 
_struct_conn.ptnr2_label_comp_id 
_struct_conn.ptnr2_label_seq_id 
_struct_conn.ptnr2_label_atom_id 
_struct_conn.pdbx_ptnr2_label_alt_id 
_struct_conn.pdbx_ptnr2_PDB_ins_code 
_struct_conn.ptnr1_auth_asym_id 
_struct_conn.ptnr1_auth_comp_id 
_struct_conn.ptnr1_auth_seq_id 
_struct_conn.ptnr2_auth_asym_id 
_struct_conn.ptnr2_auth_comp_id 
_struct_conn.ptnr2_auth_seq_id 
_struct_conn.ptnr2_symmetry 
_struct_conn.pdbx_ptnr3_label_atom_id 
_struct_conn.pdbx_ptnr3_label_seq_id 
_struct_conn.pdbx_ptnr3_label_comp_id 
_struct_conn.pdbx_ptnr3_label_asym_id 
_struct_conn.pdbx_ptnr3_label_alt_id 
_struct_conn.pdbx_ptnr3_PDB_ins_code 
_struct_conn.details 
_struct_conn.pdbx_dist_value 
_struct_conn.pdbx_value_order 
_struct_conn.pdbx_role 
covale1 covale both ? B U   4 "O3'" ? ? ? 1_555 B 5MC 5 P ? ? B U   4 B 5MC 5 1_555 ? ? ? ? ? ? ? 1.601 ? ? 
covale2 covale both ? B 5MC 5 "O3'" ? ? ? 1_555 B U   6 P ? ? B 5MC 5 B U   6 1_555 ? ? ? ? ? ? ? 1.603 ? ? 
# 
_struct_conn_type.id          covale 
_struct_conn_type.criteria    ? 
_struct_conn_type.reference   ? 
# 
_struct_sheet.id               AA1 
_struct_sheet.type             ? 
_struct_sheet.number_strands   6 
_struct_sheet.details          ? 
# 
loop_
_struct_sheet_order.sheet_id 
_struct_sheet_order.range_id_1 
_struct_sheet_order.range_id_2 
_struct_sheet_order.offset 
_struct_sheet_order.sense 
AA1 1 2 ? anti-parallel 
AA1 2 3 ? anti-parallel 
AA1 3 4 ? parallel      
AA1 4 5 ? anti-parallel 
AA1 5 6 ? anti-parallel 
# 
loop_
_struct_sheet_range.sheet_id 
_struct_sheet_range.id 
_struct_sheet_range.beg_label_comp_id 
_struct_sheet_range.beg_label_asym_id 
_struct_sheet_range.beg_label_seq_id 
_struct_sheet_range.pdbx_beg_PDB_ins_code 
_struct_sheet_range.end_label_comp_id 
_struct_sheet_range.end_label_asym_id 
_struct_sheet_range.end_label_seq_id 
_struct_sheet_range.pdbx_end_PDB_ins_code 
_struct_sheet_range.beg_auth_comp_id 
_struct_sheet_range.beg_auth_asym_id 
_struct_sheet_range.beg_auth_seq_id 
_struct_sheet_range.end_auth_comp_id 
_struct_sheet_range.end_auth_asym_id 
_struct_sheet_range.end_auth_seq_id 
AA1 1 ALA A 7  ? ASN A 18 ? ALA A 91  ASN A 102 
AA1 2 TYR A 23 ? ARG A 28 ? TYR A 107 ARG A 112 
AA1 3 ASP A 34 ? HIS A 38 ? ASP A 118 HIS A 122 
AA1 4 ALA A 71 ? THR A 77 ? ALA A 155 THR A 161 
AA1 5 THR A 59 ? GLU A 66 ? THR A 143 GLU A 150 
AA1 6 ALA A 7  ? ASN A 18 ? ALA A 91  ASN A 102 
# 
loop_
_pdbx_struct_sheet_hbond.sheet_id 
_pdbx_struct_sheet_hbond.range_id_1 
_pdbx_struct_sheet_hbond.range_id_2 
_pdbx_struct_sheet_hbond.range_1_label_atom_id 
_pdbx_struct_sheet_hbond.range_1_label_comp_id 
_pdbx_struct_sheet_hbond.range_1_label_asym_id 
_pdbx_struct_sheet_hbond.range_1_label_seq_id 
_pdbx_struct_sheet_hbond.range_1_PDB_ins_code 
_pdbx_struct_sheet_hbond.range_1_auth_atom_id 
_pdbx_struct_sheet_hbond.range_1_auth_comp_id 
_pdbx_struct_sheet_hbond.range_1_auth_asym_id 
_pdbx_struct_sheet_hbond.range_1_auth_seq_id 
_pdbx_struct_sheet_hbond.range_2_label_atom_id 
_pdbx_struct_sheet_hbond.range_2_label_comp_id 
_pdbx_struct_sheet_hbond.range_2_label_asym_id 
_pdbx_struct_sheet_hbond.range_2_label_seq_id 
_pdbx_struct_sheet_hbond.range_2_PDB_ins_code 
_pdbx_struct_sheet_hbond.range_2_auth_atom_id 
_pdbx_struct_sheet_hbond.range_2_auth_comp_id 
_pdbx_struct_sheet_hbond.range_2_auth_asym_id 
_pdbx_struct_sheet_hbond.range_2_auth_seq_id 
AA1 1 2 N ASN A 18 ? N ASN A 102 O TYR A 23 ? O TYR A 107 
AA1 2 3 N ILE A 26 ? N ILE A 110 O VAL A 35 ? O VAL A 119 
AA1 3 4 N PHE A 36 ? N PHE A 120 O ALA A 73 ? O ALA A 157 
AA1 4 5 O GLU A 72 ? O GLU A 156 N VAL A 65 ? N VAL A 149 
AA1 5 6 O VAL A 64 ? O VAL A 148 N ALA A 7  ? N ALA A 91  
# 
_atom_sites.entry_id                    7F3K 
_atom_sites.Cartn_transf_matrix[1][1]   ? 
_atom_sites.Cartn_transf_matrix[1][2]   ? 
_atom_sites.Cartn_transf_matrix[1][3]   ? 
_atom_sites.Cartn_transf_matrix[2][1]   ? 
_atom_sites.Cartn_transf_matrix[2][2]   ? 
_atom_sites.Cartn_transf_matrix[2][3]   ? 
_atom_sites.Cartn_transf_matrix[3][1]   ? 
_atom_sites.Cartn_transf_matrix[3][2]   ? 
_atom_sites.Cartn_transf_matrix[3][3]   ? 
_atom_sites.Cartn_transf_vector[1]      ? 
_atom_sites.Cartn_transf_vector[2]      ? 
_atom_sites.Cartn_transf_vector[3]      ? 
_atom_sites.fract_transf_matrix[1][1]   0.00676572 
_atom_sites.fract_transf_matrix[1][2]   0.00244146 
_atom_sites.fract_transf_matrix[1][3]   0.01106936 
_atom_sites.fract_transf_matrix[2][1]   -0.00918777 
_atom_sites.fract_transf_matrix[2][2]   -0.02637612 
_atom_sites.fract_transf_matrix[2][3]   0.01143319 
_atom_sites.fract_transf_matrix[3][1]   0.02383007 
_atom_sites.fract_transf_matrix[3][2]   -0.01333914 
_atom_sites.fract_transf_matrix[3][3]   -0.01162314 
_atom_sites.fract_transf_vector[1]      -0.158406 
_atom_sites.fract_transf_vector[2]      -0.272581 
_atom_sites.fract_transf_vector[3]      0.325295 
_atom_sites.solution_primary            ? 
_atom_sites.solution_secondary          ? 
_atom_sites.solution_hydrogens          ? 
_atom_sites.special_details             ? 
# 
loop_
_atom_type.symbol 
_atom_type.scat_dispersion_real 
_atom_type.scat_dispersion_imag 
_atom_type.scat_Cromer_Mann_a1 
_atom_type.scat_Cromer_Mann_a2 
_atom_type.scat_Cromer_Mann_a3 
_atom_type.scat_Cromer_Mann_a4 
_atom_type.scat_Cromer_Mann_b1 
_atom_type.scat_Cromer_Mann_b2 
_atom_type.scat_Cromer_Mann_b3 
_atom_type.scat_Cromer_Mann_b4 
_atom_type.scat_Cromer_Mann_c 
_atom_type.scat_source 
_atom_type.scat_dispersion_source 
C ? ? 3.54356 2.42580 ? ? 25.62398 1.50364  ? ? 0.0 
;2-Gaussian fit: Grosse-Kunstleve RW, Sauter NK, Adams PD: Newsletter of the IUCr Commission on Crystallographic Computing 2004, 3, 22-31.
;
? 
N ? ? 4.01032 2.96436 ? ? 19.97189 1.75589  ? ? 0.0 
;2-Gaussian fit: Grosse-Kunstleve RW, Sauter NK, Adams PD: Newsletter of the IUCr Commission on Crystallographic Computing 2004, 3, 22-31.
;
? 
O ? ? 4.49882 3.47563 ? ? 15.80542 1.70748  ? ? 0.0 
;2-Gaussian fit: Grosse-Kunstleve RW, Sauter NK, Adams PD: Newsletter of the IUCr Commission on Crystallographic Computing 2004, 3, 22-31.
;
? 
P ? ? 9.51135 5.44231 ? ? 1.42069  35.72801 ? ? 0.0 
;2-Gaussian fit: Grosse-Kunstleve RW, Sauter NK, Adams PD: Newsletter of the IUCr Commission on Crystallographic Computing 2004, 3, 22-31.
;
? 
S ? ? 9.55732 6.39887 ? ? 1.23737  29.19336 ? ? 0.0 
;2-Gaussian fit: Grosse-Kunstleve RW, Sauter NK, Adams PD: Newsletter of the IUCr Commission on Crystallographic Computing 2004, 3, 22-31.
;
? 
# 
loop_
_atom_site.group_PDB 
_atom_site.id 
_atom_site.type_symbol 
_atom_site.label_atom_id 
_atom_site.label_alt_id 
_atom_site.label_comp_id 
_atom_site.label_asym_id 
_atom_site.label_entity_id 
_atom_site.label_seq_id 
_atom_site.pdbx_PDB_ins_code 
_atom_site.Cartn_x 
_atom_site.Cartn_y 
_atom_site.Cartn_z 
_atom_site.occupancy 
_atom_site.B_iso_or_equiv 
_atom_site.pdbx_formal_charge 
_atom_site.auth_seq_id 
_atom_site.auth_comp_id 
_atom_site.auth_asym_id 
_atom_site.auth_atom_id 
_atom_site.pdbx_PDB_model_num 
ATOM   1   N N     . PRO A 1 4  ? -15.09757 0.36568   11.69629  1.000 35.09304 ? 88  PRO A N     1 
ATOM   2   C CA    . PRO A 1 4  ? -15.82625 0.07652   10.45724  1.000 26.94448 ? 88  PRO A CA    1 
ATOM   3   C C     . PRO A 1 4  ? -14.91326 0.06724   9.22595   1.000 33.45047 ? 88  PRO A C     1 
ATOM   4   O O     . PRO A 1 4  ? -14.15710 1.01659   9.00404   1.000 32.12885 ? 88  PRO A O     1 
ATOM   5   C CB    . PRO A 1 4  ? -16.84106 1.21539   10.36810  1.000 33.00499 ? 88  PRO A CB    1 
ATOM   6   C CG    . PRO A 1 4  ? -16.19958 2.34903   11.10707  1.000 37.69638 ? 88  PRO A CG    1 
ATOM   7   C CD    . PRO A 1 4  ? -15.35694 1.72610   12.19679  1.000 39.03839 ? 88  PRO A CD    1 
ATOM   8   N N     . VAL A 1 5  ? -14.98793 -0.99999  8.43588   1.000 22.87660 ? 89  VAL A N     1 
ATOM   9   C CA    . VAL A 1 5  ? -14.18481 -1.15302  7.23067   1.000 20.10881 ? 89  VAL A CA    1 
ATOM   10  C C     . VAL A 1 5  ? -15.11217 -1.01942  6.02803   1.000 17.85641 ? 89  VAL A C     1 
ATOM   11  O O     . VAL A 1 5  ? -16.10566 -1.74723  5.92052   1.000 16.51192 ? 89  VAL A O     1 
ATOM   12  C CB    . VAL A 1 5  ? -13.44761 -2.50559  7.23388   1.000 21.85712 ? 89  VAL A CB    1 
ATOM   13  C CG1   . VAL A 1 5  ? -12.81499 -2.77558  5.90836   1.000 22.79525 ? 89  VAL A CG1   1 
ATOM   14  C CG2   . VAL A 1 5  ? -12.37732 -2.53114  8.34157   1.000 25.27952 ? 89  VAL A CG2   1 
ATOM   15  N N     . LEU A 1 6  ? -14.78946 -0.08515  5.12750   1.000 12.58968 ? 90  LEU A N     1 
ATOM   16  C CA    . LEU A 1 6  ? -15.62845 0.14998   3.95099   1.000 13.45907 ? 90  LEU A CA    1 
ATOM   17  C C     . LEU A 1 6  ? -15.53601 -1.01081  2.96806   1.000 15.81173 ? 90  LEU A C     1 
ATOM   18  O O     . LEU A 1 6  ? -16.52663 -1.37252  2.31614   1.000 17.13545 ? 90  LEU A O     1 
ATOM   19  C CB    . LEU A 1 6  ? -15.20204 1.45077   3.26964   1.000 12.57481 ? 90  LEU A CB    1 
ATOM   20  C CG    . LEU A 1 6  ? -15.37096 2.72131   4.10344   1.000 14.86743 ? 90  LEU A CG    1 
ATOM   21  C CD1   . LEU A 1 6  ? -14.71906 3.90093   3.39641   1.000 19.97387 ? 90  LEU A CD1   1 
ATOM   22  C CD2   . LEU A 1 6  ? -16.83611 3.01485   4.37664   1.000 16.94611 ? 90  LEU A CD2   1 
ATOM   23  N N     . ALA A 1 7  ? -14.35064 -1.59539  2.84155   1.000 17.38856 ? 91  ALA A N     1 
ATOM   24  C CA    . ALA A 1 7  ? -14.10852 -2.70112  1.92742   1.000 15.87131 ? 91  ALA A CA    1 
ATOM   25  C C     . ALA A 1 7  ? -12.89977 -3.46868  2.43358   1.000 18.79442 ? 91  ALA A C     1 
ATOM   26  O O     . ALA A 1 7  ? -11.93187 -2.86508  2.90889   1.000 18.24697 ? 91  ALA A O     1 
ATOM   27  C CB    . ALA A 1 7  ? -13.87211 -2.20613  0.50039   1.000 18.73399 ? 91  ALA A CB    1 
ATOM   28  N N     . THR A 1 8  ? -12.95175 -4.79514  2.34485   1.000 16.56777 ? 92  THR A N     1 
ATOM   29  C CA    . THR A 1 8  ? -11.85477 -5.60949  2.84494   1.000 16.12874 ? 92  THR A CA    1 
ATOM   30  C C     . THR A 1 8  ? -11.25736 -6.43099  1.71602   1.000 16.62543 ? 92  THR A C     1 
ATOM   31  O O     . THR A 1 8  ? -11.96618 -6.87242  0.81043   1.000 17.21395 ? 92  THR A O     1 
ATOM   32  C CB    . THR A 1 8  ? -12.28451 -6.52954  4.01514   1.000 28.79164 ? 92  THR A CB    1 
ATOM   33  O OG1   . THR A 1 8  ? -11.11542 -7.00077  4.70767   1.000 26.98831 ? 92  THR A OG1   1 
ATOM   34  C CG2   . THR A 1 8  ? -13.08683 -7.71336  3.53903   1.000 25.46619 ? 92  THR A CG2   1 
ATOM   35  N N     . LYS A 1 9  ? -9.93804  -6.60598  1.77926   1.000 17.72883 ? 93  LYS A N     1 
ATOM   36  C CA    . LYS A 1 9  ? -9.20007  -7.44940  0.84499   1.000 18.13538 ? 93  LYS A CA    1 
ATOM   37  C C     . LYS A 1 9  ? -9.35452  -6.94214  -0.58742  1.000 17.02972 ? 93  LYS A C     1 
ATOM   38  O O     . LYS A 1 9  ? -9.42131  -7.72494  -1.53742  1.000 17.34544 ? 93  LYS A O     1 
ATOM   39  C CB    . LYS A 1 9  ? -9.63567  -8.91187  0.95618   1.000 23.72302 ? 93  LYS A CB    1 
ATOM   40  C CG    . LYS A 1 9  ? -9.63568  -9.43114  2.38362   1.000 26.13896 ? 93  LYS A CG    1 
ATOM   41  C CD    . LYS A 1 9  ? -8.37560  -10.19688 2.73540   1.000 23.55025 ? 93  LYS A CD    1 
ATOM   42  C CE    . LYS A 1 9  ? -8.08362  -11.30495 1.73634   1.000 26.27675 ? 93  LYS A CE    1 
ATOM   43  N NZ    . LYS A 1 9  ? -6.88337  -12.09270 2.14132   1.000 27.72879 ? 93  LYS A NZ    1 
ATOM   44  N N     . VAL A 1 10 ? -9.42564  -5.61771  -0.73593  1.000 14.69539 ? 94  VAL A N     1 
ATOM   45  C CA    . VAL A 1 10 ? -9.38658  -4.99990  -2.05444  1.000 12.35278 ? 94  VAL A CA    1 
ATOM   46  C C     . VAL A 1 10 ? -8.02834  -5.25473  -2.68692  1.000 13.58901 ? 94  VAL A C     1 
ATOM   47  O O     . VAL A 1 10 ? -6.99527  -5.23737  -2.00688  1.000 15.37023 ? 94  VAL A O     1 
ATOM   48  C CB    . VAL A 1 10 ? -9.65795  -3.48981  -1.95931  1.000 12.89446 ? 94  VAL A CB    1 
ATOM   49  C CG1   . VAL A 1 10 ? -9.76940  -2.89341  -3.34796  1.000 13.29359 ? 94  VAL A CG1   1 
ATOM   50  C CG2   . VAL A 1 10 ? -10.94053 -3.23701  -1.18797  1.000 14.77655 ? 94  VAL A CG2   1 
ATOM   51  N N     . LEU A 1 11 ? -8.02462  -5.50042  -3.99213  1.000 11.81077 ? 95  LEU A N     1 
ATOM   52  C CA    . LEU A 1 11 ? -6.78890  -5.63196  -4.74737  1.000 13.12289 ? 95  LEU A CA    1 
ATOM   53  C C     . LEU A 1 11 ? -6.54103  -4.34500  -5.52521  1.000 14.07488 ? 95  LEU A C     1 
ATOM   54  O O     . LEU A 1 11 ? -7.48296  -3.67670  -5.96031  1.000 14.28193 ? 95  LEU A O     1 
ATOM   55  C CB    . LEU A 1 11 ? -6.85891  -6.84389  -5.67838  1.000 15.90426 ? 95  LEU A CB    1 
ATOM   56  C CG    . LEU A 1 11 ? -6.57588  -8.14559  -4.90565  1.000 18.21720 ? 95  LEU A CG    1 
ATOM   57  C CD1   . LEU A 1 11 ? -7.14967  -9.37255  -5.60842  1.000 19.23581 ? 95  LEU A CD1   1 
ATOM   58  C CD2   . LEU A 1 11 ? -5.07680  -8.33303  -4.69324  1.000 19.65956 ? 95  LEU A CD2   1 
ATOM   59  N N     . GLY A 1 12 ? -5.27142  -3.97210  -5.65472  1.000 11.20851 ? 96  GLY A N     1 
ATOM   60  C CA    . GLY A 1 12 ? -4.94448  -2.73039  -6.32244  1.000 13.06156 ? 96  GLY A CA    1 
ATOM   61  C C     . GLY A 1 12 ? -3.53488  -2.76022  -6.86660  1.000 14.73962 ? 96  GLY A C     1 
ATOM   62  O O     . GLY A 1 12 ? -2.74576  -3.65973  -6.57182  1.000 13.22543 ? 96  GLY A O     1 
ATOM   63  N N     . THR A 1 13 ? -3.23355  -1.75429  -7.67827  1.000 11.63414 ? 97  THR A N     1 
ATOM   64  C CA    . THR A 1 13 ? -1.91592  -1.57469  -8.26972  1.000 11.06618 ? 97  THR A CA    1 
ATOM   65  C C     . THR A 1 13 ? -1.36692  -0.25440  -7.76951  1.000 11.44834 ? 97  THR A C     1 
ATOM   66  O O     . THR A 1 13 ? -2.00493  0.77880   -7.94740  1.000 12.47626 ? 97  THR A O     1 
ATOM   67  C CB    . THR A 1 13 ? -1.98875  -1.58989  -9.80249  1.000 13.64701 ? 97  THR A CB    1 
ATOM   68  O OG1   . THR A 1 13 ? -2.62238  -2.80457  -10.22579 1.000 15.03350 ? 97  THR A OG1   1 
ATOM   69  C CG2   . THR A 1 13 ? -0.57970  -1.48664  -10.42038 1.000 13.18574 ? 97  THR A CG2   1 
ATOM   70  N N     . VAL A 1 14 ? -0.19279  -0.28859  -7.13415  1.000 12.81345 ? 98  VAL A N     1 
ATOM   71  C CA    . VAL A 1 14 ? 0.40227   0.94308   -6.62657  1.000 10.63716 ? 98  VAL A CA    1 
ATOM   72  C C     . VAL A 1 14 ? 0.62696   1.90731   -7.78093  1.000 11.98303 ? 98  VAL A C     1 
ATOM   73  O O     . VAL A 1 14 ? 1.23057   1.55833   -8.80286  1.000 11.88520 ? 98  VAL A O     1 
ATOM   74  C CB    . VAL A 1 14 ? 1.71022   0.64696   -5.87893  1.000 10.16081 ? 98  VAL A CB    1 
ATOM   75  C CG1   . VAL A 1 14 ? 2.36622   1.96529   -5.40221  1.000 13.34968 ? 98  VAL A CG1   1 
ATOM   76  C CG2   . VAL A 1 14 ? 1.44890   -0.28184  -4.69139  1.000 9.59978  ? 98  VAL A CG2   1 
ATOM   77  N N     . LYS A 1 15 ? 0.11390   3.12392   -7.62654  1.000 11.57334 ? 99  LYS A N     1 
ATOM   78  C CA    . LYS A 1 15 ? 0.36842   4.18911   -8.59072  1.000 10.65263 ? 99  LYS A CA    1 
ATOM   79  C C     . LYS A 1 15 ? 1.79189   4.71032   -8.44413  1.000 13.50670 ? 99  LYS A C     1 
ATOM   80  O O     . LYS A 1 15 ? 2.57125   4.73534   -9.40663  1.000 11.60819 ? 99  LYS A O     1 
ATOM   81  C CB    . LYS A 1 15 ? -0.64898  5.31123   -8.36831  1.000 12.20204 ? 99  LYS A CB    1 
ATOM   82  C CG    . LYS A 1 15 ? -0.58867  6.44315   -9.38341  1.000 15.35162 ? 99  LYS A CG    1 
ATOM   83  C CD    . LYS A 1 15 ? -1.60041  7.52973   -9.02039  1.000 14.96153 ? 99  LYS A CD    1 
ATOM   84  C CE    . LYS A 1 15 ? -1.54391  8.67633   -10.02104 1.000 17.68239 ? 99  LYS A CE    1 
ATOM   85  N NZ    . LYS A 1 15 ? -2.74291  9.56516   -9.88323  1.000 17.24545 ? 99  LYS A NZ    1 
ATOM   86  N N     . TRP A 1 16 ? 2.14344   5.14635   -7.23567  1.000 12.34088 ? 100 TRP A N     1 
ATOM   87  C CA    . TRP A 1 16 ? 3.50999   5.50966   -6.88228  1.000 11.25229 ? 100 TRP A CA    1 
ATOM   88  C C     . TRP A 1 16 ? 3.59718   5.50562   -5.36768  1.000 11.60993 ? 100 TRP A C     1 
ATOM   89  O O     . TRP A 1 16 ? 2.57966   5.57832   -4.67719  1.000 11.55887 ? 100 TRP A O     1 
ATOM   90  C CB    . TRP A 1 16 ? 3.91759   6.88246   -7.44946  1.000 13.67044 ? 100 TRP A CB    1 
ATOM   91  C CG    . TRP A 1 16 ? 2.97479   8.00157   -7.09520  1.000 12.11607 ? 100 TRP A CG    1 
ATOM   92  C CD1   . TRP A 1 16 ? 1.99050   8.52675   -7.89299  1.000 13.96502 ? 100 TRP A CD1   1 
ATOM   93  C CD2   . TRP A 1 16 ? 2.92419   8.73788   -5.86559  1.000 10.48961 ? 100 TRP A CD2   1 
ATOM   94  N NE1   . TRP A 1 16 ? 1.33996   9.54827   -7.23701  1.000 12.55594 ? 100 TRP A NE1   1 
ATOM   95  C CE2   . TRP A 1 16 ? 1.88768   9.69159   -5.98968  1.000 13.49256 ? 100 TRP A CE2   1 
ATOM   96  C CE3   . TRP A 1 16 ? 3.65898   8.69162   -4.67621  1.000 11.10724 ? 100 TRP A CE3   1 
ATOM   97  C CZ2   . TRP A 1 16 ? 1.57116   10.58692  -4.96969  1.000 11.86386 ? 100 TRP A CZ2   1 
ATOM   98  C CZ3   . TRP A 1 16 ? 3.34011   9.57784   -3.65782  1.000 11.43931 ? 100 TRP A CZ3   1 
ATOM   99  C CH2   . TRP A 1 16 ? 2.29522   10.51304  -3.81259  1.000 11.27662 ? 100 TRP A CH2   1 
ATOM   100 N N     . PHE A 1 17 ? 4.82340   5.40546   -4.85711  1.000 10.32794 ? 101 PHE A N     1 
ATOM   101 C CA    . PHE A 1 17 ? 5.02983   5.52030   -3.41710  1.000 11.62168 ? 101 PHE A CA    1 
ATOM   102 C C     . PHE A 1 17 ? 6.35903   6.20862   -3.16456  1.000 11.90517 ? 101 PHE A C     1 
ATOM   103 O O     . PHE A 1 17 ? 7.39798   5.76389   -3.65938  1.000 11.99873 ? 101 PHE A O     1 
ATOM   104 C CB    . PHE A 1 17 ? 5.00508   4.15944   -2.71585  1.000 12.50251 ? 101 PHE A CB    1 
ATOM   105 C CG    . PHE A 1 17 ? 5.03937   4.26156   -1.22062  1.000 12.04433 ? 101 PHE A CG    1 
ATOM   106 C CD1   . PHE A 1 17 ? 3.86486   4.27070   -0.48367  1.000 13.13630 ? 101 PHE A CD1   1 
ATOM   107 C CD2   . PHE A 1 17 ? 6.25368   4.33731   -0.55148  1.000 12.99195 ? 101 PHE A CD2   1 
ATOM   108 C CE1   . PHE A 1 17 ? 3.89610   4.37206   0.90038   1.000 13.23901 ? 101 PHE A CE1   1 
ATOM   109 C CE2   . PHE A 1 17 ? 6.28890   4.44778   0.82766   1.000 13.64307 ? 101 PHE A CE2   1 
ATOM   110 C CZ    . PHE A 1 17 ? 5.09700   4.45246   1.55117   1.000 13.03993 ? 101 PHE A CZ    1 
ATOM   111 N N     . ASN A 1 18 ? 6.31384   7.29720   -2.41026  1.000 11.72042 ? 102 ASN A N     1 
ATOM   112 C CA    . ASN A 1 18 ? 7.50684   8.06559   -2.08172  1.000 11.89398 ? 102 ASN A CA    1 
ATOM   113 C C     . ASN A 1 18 ? 8.06373   7.58500   -0.74730  1.000 12.79004 ? 102 ASN A C     1 
ATOM   114 O O     . ASN A 1 18 ? 7.43950   7.76579   0.29986   1.000 13.11288 ? 102 ASN A O     1 
ATOM   115 C CB    . ASN A 1 18 ? 7.19861   9.55946   -2.06551  1.000 12.55545 ? 102 ASN A CB    1 
ATOM   116 C CG    . ASN A 1 18 ? 8.45249   10.39636  -2.06660  1.000 13.39534 ? 102 ASN A CG    1 
ATOM   117 O OD1   . ASN A 1 18 ? 9.22670   10.34486  -1.10254  1.000 13.20455 ? 102 ASN A OD1   1 
ATOM   118 N ND2   . ASN A 1 18 ? 8.68065   11.15280  -3.13867  1.000 12.54122 ? 102 ASN A ND2   1 
ATOM   119 N N     . VAL A 1 19 ? 9.24583   6.96736   -0.80074  1.000 11.53375 ? 103 VAL A N     1 
ATOM   120 C CA    . VAL A 1 19 ? 9.86549   6.37733   0.38184   1.000 11.56553 ? 103 VAL A CA    1 
ATOM   121 C C     . VAL A 1 19 ? 10.33443  7.46219   1.33519   1.000 13.43406 ? 103 VAL A C     1 
ATOM   122 O O     . VAL A 1 19 ? 10.11515  7.37739   2.54950   1.000 14.08786 ? 103 VAL A O     1 
ATOM   123 C CB    . VAL A 1 19 ? 11.02961  5.47023   -0.04400  1.000 14.22884 ? 103 VAL A CB    1 
ATOM   124 C CG1   . VAL A 1 19 ? 11.81357  4.98713   1.18708   1.000 13.36407 ? 103 VAL A CG1   1 
ATOM   125 C CG2   . VAL A 1 19 ? 10.49114  4.31014   -0.84099  1.000 14.54363 ? 103 VAL A CG2   1 
ATOM   126 N N     . ARG A 1 20 ? 10.97734  8.50057   0.78993   1.000 12.35490 ? 104 ARG A N     1 
ATOM   127 C CA    . ARG A 1 20 ? 11.53463  9.57722   1.60676   1.000 13.65888 ? 104 ARG A CA    1 
ATOM   128 C C     . ARG A 1 20 ? 10.44668  10.27715  2.40338   1.000 14.68964 ? 104 ARG A C     1 
ATOM   129 O O     . ARG A 1 20 ? 10.64258  10.62578  3.57282   1.000 14.88070 ? 104 ARG A O     1 
ATOM   130 C CB    . ARG A 1 20 ? 12.25199  10.58878  0.70357   1.000 12.96592 ? 104 ARG A CB    1 
ATOM   131 C CG    . ARG A 1 20 ? 12.89266  11.80288  1.42442   1.000 15.62890 ? 104 ARG A CG    1 
ATOM   132 C CD    . ARG A 1 20 ? 13.93109  12.46892  0.48818   1.000 15.70207 ? 104 ARG A CD    1 
ATOM   133 N NE    . ARG A 1 20 ? 14.79267  13.46536  1.13269   1.000 23.31433 ? 104 ARG A NE    1 
ATOM   134 C CZ    . ARG A 1 20 ? 14.52162  14.76452  1.23265   1.000 32.41256 ? 104 ARG A CZ    1 
ATOM   135 N NH1   . ARG A 1 20 ? 15.38625  15.57635  1.83926   1.000 26.49523 ? 104 ARG A NH1   1 
ATOM   136 N NH2   . ARG A 1 20 ? 13.39881  15.25846  0.72337   1.000 36.04115 ? 104 ARG A NH2   1 
ATOM   137 N N     . ASN A 1 21 ? 9.30125   10.51405  1.77608   1.000 12.89229 ? 105 ASN A N     1 
ATOM   138 C CA    . ASN A 1 21 ? 8.24390   11.29587  2.38928   1.000 14.27437 ? 105 ASN A CA    1 
ATOM   139 C C     . ASN A 1 21 ? 7.17566   10.44197  3.05565   1.000 14.80177 ? 105 ASN A C     1 
ATOM   140 O O     . ASN A 1 21 ? 6.40320   10.97065  3.85944   1.000 14.25009 ? 105 ASN A O     1 
ATOM   141 C CB    . ASN A 1 21 ? 7.62625   12.21916  1.33621   1.000 15.08333 ? 105 ASN A CB    1 
ATOM   142 C CG    . ASN A 1 21 ? 8.62400   13.24009  0.83532   1.000 17.22186 ? 105 ASN A CG    1 
ATOM   143 O OD1   . ASN A 1 21 ? 9.58731   13.56234  1.53845   1.000 19.26252 ? 105 ASN A OD1   1 
ATOM   144 N ND2   . ASN A 1 21 ? 8.41587   13.74460  -0.36954  1.000 17.42963 ? 105 ASN A ND2   1 
ATOM   145 N N     . GLY A 1 22 ? 7.12537   9.14281   2.75364   1.000 12.87560 ? 106 GLY A N     1 
ATOM   146 C CA    . GLY A 1 22 ? 6.35843   8.20480   3.54792   1.000 14.13396 ? 106 GLY A CA    1 
ATOM   147 C C     . GLY A 1 22 ? 4.90245   8.03266   3.17871   1.000 14.31176 ? 106 GLY A C     1 
ATOM   148 O O     . GLY A 1 22 ? 4.07886   7.77371   4.06485   1.000 13.65066 ? 106 GLY A O     1 
ATOM   149 N N     . TYR A 1 23 ? 4.55171   8.15143   1.90164   1.000 13.30368 ? 107 TYR A N     1 
ATOM   150 C CA    . TYR A 1 23 ? 3.17032   7.92643   1.49488   1.000 12.03727 ? 107 TYR A CA    1 
ATOM   151 C C     . TYR A 1 23 ? 3.12631   7.68276   -0.00741  1.000 12.69974 ? 107 TYR A C     1 
ATOM   152 O O     . TYR A 1 23 ? 4.10082   7.91445   -0.72913  1.000 11.42647 ? 107 TYR A O     1 
ATOM   153 C CB    . TYR A 1 23 ? 2.28073   9.10861   1.90234   1.000 11.97326 ? 107 TYR A CB    1 
ATOM   154 C CG    . TYR A 1 23 ? 2.80106   10.41603  1.36921   1.000 13.45073 ? 107 TYR A CG    1 
ATOM   155 C CD1   . TYR A 1 23 ? 2.44962   10.86459  0.10623   1.000 14.72315 ? 107 TYR A CD1   1 
ATOM   156 C CD2   . TYR A 1 23 ? 3.66713   11.19018  2.12336   1.000 16.62580 ? 107 TYR A CD2   1 
ATOM   157 C CE1   . TYR A 1 23 ? 2.94625   12.06388  -0.39366  1.000 15.94406 ? 107 TYR A CE1   1 
ATOM   158 C CE2   . TYR A 1 23 ? 4.17665   12.38442  1.63469   1.000 17.41692 ? 107 TYR A CE2   1 
ATOM   159 C CZ    . TYR A 1 23 ? 3.80809   12.81612  0.37534   1.000 17.30028 ? 107 TYR A CZ    1 
ATOM   160 O OH    . TYR A 1 23 ? 4.31011   14.00527  -0.10921  1.000 19.44658 ? 107 TYR A OH    1 
ATOM   161 N N     . GLY A 1 24 ? 1.97491   7.20406   -0.46533  1.000 11.94742 ? 108 GLY A N     1 
ATOM   162 C CA    . GLY A 1 24 ? 1.76733   6.94192   -1.87172  1.000 12.46795 ? 108 GLY A CA    1 
ATOM   163 C C     . GLY A 1 24 ? 0.29038   6.83704   -2.17591  1.000 12.44822 ? 108 GLY A C     1 
ATOM   164 O O     . GLY A 1 24 ? -0.55572  7.17626   -1.34675  1.000 11.95843 ? 108 GLY A O     1 
ATOM   165 N N     . PHE A 1 25 ? -0.01117  6.38237   -3.39294  1.000 10.98998 ? 109 PHE A N     1 
ATOM   166 C CA    . PHE A 1 25 ? -1.38501  6.10931   -3.79365  1.000 11.22184 ? 109 PHE A CA    1 
ATOM   167 C C     . PHE A 1 25 ? -1.46221  4.75737   -4.47846  1.000 11.83342 ? 109 PHE A C     1 
ATOM   168 O O     . PHE A 1 25 ? -0.53434  4.36001   -5.18807  1.000 12.35516 ? 109 PHE A O     1 
ATOM   169 C CB    . PHE A 1 25 ? -1.95379  7.18437   -4.73532  1.000 12.89765 ? 109 PHE A CB    1 
ATOM   170 C CG    . PHE A 1 25 ? -2.33869  8.45279   -4.03395  1.000 14.34405 ? 109 PHE A CG    1 
ATOM   171 C CD1   . PHE A 1 25 ? -3.63748  8.62596   -3.60342  1.000 13.06378 ? 109 PHE A CD1   1 
ATOM   172 C CD2   . PHE A 1 25 ? -1.41865  9.46655   -3.82041  1.000 14.48918 ? 109 PHE A CD2   1 
ATOM   173 C CE1   . PHE A 1 25 ? -4.01606  9.77900   -2.94360  1.000 16.13616 ? 109 PHE A CE1   1 
ATOM   174 C CE2   . PHE A 1 25 ? -1.79803  10.62166  -3.16102  1.000 14.90802 ? 109 PHE A CE2   1 
ATOM   175 C CZ    . PHE A 1 25 ? -3.09700  10.77800  -2.73901  1.000 13.87317 ? 109 PHE A CZ    1 
ATOM   176 N N     . ILE A 1 26 ? -2.58253  4.06990   -4.25118  1.000 10.56847 ? 110 ILE A N     1 
ATOM   177 C CA    . ILE A 1 26 ? -2.91905  2.79606   -4.87705  1.000 12.86223 ? 110 ILE A CA    1 
ATOM   178 C C     . ILE A 1 26 ? -4.18237  2.98313   -5.69729  1.000 11.93983 ? 110 ILE A C     1 
ATOM   179 O O     . ILE A 1 26 ? -5.16167  3.57184   -5.22270  1.000 13.11232 ? 110 ILE A O     1 
ATOM   180 C CB    . ILE A 1 26 ? -3.13292  1.68713   -3.82646  1.000 12.24841 ? 110 ILE A CB    1 
ATOM   181 C CG1   . ILE A 1 26 ? -1.90499  1.57092   -2.91842  1.000 12.78119 ? 110 ILE A CG1   1 
ATOM   182 C CG2   . ILE A 1 26 ? -3.45601  0.36400   -4.48295  1.000 11.37862 ? 110 ILE A CG2   1 
ATOM   183 C CD1   . ILE A 1 26 ? -2.20265  0.86193   -1.59982  1.000 12.00124 ? 110 ILE A CD1   1 
ATOM   184 N N     . ASN A 1 27 ? -4.17072  2.48203   -6.92105  1.000 13.51085 ? 111 ASN A N     1 
ATOM   185 C CA    . ASN A 1 27 ? -5.38708  2.46396   -7.72353  1.000 12.93074 ? 111 ASN A CA    1 
ATOM   186 C C     . ASN A 1 27 ? -6.14247  1.16670   -7.45020  1.000 14.12905 ? 111 ASN A C     1 
ATOM   187 O O     . ASN A 1 27 ? -5.61331  0.07146   -7.67039  1.000 11.64267 ? 111 ASN A O     1 
ATOM   188 C CB    . ASN A 1 27 ? -5.06610  2.61691   -9.21003  1.000 14.37125 ? 111 ASN A CB    1 
ATOM   189 C CG    . ASN A 1 27 ? -6.30744  2.83580   -10.04081 1.000 14.35713 ? 111 ASN A CG    1 
ATOM   190 O OD1   . ASN A 1 27 ? -6.77674  1.91944   -10.70769 1.000 15.54304 ? 111 ASN A OD1   1 
ATOM   191 N ND2   . ASN A 1 27 ? -6.86144  4.04816   -9.98899  1.000 14.79441 ? 111 ASN A ND2   1 
ATOM   192 N N     . ARG A 1 28 ? -7.36829  1.28850   -6.94008  1.000 11.84580 ? 112 ARG A N     1 
ATOM   193 C CA    . ARG A 1 28 ? -8.19654  0.11264   -6.68698  1.000 11.31479 ? 112 ARG A CA    1 
ATOM   194 C C     . ARG A 1 28 ? -8.53009  -0.61688  -7.98435  1.000 14.68606 ? 112 ARG A C     1 
ATOM   195 O O     . ARG A 1 28 ? -8.99104  -0.00977  -8.95358  1.000 13.65137 ? 112 ARG A O     1 
ATOM   196 C CB    . ARG A 1 28 ? -9.48935  0.53266   -5.98728  1.000 12.65561 ? 112 ARG A CB    1 
ATOM   197 C CG    . ARG A 1 28 ? -9.26239  1.08494   -4.60039  1.000 11.02468 ? 112 ARG A CG    1 
ATOM   198 C CD    . ARG A 1 28 ? -10.56426 1.56094   -3.97197  1.000 14.59468 ? 112 ARG A CD    1 
ATOM   199 N NE    . ARG A 1 28 ? -11.57896 0.51397   -3.89675  1.000 14.60195 ? 112 ARG A NE    1 
ATOM   200 C CZ    . ARG A 1 28 ? -12.68381 0.62022   -3.16032  1.000 16.99703 ? 112 ARG A CZ    1 
ATOM   201 N NH1   . ARG A 1 28 ? -12.89057 1.71223   -2.43629  1.000 15.17091 ? 112 ARG A NH1   1 
ATOM   202 N NH2   . ARG A 1 28 ? -13.56490 -0.36650  -3.11868  1.000 16.61324 ? 112 ARG A NH2   1 
ATOM   203 N N     . ASN A 1 29 ? -8.31849  -1.93334  -7.99863  1.000 13.10432 ? 113 ASN A N     1 
ATOM   204 C CA    . ASN A 1 29 ? -8.67154  -2.70081  -9.18464  1.000 15.79673 ? 113 ASN A CA    1 
ATOM   205 C C     . ASN A 1 29 ? -10.18001 -2.82077  -9.36323  1.000 18.28050 ? 113 ASN A C     1 
ATOM   206 O O     . ASN A 1 29 ? -10.63536 -3.01970  -10.49445 1.000 20.93038 ? 113 ASN A O     1 
ATOM   207 C CB    . ASN A 1 29 ? -8.02335  -4.09039  -9.13367  1.000 18.63826 ? 113 ASN A CB    1 
ATOM   208 C CG    . ASN A 1 29 ? -6.50835  -4.04313  -9.29977  1.000 15.01673 ? 113 ASN A CG    1 
ATOM   209 O OD1   . ASN A 1 29 ? -5.93664  -3.01357  -9.65454  1.000 18.63706 ? 113 ASN A OD1   1 
ATOM   210 N ND2   . ASN A 1 29 ? -5.84636  -5.16122  -9.00771  1.000 17.82911 ? 113 ASN A ND2   1 
ATOM   211 N N     . ASP A 1 30 ? -10.96812 -2.67362  -8.28945  1.000 15.58745 ? 114 ASP A N     1 
ATOM   212 C CA    . ASP A 1 30 ? -12.41426 -2.85659  -8.42454  1.000 18.46375 ? 114 ASP A CA    1 
ATOM   213 C C     . ASP A 1 30 ? -13.11412 -1.58739  -8.91790  1.000 20.55850 ? 114 ASP A C     1 
ATOM   214 O O     . ASP A 1 30 ? -13.99821 -1.66907  -9.77911  1.000 21.72948 ? 114 ASP A O     1 
ATOM   215 C CB    . ASP A 1 30 ? -13.03420 -3.34886  -7.10576  1.000 15.60737 ? 114 ASP A CB    1 
ATOM   216 C CG    . ASP A 1 30 ? -12.69749 -2.47274  -5.89810  1.000 17.00233 ? 114 ASP A CG    1 
ATOM   217 O OD1   . ASP A 1 30 ? -11.85494 -1.55758  -6.00315  1.000 15.17786 ? 114 ASP A OD1   1 
ATOM   218 O OD2   . ASP A 1 30 ? -13.28319 -2.71871  -4.81789  1.000 17.50898 ? 114 ASP A OD2   1 
ATOM   219 N N     . THR A 1 31 ? -12.73200 -0.40960  -8.40950  1.000 13.22634 ? 115 THR A N     1 
ATOM   220 C CA    . THR A 1 31 ? -13.40461 0.84107   -8.75565  1.000 15.67319 ? 115 THR A CA    1 
ATOM   221 C C     . THR A 1 31 ? -12.55633 1.78999   -9.58608  1.000 16.42023 ? 115 THR A C     1 
ATOM   222 O O     . THR A 1 31 ? -13.06679 2.83252   -10.02350 1.000 13.77522 ? 115 THR A O     1 
ATOM   223 C CB    . THR A 1 31 ? -13.81342 1.60228   -7.49359  1.000 16.31617 ? 115 THR A CB    1 
ATOM   224 O OG1   . THR A 1 31 ? -12.62651 1.98522   -6.78380  1.000 16.00636 ? 115 THR A OG1   1 
ATOM   225 C CG2   . THR A 1 31 ? -14.67560 0.71817   -6.60641  1.000 16.13181 ? 115 THR A CG2   1 
ATOM   226 N N     . LYS A 1 32 ? -11.26645 1.50006   -9.75073  1.000 15.33977 ? 116 LYS A N     1 
ATOM   227 C CA    . LYS A 1 32 ? -10.31567 2.34271   -10.46328 1.000 14.75887 ? 116 LYS A CA    1 
ATOM   228 C C     . LYS A 1 32 ? -10.12969 3.70340   -9.79667  1.000 14.20381 ? 116 LYS A C     1 
ATOM   229 O O     . LYS A 1 32 ? -9.68743  4.65471   -10.44450 1.000 14.27594 ? 116 LYS A O     1 
ATOM   230 C CB    . LYS A 1 32 ? -10.72748 2.52372   -11.93229 1.000 17.15764 ? 116 LYS A CB    1 
ATOM   231 C CG    . LYS A 1 32 ? -10.91320 1.19299   -12.65354 1.000 22.15758 ? 116 LYS A CG    1 
ATOM   232 C CD    . LYS A 1 32 ? -9.69563  0.29979   -12.50339 1.000 19.16068 ? 116 LYS A CD    1 
ATOM   233 C CE    . LYS A 1 32 ? -9.72745  -0.89290  -13.46543 1.000 26.90250 ? 116 LYS A CE    1 
ATOM   234 N NZ    . LYS A 1 32 ? -10.53947 -2.05786  -12.96702 1.000 28.62872 ? 116 LYS A NZ    1 
ATOM   235 N N     . GLU A 1 33 ? -10.44839 3.81258   -8.50577  1.000 14.44065 ? 117 GLU A N     1 
ATOM   236 C CA    . GLU A 1 33 ? -10.20362 5.02578   -7.73259  1.000 13.13510 ? 117 GLU A CA    1 
ATOM   237 C C     . GLU A 1 33 ? -8.84616  4.94254   -7.04610  1.000 11.72534 ? 117 GLU A C     1 
ATOM   238 O O     . GLU A 1 33 ? -8.52873  3.92164   -6.42731  1.000 12.75690 ? 117 GLU A O     1 
ATOM   239 C CB    . GLU A 1 33 ? -11.29659 5.22234   -6.67919  1.000 14.43980 ? 117 GLU A CB    1 
ATOM   240 C CG    . GLU A 1 33 ? -12.68735 5.39071   -7.27010  1.000 16.65051 ? 117 GLU A CG    1 
ATOM   241 C CD    . GLU A 1 33 ? -13.80905 5.00082   -6.32109  1.000 18.32553 ? 117 GLU A CD    1 
ATOM   242 O OE1   . GLU A 1 33 ? -13.58568 4.18610   -5.39795  1.000 15.05986 ? 117 GLU A OE1   1 
ATOM   243 O OE2   . GLU A 1 33 ? -14.93770 5.50841   -6.52352  1.000 18.95092 ? 117 GLU A OE2   1 
ATOM   244 N N     . ASP A 1 34 ? -8.06592  6.02255   -7.13321  1.000 12.52907 ? 118 ASP A N     1 
ATOM   245 C CA    . ASP A 1 34 ? -6.84307  6.14265   -6.33771  1.000 11.94030 ? 118 ASP A CA    1 
ATOM   246 C C     . ASP A 1 34 ? -7.17386  6.31521   -4.85922  1.000 14.66802 ? 118 ASP A C     1 
ATOM   247 O O     . ASP A 1 34 ? -8.05269  7.10332   -4.49559  1.000 13.90492 ? 118 ASP A O     1 
ATOM   248 C CB    . ASP A 1 34 ? -5.99605  7.34231   -6.78436  1.000 13.83301 ? 118 ASP A CB    1 
ATOM   249 C CG    . ASP A 1 34 ? -5.39326  7.18224   -8.17409  1.000 17.27600 ? 118 ASP A CG    1 
ATOM   250 O OD1   . ASP A 1 34 ? -5.22696  6.03051   -8.65902  1.000 16.64719 ? 118 ASP A OD1   1 
ATOM   251 O OD2   . ASP A 1 34 ? -5.07501  8.22854   -8.78637  1.000 16.11860 ? 118 ASP A OD2   1 
ATOM   252 N N     . VAL A 1 35 ? -6.43962  5.60857   -3.99393  1.000 13.39871 ? 119 VAL A N     1 
ATOM   253 C CA    . VAL A 1 35 ? -6.58291  5.77882   -2.55053  1.000 12.13118 ? 119 VAL A CA    1 
ATOM   254 C C     . VAL A 1 35 ? -5.21356  6.03192   -1.93235  1.000 11.50256 ? 119 VAL A C     1 
ATOM   255 O O     . VAL A 1 35 ? -4.21952  5.40475   -2.31347  1.000 11.45594 ? 119 VAL A O     1 
ATOM   256 C CB    . VAL A 1 35 ? -7.26587  4.56652   -1.86972  1.000 13.22077 ? 119 VAL A CB    1 
ATOM   257 C CG1   . VAL A 1 35 ? -8.73379  4.45085   -2.30128  1.000 14.60480 ? 119 VAL A CG1   1 
ATOM   258 C CG2   . VAL A 1 35 ? -6.51486  3.28253   -2.13476  1.000 15.98724 ? 119 VAL A CG2   1 
ATOM   259 N N     . PHE A 1 36 ? -5.17144  6.94355   -0.96557  1.000 12.39742 ? 120 PHE A N     1 
ATOM   260 C CA    . PHE A 1 36 ? -3.94387  7.26021   -0.23588  1.000 13.02226 ? 120 PHE A CA    1 
ATOM   261 C C     . PHE A 1 36 ? -3.45778  6.08119   0.60674   1.000 12.78189 ? 120 PHE A C     1 
ATOM   262 O O     . PHE A 1 36 ? -4.26030  5.36869   1.22021   1.000 13.58054 ? 120 PHE A O     1 
ATOM   263 C CB    . PHE A 1 36 ? -4.22294  8.46722   0.66674   1.000 11.50460 ? 120 PHE A CB    1 
ATOM   264 C CG    . PHE A 1 36 ? -3.02795  8.99554   1.39683   1.000 14.84629 ? 120 PHE A CG    1 
ATOM   265 C CD1   . PHE A 1 36 ? -2.16386  9.90510   0.79749   1.000 15.48426 ? 120 PHE A CD1   1 
ATOM   266 C CD2   . PHE A 1 36 ? -2.79144  8.61048   2.70545   1.000 15.59344 ? 120 PHE A CD2   1 
ATOM   267 C CE1   . PHE A 1 36 ? -1.08073  10.40723  1.50450   1.000 16.78938 ? 120 PHE A CE1   1 
ATOM   268 C CE2   . PHE A 1 36 ? -1.70338  9.10417   3.41171   1.000 17.73288 ? 120 PHE A CE2   1 
ATOM   269 C CZ    . PHE A 1 36 ? -0.85413  9.99823   2.80868   1.000 16.13042 ? 120 PHE A CZ    1 
ATOM   270 N N     . VAL A 1 37 ? -2.13264  5.88644   0.67078   1.000 13.75169 ? 121 VAL A N     1 
ATOM   271 C CA    . VAL A 1 37 ? -1.55337  4.89275   1.57789   1.000 12.51255 ? 121 VAL A CA    1 
ATOM   272 C C     . VAL A 1 37 ? -0.38629  5.52226   2.33729   1.000 12.77328 ? 121 VAL A C     1 
ATOM   273 O O     . VAL A 1 37 ? 0.58104   6.00068   1.72971   1.000 11.65510 ? 121 VAL A O     1 
ATOM   274 C CB    . VAL A 1 37 ? -1.12089  3.59305   0.85847   1.000 11.35588 ? 121 VAL A CB    1 
ATOM   275 C CG1   . VAL A 1 37 ? -0.15389  3.84384   -0.31685  1.000 12.68503 ? 121 VAL A CG1   1 
ATOM   276 C CG2   . VAL A 1 37 ? -0.50730  2.60973   1.86985   1.000 13.08585 ? 121 VAL A CG2   1 
ATOM   277 N N     . HIS A 1 38 ? -0.50137  5.56034   3.66215   1.000 11.88240 ? 122 HIS A N     1 
ATOM   278 C CA    . HIS A 1 38 ? 0.56730   6.03439   4.53450   1.000 14.29350 ? 122 HIS A CA    1 
ATOM   279 C C     . HIS A 1 38 ? 1.58870   4.93134   4.76021   1.000 14.59921 ? 122 HIS A C     1 
ATOM   280 O O     . HIS A 1 38 ? 1.25686   3.74234   4.73327   1.000 12.78498 ? 122 HIS A O     1 
ATOM   281 C CB    . HIS A 1 38 ? -0.02303  6.47763   5.88063   1.000 13.80870 ? 122 HIS A CB    1 
ATOM   282 C CG    . HIS A 1 38 ? 0.87990   7.35980   6.68615   1.000 17.20165 ? 122 HIS A CG    1 
ATOM   283 N ND1   . HIS A 1 38 ? 1.75177   6.86058   7.63241   1.000 15.95885 ? 122 HIS A ND1   1 
ATOM   284 C CD2   . HIS A 1 38 ? 1.04674   8.70477   6.69132   1.000 20.46774 ? 122 HIS A CD2   1 
ATOM   285 C CE1   . HIS A 1 38 ? 2.41538   7.86174   8.18810   1.000 16.86980 ? 122 HIS A CE1   1 
ATOM   286 N NE2   . HIS A 1 38 ? 2.00831   8.99079   7.63255   1.000 24.15637 ? 122 HIS A NE2   1 
ATOM   287 N N     . GLN A 1 39 ? 2.84394   5.32736   5.00597   1.000 13.78296 ? 123 GLN A N     1 
ATOM   288 C CA    . GLN A 1 39 ? 3.85608   4.31456   5.28625   1.000 15.51445 ? 123 GLN A CA    1 
ATOM   289 C C     . GLN A 1 39 ? 3.45268   3.43169   6.46383   1.000 13.67747 ? 123 GLN A C     1 
ATOM   290 O O     . GLN A 1 39 ? 3.77306   2.23980   6.47317   1.000 17.05769 ? 123 GLN A O     1 
ATOM   291 C CB    . GLN A 1 39 ? 5.22680   4.93853   5.57982   1.000 15.81307 ? 123 GLN A CB    1 
ATOM   292 C CG    . GLN A 1 39 ? 5.26425   5.76404   6.84186   1.000 16.90924 ? 123 GLN A CG    1 
ATOM   293 C CD    . GLN A 1 39 ? 6.60413   6.40946   7.09739   1.000 29.68709 ? 123 GLN A CD    1 
ATOM   294 O OE1   . GLN A 1 39 ? 7.56141   6.20943   6.34390   1.000 27.03963 ? 123 GLN A OE1   1 
ATOM   295 N NE2   . GLN A 1 39 ? 6.69886   7.14879   8.19579   1.000 30.19764 ? 123 GLN A NE2   1 
ATOM   296 N N     . THR A 1 40 ? 2.75240   3.98021   7.46356   1.000 13.74636 ? 124 THR A N     1 
ATOM   297 C CA    . THR A 1 40 ? 2.43537   3.16254   8.63467   1.000 14.70860 ? 124 THR A CA    1 
ATOM   298 C C     . THR A 1 40 ? 1.32324   2.15624   8.34119   1.000 17.15161 ? 124 THR A C     1 
ATOM   299 O O     . THR A 1 40 ? 1.09874   1.23223   9.14012   1.000 14.75900 ? 124 THR A O     1 
ATOM   300 C CB    . THR A 1 40 ? 2.02186   4.04153   9.82206   1.000 16.83692 ? 124 THR A CB    1 
ATOM   301 O OG1   . THR A 1 40 ? 0.85794   4.79504   9.48368   1.000 18.00785 ? 124 THR A OG1   1 
ATOM   302 C CG2   . THR A 1 40 ? 3.13459   5.00948   10.17442  1.000 17.99576 ? 124 THR A CG2   1 
ATOM   303 N N     . ALA A 1 41 ? 0.62484   2.31547   7.21182   1.000 14.72496 ? 125 ALA A N     1 
ATOM   304 C CA    . ALA A 1 41 ? -0.48576  1.45071   6.83347   1.000 13.43814 ? 125 ALA A CA    1 
ATOM   305 C C     . ALA A 1 41 ? -0.03465  0.15380   6.18572   1.000 16.06627 ? 125 ALA A C     1 
ATOM   306 O O     . ALA A 1 41 ? -0.87323  -0.72562  5.93800   1.000 16.17965 ? 125 ALA A O     1 
ATOM   307 C CB    . ALA A 1 41 ? -1.41947  2.18870   5.86896   1.000 14.67552 ? 125 ALA A CB    1 
ATOM   308 N N     . ILE A 1 42 ? 1.25170   0.02437   5.88413   1.000 14.70928 ? 126 ILE A N     1 
ATOM   309 C CA    . ILE A 1 42 ? 1.78820   -1.20487  5.31911   1.000 14.49931 ? 126 ILE A CA    1 
ATOM   310 C C     . ILE A 1 42 ? 1.98359   -2.21418  6.44368   1.000 16.26559 ? 126 ILE A C     1 
ATOM   311 O O     . ILE A 1 42 ? 2.76603   -1.98122  7.37164   1.000 17.48754 ? 126 ILE A O     1 
ATOM   312 C CB    . ILE A 1 42 ? 3.08916   -0.93132  4.55230   1.000 12.34601 ? 126 ILE A CB    1 
ATOM   313 C CG1   . ILE A 1 42 ? 2.81401   0.14314   3.48650   1.000 11.29928 ? 126 ILE A CG1   1 
ATOM   314 C CG2   . ILE A 1 42 ? 3.66438   -2.22892  3.95450   1.000 15.62932 ? 126 ILE A CG2   1 
ATOM   315 C CD1   . ILE A 1 42 ? 4.04024   0.87066   2.97916   1.000 11.42956 ? 126 ILE A CD1   1 
ATOM   316 N N     . LYS A 1 43 ? 1.25552   -3.33425  6.36562   1.000 12.59602 ? 127 LYS A N     1 
ATOM   317 C CA    . LYS A 1 43 ? 1.18528   -4.32219  7.43802   1.000 15.46421 ? 127 LYS A CA    1 
ATOM   318 C C     . LYS A 1 43 ? 2.26781   -5.38734  7.30714   1.000 19.05466 ? 127 LYS A C     1 
ATOM   319 O O     . LYS A 1 43 ? 2.75378   -5.90665  8.31844   1.000 19.09716 ? 127 LYS A O     1 
ATOM   320 C CB    . LYS A 1 43 ? -0.18903  -4.99265  7.43435   1.000 18.05180 ? 127 LYS A CB    1 
ATOM   321 C CG    . LYS A 1 43 ? -0.38381  -6.10500  8.46092   1.000 20.62037 ? 127 LYS A CG    1 
ATOM   322 C CD    . LYS A 1 43 ? -0.07200  -5.60162  9.85495   1.000 26.03454 ? 127 LYS A CD    1 
ATOM   323 C CE    . LYS A 1 43 ? -0.43926  -6.62567  10.92958  1.000 34.04582 ? 127 LYS A CE    1 
ATOM   324 N NZ    . LYS A 1 43 ? 0.55283   -6.62135  12.04492  1.000 34.61024 ? 127 LYS A NZ    1 
ATOM   325 N N     . ARG A 1 44 ? 2.64388   -5.74009  6.08069   1.000 13.70273 ? 128 ARG A N     1 
ATOM   326 C CA    . ARG A 1 44 ? 3.67861   -6.74754  5.83707   1.000 15.08110 ? 128 ARG A CA    1 
ATOM   327 C C     . ARG A 1 44 ? 4.72205   -6.14966  4.90336   1.000 16.46698 ? 128 ARG A C     1 
ATOM   328 O O     . ARG A 1 44 ? 4.63646   -6.28044  3.67752   1.000 13.74110 ? 128 ARG A O     1 
ATOM   329 C CB    . ARG A 1 44 ? 3.11006   -8.04587  5.25518   1.000 17.17284 ? 128 ARG A CB    1 
ATOM   330 C CG    . ARG A 1 44 ? 2.12320   -8.75919  6.14743   1.000 17.20120 ? 128 ARG A CG    1 
ATOM   331 C CD    . ARG A 1 44 ? 2.74228   -9.11858  7.48965   1.000 20.84575 ? 128 ARG A CD    1 
ATOM   332 N NE    . ARG A 1 44 ? 1.72005   -9.65018  8.38188   1.000 20.52648 ? 128 ARG A NE    1 
ATOM   333 C CZ    . ARG A 1 44 ? 1.88164   -9.79834  9.68710   1.000 26.79490 ? 128 ARG A CZ    1 
ATOM   334 N NH1   . ARG A 1 44 ? 3.03064   -9.44005  10.25553  1.000 31.08078 ? 128 ARG A NH1   1 
ATOM   335 N NH2   . ARG A 1 44 ? 0.89453   -10.28634 10.42456  1.000 25.15172 ? 128 ARG A NH2   1 
ATOM   336 N N     . ASN A 1 45 ? 5.71876   -5.50176  5.49197   1.000 15.58463 ? 129 ASN A N     1 
ATOM   337 C CA    . ASN A 1 45 ? 6.83451   -5.00478  4.70866   1.000 16.26683 ? 129 ASN A CA    1 
ATOM   338 C C     . ASN A 1 45 ? 7.71738   -6.14705  4.22046   1.000 18.80047 ? 129 ASN A C     1 
ATOM   339 O O     . ASN A 1 45 ? 7.74992   -7.24482  4.79121   1.000 17.29529 ? 129 ASN A O     1 
ATOM   340 C CB    . ASN A 1 45 ? 7.65449   -4.00376  5.52690   1.000 15.49877 ? 129 ASN A CB    1 
ATOM   341 C CG    . ASN A 1 45 ? 7.01499   -2.64217  5.56437   1.000 16.65409 ? 129 ASN A CG    1 
ATOM   342 O OD1   . ASN A 1 45 ? 7.08284   -1.89911  4.58141   1.000 14.99189 ? 129 ASN A OD1   1 
ATOM   343 N ND2   . ASN A 1 45 ? 6.36650   -2.31210  6.67159   1.000 17.68116 ? 129 ASN A ND2   1 
ATOM   344 N N     . ASN A 1 46 ? 8.44107   -5.86980  3.14153   1.000 16.03858 ? 130 ASN A N     1 
ATOM   345 C CA    . ASN A 1 46 ? 9.46484   -6.77990  2.64569   1.000 14.38881 ? 130 ASN A CA    1 
ATOM   346 C C     . ASN A 1 46 ? 10.52052  -6.93145  3.73219   1.000 17.19035 ? 130 ASN A C     1 
ATOM   347 O O     . ASN A 1 46 ? 11.20527  -5.95501  4.05857   1.000 16.65896 ? 130 ASN A O     1 
ATOM   348 C CB    . ASN A 1 46 ? 10.06778  -6.23137  1.34976   1.000 14.38976 ? 130 ASN A CB    1 
ATOM   349 C CG    . ASN A 1 46 ? 11.06714  -7.18180  0.71273   1.000 19.24642 ? 130 ASN A CG    1 
ATOM   350 O OD1   . ASN A 1 46 ? 11.53601  -8.12743  1.35111   1.000 18.78256 ? 130 ASN A OD1   1 
ATOM   351 N ND2   . ASN A 1 46 ? 11.41491  -6.92263  -0.54549  1.000 17.05237 ? 130 ASN A ND2   1 
ATOM   352 N N     . PRO A 1 47 ? 10.67648  -8.12495  4.31943   1.000 18.42649 ? 131 PRO A N     1 
ATOM   353 C CA    . PRO A 1 47 ? 11.59194  -8.26660  5.46135   1.000 18.77699 ? 131 PRO A CA    1 
ATOM   354 C C     . PRO A 1 47 ? 13.04593  -8.10612  5.09433   1.000 26.22637 ? 131 PRO A C     1 
ATOM   355 O O     . PRO A 1 47 ? 13.90522  -8.13778  5.98350   1.000 24.58173 ? 131 PRO A O     1 
ATOM   356 C CB    . PRO A 1 47 ? 11.29883  -9.68275  5.98423   1.000 24.78510 ? 131 PRO A CB    1 
ATOM   357 C CG    . PRO A 1 47 ? 10.60468  -10.40828 4.87995   1.000 25.57524 ? 131 PRO A CG    1 
ATOM   358 C CD    . PRO A 1 47 ? 10.16237  -9.42075  3.83696   1.000 24.69886 ? 131 PRO A CD    1 
ATOM   359 N N     . ARG A 1 48 ? 13.35877  -7.90854  3.82727   1.000 21.27951 ? 132 ARG A N     1 
ATOM   360 C CA    . ARG A 1 48 ? 14.74698  -7.85013  3.44288   1.000 27.99782 ? 132 ARG A CA    1 
ATOM   361 C C     . ARG A 1 48 ? 15.08187  -6.46302  2.90337   1.000 25.38253 ? 132 ARG A C     1 
ATOM   362 O O     . ARG A 1 48 ? 16.21279  -6.21553  2.47654   1.000 21.62688 ? 132 ARG A O     1 
ATOM   363 C CB    . ARG A 1 48 ? 14.95920  -9.04009  2.49992   1.000 35.15677 ? 132 ARG A CB    1 
ATOM   364 C CG    . ARG A 1 48 ? 14.31157  -8.98699  1.15917   1.000 40.23431 ? 132 ARG A CG    1 
ATOM   365 C CD    . ARG A 1 48 ? 14.54987  -10.29621 0.42498   1.000 44.96838 ? 132 ARG A CD    1 
ATOM   366 N NE    . ARG A 1 48 ? 13.78518  -11.32048 1.17686   1.000 49.72911 ? 132 ARG A NE    1 
ATOM   367 C CZ    . ARG A 1 48 ? 14.23892  -12.29762 1.95960   1.000 50.44810 ? 132 ARG A CZ    1 
ATOM   368 N NH1   . ARG A 1 48 ? 13.36240  -13.11501 2.54363   1.000 46.37679 ? 132 ARG A NH1   1 
ATOM   369 N NH2   . ARG A 1 48 ? 15.53446  -12.45351 2.18184   1.000 49.73687 ? 132 ARG A NH2   1 
ATOM   370 N N     . LYS A 1 49 ? 14.11508  -5.54596  2.98554   1.000 18.93691 ? 133 LYS A N     1 
ATOM   371 C CA    . LYS A 1 49 ? 14.31556  -4.10528  3.04721   1.000 15.91751 ? 133 LYS A CA    1 
ATOM   372 C C     . LYS A 1 49 ? 14.15029  -3.64873  4.49348   1.000 19.50974 ? 133 LYS A C     1 
ATOM   373 O O     . LYS A 1 49 ? 13.71495  -4.40771  5.36075   1.000 19.83708 ? 133 LYS A O     1 
ATOM   374 C CB    . LYS A 1 49 ? 13.33281  -3.37018  2.12030   1.000 15.80989 ? 133 LYS A CB    1 
ATOM   375 C CG    . LYS A 1 49 ? 13.49426  -3.73696  0.63881   1.000 14.66754 ? 133 LYS A CG    1 
ATOM   376 C CD    . LYS A 1 49 ? 12.42531  -3.08095  -0.24027  1.000 13.84076 ? 133 LYS A CD    1 
ATOM   377 C CE    . LYS A 1 49 ? 12.60226  -3.47015  -1.70821  1.000 13.84912 ? 133 LYS A CE    1 
ATOM   378 N NZ    . LYS A 1 49 ? 13.87687  -2.90344  -2.23327  1.000 13.99557 ? 133 LYS A NZ    1 
ATOM   379 N N     . PHE A 1 50 ? 14.49852  -2.38955  4.76054   1.000 17.53165 ? 134 PHE A N     1 
ATOM   380 C CA    . PHE A 1 50 ? 14.48777  -1.89549  6.13420   1.000 18.57485 ? 134 PHE A CA    1 
ATOM   381 C C     . PHE A 1 50 ? 13.73975  -0.57782  6.29069   1.000 18.13611 ? 134 PHE A C     1 
ATOM   382 O O     . PHE A 1 50 ? 13.84917  0.06148   7.34436   1.000 19.51641 ? 134 PHE A O     1 
ATOM   383 C CB    . PHE A 1 50 ? 15.91231  -1.72278  6.66705   1.000 19.10930 ? 134 PHE A CB    1 
ATOM   384 C CG    . PHE A 1 50 ? 16.79805  -0.91679  5.77429   1.000 17.20011 ? 134 PHE A CG    1 
ATOM   385 C CD1   . PHE A 1 50 ? 16.83471  0.46500   5.88120   1.000 17.46585 ? 134 PHE A CD1   1 
ATOM   386 C CD2   . PHE A 1 50 ? 17.62003  -1.53658  4.84008   1.000 19.69018 ? 134 PHE A CD2   1 
ATOM   387 C CE1   . PHE A 1 50 ? 17.65735  1.21327   5.06679   1.000 19.59976 ? 134 PHE A CE1   1 
ATOM   388 C CE2   . PHE A 1 50 ? 18.44910  -0.78833  4.02430   1.000 19.03325 ? 134 PHE A CE2   1 
ATOM   389 C CZ    . PHE A 1 50 ? 18.47166  0.58608   4.14244   1.000 19.93011 ? 134 PHE A CZ    1 
ATOM   390 N N     . LEU A 1 51 ? 13.01965  -0.14037  5.26798   1.000 16.73900 ? 135 LEU A N     1 
ATOM   391 C CA    . LEU A 1 51 ? 12.13707  1.01052   5.34756   1.000 15.03498 ? 135 LEU A CA    1 
ATOM   392 C C     . LEU A 1 51 ? 10.72576  0.54051   5.03852   1.000 14.60569 ? 135 LEU A C     1 
ATOM   393 O O     . LEU A 1 51 ? 10.52568  -0.54232  4.48467   1.000 15.52067 ? 135 LEU A O     1 
ATOM   394 C CB    . LEU A 1 51 ? 12.55552  2.10561   4.36068   1.000 12.37687 ? 135 LEU A CB    1 
ATOM   395 C CG    . LEU A 1 51 ? 13.97016  2.65791   4.55292   1.000 16.11746 ? 135 LEU A CG    1 
ATOM   396 C CD1   . LEU A 1 51 ? 14.40567  3.44193   3.31661   1.000 15.94157 ? 135 LEU A CD1   1 
ATOM   397 C CD2   . LEU A 1 51 ? 14.05182  3.54158   5.79264   1.000 13.45815 ? 135 LEU A CD2   1 
ATOM   398 N N     . ARG A 1 52 ? 9.74762   1.35682   5.40710   1.000 13.04899 ? 136 ARG A N     1 
ATOM   399 C CA    . ARG A 1 52 ? 8.35024   1.04068   5.15023   1.000 14.57834 ? 136 ARG A CA    1 
ATOM   400 C C     . ARG A 1 52 ? 8.01148   1.53502   3.75003   1.000 13.36269 ? 136 ARG A C     1 
ATOM   401 O O     . ARG A 1 52 ? 8.11922   2.73644   3.48354   1.000 14.50329 ? 136 ARG A O     1 
ATOM   402 C CB    . ARG A 1 52 ? 7.44508   1.72884   6.17315   1.000 13.89343 ? 136 ARG A CB    1 
ATOM   403 C CG    . ARG A 1 52 ? 7.74180   1.39998   7.62382   1.000 16.75873 ? 136 ARG A CG    1 
ATOM   404 C CD    . ARG A 1 52 ? 6.91947   2.30123   8.54545   1.000 18.81339 ? 136 ARG A CD    1 
ATOM   405 N NE    . ARG A 1 52 ? 7.23639   2.07982   9.95489   1.000 20.26496 ? 136 ARG A NE    1 
ATOM   406 C CZ    . ARG A 1 52 ? 6.68895   1.12867   10.70562  1.000 26.76776 ? 136 ARG A CZ    1 
ATOM   407 N NH1   . ARG A 1 52 ? 5.80710   0.28905   10.17413  1.000 27.25179 ? 136 ARG A NH1   1 
ATOM   408 N NH2   . ARG A 1 52 ? 7.03661   1.00134   11.98030  1.000 21.81307 ? 136 ARG A NH2   1 
ATOM   409 N N     . SER A 1 53 ? 7.59622   0.62834   2.86608   1.000 11.92042 ? 137 SER A N     1 
ATOM   410 C CA    . SER A 1 53 ? 7.31973   1.03817   1.49252   1.000 11.49800 ? 137 SER A CA    1 
ATOM   411 C C     . SER A 1 53 ? 6.52949   -0.02738  0.74471   1.000 11.75472 ? 137 SER A C     1 
ATOM   412 O O     . SER A 1 53 ? 6.53131   -1.20913  1.10206   1.000 13.60740 ? 137 SER A O     1 
ATOM   413 C CB    . SER A 1 53 ? 8.62206   1.34964   0.74074   1.000 13.37239 ? 137 SER A CB    1 
ATOM   414 O OG    . SER A 1 53 ? 9.19752   0.17250   0.21005   1.000 12.89937 ? 137 SER A OG    1 
ATOM   415 N N     . VAL A 1 54 ? 5.82574   0.43163   -0.29090  1.000 12.39832 ? 138 VAL A N     1 
ATOM   416 C CA    . VAL A 1 54 ? 5.42499   -0.39520  -1.42418  1.000 11.11002 ? 138 VAL A CA    1 
ATOM   417 C C     . VAL A 1 54 ? 6.04975   0.22472   -2.66872  1.000 10.88341 ? 138 VAL A C     1 
ATOM   418 O O     . VAL A 1 54 ? 6.38563   1.40971   -2.69341  1.000 14.72916 ? 138 VAL A O     1 
ATOM   419 C CB    . VAL A 1 54 ? 3.89244   -0.51760  -1.57919  1.000 10.48972 ? 138 VAL A CB    1 
ATOM   420 C CG1   . VAL A 1 54 ? 3.29266   -1.30535  -0.41126  1.000 12.82700 ? 138 VAL A CG1   1 
ATOM   421 C CG2   . VAL A 1 54 ? 3.24586   0.87223   -1.69896  1.000 11.01082 ? 138 VAL A CG2   1 
ATOM   422 N N     . GLY A 1 55 ? 6.22168   -0.58958  -3.70567  1.000 12.39766 ? 139 GLY A N     1 
ATOM   423 C CA    . GLY A 1 55 ? 6.89565   -0.15364  -4.92812  1.000 11.33704 ? 139 GLY A CA    1 
ATOM   424 C C     . GLY A 1 55 ? 5.90761   0.22361   -6.01978  1.000 13.90147 ? 139 GLY A C     1 
ATOM   425 O O     . GLY A 1 55 ? 4.87426   -0.42657  -6.17631  1.000 14.09636 ? 139 GLY A O     1 
ATOM   426 N N     . ASP A 1 56 ? 6.24138   1.27808   -6.78051  1.000 10.90853 ? 140 ASP A N     1 
ATOM   427 C CA    . ASP A 1 56 ? 5.43537   1.69703   -7.93019  1.000 13.02710 ? 140 ASP A CA    1 
ATOM   428 C C     . ASP A 1 56 ? 5.02793   0.49113   -8.76975  1.000 13.79477 ? 140 ASP A C     1 
ATOM   429 O O     . ASP A 1 56 ? 5.88416   -0.27008  -9.23439  1.000 12.17442 ? 140 ASP A O     1 
ATOM   430 C CB    . ASP A 1 56 ? 6.21256   2.67682   -8.82954  1.000 13.93381 ? 140 ASP A CB    1 
ATOM   431 C CG    . ASP A 1 56 ? 6.60278   3.99631   -8.13735  1.000 17.24590 ? 140 ASP A CG    1 
ATOM   432 O OD1   . ASP A 1 56 ? 6.36325   4.18457   -6.94021  1.000 15.72830 ? 140 ASP A OD1   1 
ATOM   433 O OD2   . ASP A 1 56 ? 7.17021   4.85726   -8.83931  1.000 24.96944 ? 140 ASP A OD2   1 
ATOM   434 N N     . GLY A 1 57 ? 3.71989   0.31106   -8.96945  1.000 11.27875 ? 141 GLY A N     1 
ATOM   435 C CA    . GLY A 1 57 ? 3.22424   -0.71276  -9.86227  1.000 12.27580 ? 141 GLY A CA    1 
ATOM   436 C C     . GLY A 1 57 ? 2.98903   -2.08510  -9.26010  1.000 13.27345 ? 141 GLY A C     1 
ATOM   437 O O     . GLY A 1 57 ? 2.43308   -2.94780  -9.94700  1.000 12.87982 ? 141 GLY A O     1 
ATOM   438 N N     . GLU A 1 58 ? 3.38354   -2.33296  -8.01225  1.000 12.38516 ? 142 GLU A N     1 
ATOM   439 C CA    . GLU A 1 58 ? 3.17278   -3.68041  -7.50832  1.000 12.94176 ? 142 GLU A CA    1 
ATOM   440 C C     . GLU A 1 58 ? 1.71426   -3.89061  -7.11247  1.000 12.97401 ? 142 GLU A C     1 
ATOM   441 O O     . GLU A 1 58 ? 0.95995   -2.94723  -6.87242  1.000 11.74733 ? 142 GLU A O     1 
ATOM   442 C CB    . GLU A 1 58 ? 4.10296   -4.00143  -6.32791  1.000 12.75059 ? 142 GLU A CB    1 
ATOM   443 C CG    . GLU A 1 58 ? 3.78361   -3.34238  -4.99731  1.000 11.50235 ? 142 GLU A CG    1 
ATOM   444 C CD    . GLU A 1 58 ? 4.59236   -3.97642  -3.84449  1.000 12.51295 ? 142 GLU A CD    1 
ATOM   445 O OE1   . GLU A 1 58 ? 5.34015   -3.25067  -3.17042  1.000 12.73378 ? 142 GLU A OE1   1 
ATOM   446 O OE2   . GLU A 1 58 ? 4.46531   -5.19642  -3.61003  1.000 13.39545 ? 142 GLU A OE2   1 
ATOM   447 N N     . THR A 1 59 ? 1.31717   -5.15828  -7.08147  1.000 12.20131 ? 143 THR A N     1 
ATOM   448 C CA    . THR A 1 59 ? -0.05158  -5.54620  -6.75375  1.000 14.53176 ? 143 THR A CA    1 
ATOM   449 C C     . THR A 1 59 ? -0.17059  -5.75003  -5.25110  1.000 11.55465 ? 143 THR A C     1 
ATOM   450 O O     . THR A 1 59 ? 0.58172   -6.52827  -4.66871  1.000 13.05591 ? 143 THR A O     1 
ATOM   451 C CB    . THR A 1 59 ? -0.44641  -6.81563  -7.50970  1.000 14.70413 ? 143 THR A CB    1 
ATOM   452 O OG1   . THR A 1 59 ? -0.42473  -6.54441  -8.91528  1.000 19.41019 ? 143 THR A OG1   1 
ATOM   453 C CG2   . THR A 1 59 ? -1.86176  -7.31078  -7.09279  1.000 12.28688 ? 143 THR A CG2   1 
ATOM   454 N N     . VAL A 1 60 ? -1.09819  -5.03339  -4.61976  1.000 12.62444 ? 144 VAL A N     1 
ATOM   455 C CA    . VAL A 1 60 ? -1.25532  -5.10651  -3.17246  1.000 10.13387 ? 144 VAL A CA    1 
ATOM   456 C C     . VAL A 1 60 ? -2.70575  -5.40923  -2.82761  1.000 13.68619 ? 144 VAL A C     1 
ATOM   457 O O     . VAL A 1 60 ? -3.61257  -5.27909  -3.65033  1.000 13.33460 ? 144 VAL A O     1 
ATOM   458 C CB    . VAL A 1 60 ? -0.80112  -3.80988  -2.48364  1.000 11.14173 ? 144 VAL A CB    1 
ATOM   459 C CG1   . VAL A 1 60 ? 0.72329   -3.67598  -2.59684  1.000 13.41950 ? 144 VAL A CG1   1 
ATOM   460 C CG2   . VAL A 1 60 ? -1.50914  -2.60578  -3.12818  1.000 13.24315 ? 144 VAL A CG2   1 
ATOM   461 N N     . GLU A 1 61 ? -2.90671  -5.81792  -1.58272  1.000 13.02916 ? 145 GLU A N     1 
ATOM   462 C CA    . GLU A 1 61 ? -4.21212  -6.16701  -1.04830  1.000 13.09297 ? 145 GLU A CA    1 
ATOM   463 C C     . GLU A 1 61 ? -4.39867  -5.40071  0.24939   1.000 14.01307 ? 145 GLU A C     1 
ATOM   464 O O     . GLU A 1 61 ? -3.46261  -5.28555  1.04233   1.000 15.21051 ? 145 GLU A O     1 
ATOM   465 C CB    . GLU A 1 61 ? -4.28998  -7.67834  -0.83750  1.000 17.35613 ? 145 GLU A CB    1 
ATOM   466 C CG    . GLU A 1 61 ? -5.37913  -8.16766  0.06314   1.000 19.89108 ? 145 GLU A CG    1 
ATOM   467 C CD    . GLU A 1 61 ? -5.16371  -9.63267  0.37735   1.000 21.34530 ? 145 GLU A CD    1 
ATOM   468 O OE1   . GLU A 1 61 ? -5.38072  -10.44466 -0.54359  1.000 17.02570 ? 145 GLU A OE1   1 
ATOM   469 O OE2   . GLU A 1 61 ? -4.70906  -9.94912  1.50340   1.000 21.05343 ? 145 GLU A OE2   1 
ATOM   470 N N     . PHE A 1 62 ? -5.58791  -4.84579  0.46318   1.000 13.59615 ? 146 PHE A N     1 
ATOM   471 C CA    . PHE A 1 62 ? -5.72842  -3.87938  1.54348   1.000 12.96192 ? 146 PHE A CA    1 
ATOM   472 C C     . PHE A 1 62 ? -7.19054  -3.71877  1.91073   1.000 15.95794 ? 146 PHE A C     1 
ATOM   473 O O     . PHE A 1 62 ? -8.08618  -4.11225  1.15806   1.000 15.83975 ? 146 PHE A O     1 
ATOM   474 C CB    . PHE A 1 62 ? -5.13939  -2.51567  1.15277   1.000 11.50512 ? 146 PHE A CB    1 
ATOM   475 C CG    . PHE A 1 62 ? -5.65074  -1.98959  -0.16515  1.000 12.69503 ? 146 PHE A CG    1 
ATOM   476 C CD1   . PHE A 1 62 ? -5.07441  -2.40872  -1.36218  1.000 12.63436 ? 146 PHE A CD1   1 
ATOM   477 C CD2   . PHE A 1 62 ? -6.71476  -1.10523  -0.21301  1.000 12.98440 ? 146 PHE A CD2   1 
ATOM   478 C CE1   . PHE A 1 62 ? -5.53707  -1.94075  -2.58626  1.000 12.41420 ? 146 PHE A CE1   1 
ATOM   479 C CE2   . PHE A 1 62 ? -7.19048  -0.62956  -1.42954  1.000 14.56726 ? 146 PHE A CE2   1 
ATOM   480 C CZ    . PHE A 1 62 ? -6.59998  -1.05006  -2.62026  1.000 13.12454 ? 146 PHE A CZ    1 
ATOM   481 N N     . ASP A 1 63 ? -7.40991  -3.13564  3.08677   1.000 13.17178 ? 147 ASP A N     1 
ATOM   482 C CA    . ASP A 1 63 ? -8.71827  -2.64637  3.48705   1.000 16.56405 ? 147 ASP A CA    1 
ATOM   483 C C     . ASP A 1 63 ? -8.83847  -1.16915  3.14828   1.000 14.89903 ? 147 ASP A C     1 
ATOM   484 O O     . ASP A 1 63 ? -7.83783  -0.45556  3.06826   1.000 14.75570 ? 147 ASP A O     1 
ATOM   485 C CB    . ASP A 1 63 ? -8.94587  -2.84655  4.98599   1.000 18.12462 ? 147 ASP A CB    1 
ATOM   486 C CG    . ASP A 1 63 ? -8.86134  -4.30443  5.39542   1.000 21.01005 ? 147 ASP A CG    1 
ATOM   487 O OD1   . ASP A 1 63 ? -9.11185  -5.16403  4.53389   1.000 21.57017 ? 147 ASP A OD1   1 
ATOM   488 O OD2   . ASP A 1 63 ? -8.55650  -4.57767  6.57668   1.000 28.28625 ? 147 ASP A OD2   1 
ATOM   489 N N     . VAL A 1 64 ? -10.07429 -0.71022  2.95554   1.000 12.97885 ? 148 VAL A N     1 
ATOM   490 C CA    . VAL A 1 64 ? -10.35815 0.70561   2.73043   1.000 12.74766 ? 148 VAL A CA    1 
ATOM   491 C C     . VAL A 1 64 ? -11.15987 1.23101   3.91291   1.000 15.38749 ? 148 VAL A C     1 
ATOM   492 O O     . VAL A 1 64 ? -12.15100 0.61117   4.32762   1.000 15.07762 ? 148 VAL A O     1 
ATOM   493 C CB    . VAL A 1 64 ? -11.10565 0.93435   1.40557   1.000 13.68428 ? 148 VAL A CB    1 
ATOM   494 C CG1   . VAL A 1 64 ? -11.29306 2.42408   1.17709   1.000 13.44298 ? 148 VAL A CG1   1 
ATOM   495 C CG2   . VAL A 1 64 ? -10.31196 0.34762   0.26634   1.000 10.53105 ? 148 VAL A CG2   1 
ATOM   496 N N     . VAL A 1 65 ? -10.71259 2.35682   4.46798   1.000 14.42499 ? 149 VAL A N     1 
ATOM   497 C CA    . VAL A 1 65 ? -11.35155 3.01165   5.60149   1.000 15.55752 ? 149 VAL A CA    1 
ATOM   498 C C     . VAL A 1 65 ? -11.47955 4.49687   5.28798   1.000 19.64457 ? 149 VAL A C     1 
ATOM   499 O O     . VAL A 1 65 ? -10.83813 5.02658   4.37735   1.000 16.98922 ? 149 VAL A O     1 
ATOM   500 C CB    . VAL A 1 65 ? -10.57028 2.81163   6.92031   1.000 16.32796 ? 149 VAL A CB    1 
ATOM   501 C CG1   . VAL A 1 65 ? -10.59573 1.36434   7.35066   1.000 15.64019 ? 149 VAL A CG1   1 
ATOM   502 C CG2   . VAL A 1 65 ? -9.13384  3.30059   6.76942   1.000 17.03775 ? 149 VAL A CG2   1 
ATOM   503 N N     . GLU A 1 66 ? -12.32238 5.17267   6.06381   1.000 18.63909 ? 150 GLU A N     1 
ATOM   504 C CA    . GLU A 1 66 ? -12.51198 6.60571   5.89151   1.000 19.45117 ? 150 GLU A CA    1 
ATOM   505 C C     . GLU A 1 66 ? -11.35776 7.36849   6.53273   1.000 23.05043 ? 150 GLU A C     1 
ATOM   506 O O     . GLU A 1 66 ? -11.11541 7.24154   7.73492   1.000 22.99170 ? 150 GLU A O     1 
ATOM   507 C CB    . GLU A 1 66 ? -13.84452 7.03446   6.50057   1.000 22.86135 ? 150 GLU A CB    1 
ATOM   508 C CG    . GLU A 1 66 ? -14.34335 8.32934   5.93344   1.000 25.35536 ? 150 GLU A CG    1 
ATOM   509 C CD    . GLU A 1 66 ? -14.66107 8.20905   4.46891   1.000 28.30812 ? 150 GLU A CD    1 
ATOM   510 O OE1   . GLU A 1 66 ? -15.58110 7.43958   4.12999   1.000 27.65660 ? 150 GLU A OE1   1 
ATOM   511 O OE2   . GLU A 1 66 ? -13.97750 8.87420   3.65978   1.000 28.53301 ? 150 GLU A OE2   1 
ATOM   512 N N     . GLY A 1 67 ? -10.64662 8.15559   5.73263   1.000 21.20928 ? 151 GLY A N     1 
ATOM   513 C CA    . GLY A 1 67 ? -9.63265  9.06079   6.22216   1.000 20.53841 ? 151 GLY A CA    1 
ATOM   514 C C     . GLY A 1 67 ? -10.17279 10.46647  6.39645   1.000 22.56566 ? 151 GLY A C     1 
ATOM   515 O O     . GLY A 1 67 ? -11.38731 10.69760  6.41222   1.000 23.90554 ? 151 GLY A O     1 
ATOM   516 N N     . GLU A 1 68 ? -9.24868  11.42332  6.52582   1.000 21.34224 ? 152 GLU A N     1 
ATOM   517 C CA    . GLU A 1 68 ? -9.60283  12.83216  6.67588   1.000 20.67768 ? 152 GLU A CA    1 
ATOM   518 C C     . GLU A 1 68 ? -9.72726  13.55152  5.34220   1.000 24.45836 ? 152 GLU A C     1 
ATOM   519 O O     . GLU A 1 68 ? -10.48526 14.52672  5.23630   1.000 21.71381 ? 152 GLU A O     1 
ATOM   520 C CB    . GLU A 1 68 ? -8.55787  13.54236  7.54201   1.000 26.87823 ? 152 GLU A CB    1 
ATOM   521 C CG    . GLU A 1 68 ? -8.52295  13.02254  8.97373   1.000 27.56787 ? 152 GLU A CG    1 
ATOM   522 C CD    . GLU A 1 68 ? -7.25926  13.41291  9.71537   1.000 31.69605 ? 152 GLU A CD    1 
ATOM   523 O OE1   . GLU A 1 68 ? -7.03625  12.87460  10.81658  1.000 32.08654 ? 152 GLU A OE1   1 
ATOM   524 O OE2   . GLU A 1 68 ? -6.47827  14.23435  9.18916   1.000 29.05332 ? 152 GLU A OE2   1 
ATOM   525 N N     . LYS A 1 69 ? -8.99071  13.09262  4.32733   1.000 20.97837 ? 153 LYS A N     1 
ATOM   526 C CA    . LYS A 1 69 ? -9.00551  13.67911  2.99296   1.000 23.20840 ? 153 LYS A CA    1 
ATOM   527 C C     . LYS A 1 69 ? -9.48849  12.66582  1.95422   1.000 20.28593 ? 153 LYS A C     1 
ATOM   528 O O     . LYS A 1 69 ? -8.97706  12.64922  0.83292   1.000 20.59789 ? 153 LYS A O     1 
ATOM   529 C CB    . LYS A 1 69 ? -7.61469  14.13939  2.54469   1.000 24.66770 ? 153 LYS A CB    1 
ATOM   530 C CG    . LYS A 1 69 ? -6.59317  14.92665  3.40758   1.000 34.31640 ? 153 LYS A CG    1 
ATOM   531 C CD    . LYS A 1 69 ? -6.85226  16.35050  3.83952   1.000 29.87547 ? 153 LYS A CD    1 
ATOM   532 C CE    . LYS A 1 69 ? -6.19369  16.54319  5.20463   1.000 36.85784 ? 153 LYS A CE    1 
ATOM   533 N NZ    . LYS A 1 69 ? -6.68684  17.63308  6.05941   1.000 36.11764 ? 153 LYS A NZ    1 
ATOM   534 N N     . GLY A 1 70 ? -10.40960 11.78495  2.31657   1.000 20.17194 ? 154 GLY A N     1 
ATOM   535 C CA    . GLY A 1 70 ? -10.84404 10.71803  1.43483   1.000 18.75739 ? 154 GLY A CA    1 
ATOM   536 C C     . GLY A 1 70 ? -10.62087 9.34637   2.04514   1.000 18.53720 ? 154 GLY A C     1 
ATOM   537 O O     . GLY A 1 70 ? -9.98804  9.17920   3.08468   1.000 19.67839 ? 154 GLY A O     1 
ATOM   538 N N     . ALA A 1 71 ? -11.18469 8.35096   1.37445   1.000 21.29653 ? 155 ALA A N     1 
ATOM   539 C CA    . ALA A 1 71 ? -10.97295 6.98252   1.81627   1.000 17.37510 ? 155 ALA A CA    1 
ATOM   540 C C     . ALA A 1 71 ? -9.52606  6.57634   1.55502   1.000 16.83864 ? 155 ALA A C     1 
ATOM   541 O O     . ALA A 1 71 ? -8.92569  6.96462   0.54648   1.000 21.61585 ? 155 ALA A O     1 
ATOM   542 C CB    . ALA A 1 71 ? -11.93934 6.03891   1.10248   1.000 22.18135 ? 155 ALA A CB    1 
ATOM   543 N N     . GLU A 1 72 ? -8.96791  5.77774   2.46924   1.000 15.78079 ? 156 GLU A N     1 
ATOM   544 C CA    . GLU A 1 72 ? -7.55680  5.41007   2.44167   1.000 15.72570 ? 156 GLU A CA    1 
ATOM   545 C C     . GLU A 1 72 ? -7.38176  3.90210   2.51983   1.000 16.72955 ? 156 GLU A C     1 
ATOM   546 O O     . GLU A 1 72 ? -8.29193  3.16328   2.90320   1.000 15.33942 ? 156 GLU A O     1 
ATOM   547 C CB    . GLU A 1 72 ? -6.78376  6.02387   3.60791   1.000 16.62159 ? 156 GLU A CB    1 
ATOM   548 C CG    . GLU A 1 72 ? -6.84988  7.52071   3.68567   1.000 22.02244 ? 156 GLU A CG    1 
ATOM   549 C CD    . GLU A 1 72 ? -5.95809  8.06603   4.76774   1.000 23.53827 ? 156 GLU A CD    1 
ATOM   550 O OE1   . GLU A 1 72 ? -5.15355  7.28292   5.32494   1.000 24.84066 ? 156 GLU A OE1   1 
ATOM   551 O OE2   . GLU A 1 72 ? -6.05516  9.28062   5.04900   1.000 25.28556 ? 156 GLU A OE2   1 
ATOM   552 N N     . ALA A 1 73 ? -6.16967  3.45739   2.19018   1.000 15.86562 ? 157 ALA A N     1 
ATOM   553 C CA    . ALA A 1 73 ? -5.79570  2.05751   2.33794   1.000 12.14643 ? 157 ALA A CA    1 
ATOM   554 C C     . ALA A 1 73 ? -5.21333  1.79904   3.72328   1.000 16.74917 ? 157 ALA A C     1 
ATOM   555 O O     . ALA A 1 73 ? -4.48400  2.63340   4.27455   1.000 19.28892 ? 157 ALA A O     1 
ATOM   556 C CB    . ALA A 1 73 ? -4.78809  1.65330   1.25479   1.000 12.16423 ? 157 ALA A CB    1 
ATOM   557 N N     . THR A 1 74 ? -5.53162  0.63192   4.28318   1.000 13.31473 ? 158 THR A N     1 
ATOM   558 C CA    . THR A 1 74 ? -4.94318  0.20627   5.54188   1.000 13.74947 ? 158 THR A CA    1 
ATOM   559 C C     . THR A 1 74 ? -4.71881  -1.30126  5.46992   1.000 15.58713 ? 158 THR A C     1 
ATOM   560 O O     . THR A 1 74 ? -5.23005  -1.97923  4.57409   1.000 14.32467 ? 158 THR A O     1 
ATOM   561 C CB    . THR A 1 74 ? -5.83241  0.60751   6.73582   1.000 18.62273 ? 158 THR A CB    1 
ATOM   562 O OG1   . THR A 1 74 ? -5.14626  0.34273   7.96131   1.000 25.80962 ? 158 THR A OG1   1 
ATOM   563 C CG2   . THR A 1 74 ? -7.12612  -0.18612  6.73844   1.000 16.57988 ? 158 THR A CG2   1 
ATOM   564 N N     . ASN A 1 75 ? -3.90857  -1.81792  6.39502   1.000 15.90898 ? 159 ASN A N     1 
ATOM   565 C CA    . ASN A 1 75 ? -3.57589  -3.24607  6.44152   1.000 14.45262 ? 159 ASN A CA    1 
ATOM   566 C C     . ASN A 1 75 ? -3.05879  -3.75237  5.09491   1.000 14.52960 ? 159 ASN A C     1 
ATOM   567 O O     . ASN A 1 75 ? -3.50823  -4.77090  4.56988   1.000 15.43169 ? 159 ASN A O     1 
ATOM   568 C CB    . ASN A 1 75 ? -4.77838  -4.05527  6.91979   1.000 18.62871 ? 159 ASN A CB    1 
ATOM   569 C CG    . ASN A 1 75 ? -5.14370  -3.73976  8.35446   1.000 26.92696 ? 159 ASN A CG    1 
ATOM   570 O OD1   . ASN A 1 75 ? -4.27988  -3.36234  9.15431   1.000 34.83285 ? 159 ASN A OD1   1 
ATOM   571 N ND2   . ASN A 1 75 ? -6.42104  -3.87281  8.68969   1.000 36.34669 ? 159 ASN A ND2   1 
ATOM   572 N N     . VAL A 1 76 ? -2.08973  -3.02674  4.53720   1.000 13.41478 ? 160 VAL A N     1 
ATOM   573 C CA    . VAL A 1 76 ? -1.63509  -3.25985  3.16621   1.000 12.60957 ? 160 VAL A CA    1 
ATOM   574 C C     . VAL A 1 76 ? -0.60043  -4.38026  3.14692   1.000 14.36659 ? 160 VAL A C     1 
ATOM   575 O O     . VAL A 1 76 ? 0.40665   -4.32578  3.86310   1.000 13.07133 ? 160 VAL A O     1 
ATOM   576 C CB    . VAL A 1 76 ? -1.06081  -1.97429  2.54939   1.000 12.70290 ? 160 VAL A CB    1 
ATOM   577 C CG1   . VAL A 1 76 ? -0.59316  -2.23043  1.10672   1.000 11.52824 ? 160 VAL A CG1   1 
ATOM   578 C CG2   . VAL A 1 76 ? -2.10546  -0.85255  2.57476   1.000 13.06893 ? 160 VAL A CG2   1 
ATOM   579 N N     . THR A 1 77 ? -0.84359  -5.39490  2.30845   1.000 11.98894 ? 161 THR A N     1 
ATOM   580 C CA    . THR A 1 77 ? 0.04704   -6.53389  2.13489   1.000 12.56471 ? 161 THR A CA    1 
ATOM   581 C C     . THR A 1 77 ? 0.09956   -6.89455  0.65632   1.000 12.27258 ? 161 THR A C     1 
ATOM   582 O O     . THR A 1 77 ? -0.52531  -6.24868  -0.18816  1.000 13.15437 ? 161 THR A O     1 
ATOM   583 C CB    . THR A 1 77 ? -0.42357  -7.75781  2.93401   1.000 13.86141 ? 161 THR A CB    1 
ATOM   584 O OG1   . THR A 1 77 ? -1.60750  -8.28201  2.32303   1.000 13.60674 ? 161 THR A OG1   1 
ATOM   585 C CG2   . THR A 1 77 ? -0.73750  -7.39202  4.39327   1.000 12.47963 ? 161 THR A CG2   1 
ATOM   586 N N     . GLY A 1 78 ? 0.84545   -7.94597  0.33356   1.000 12.34480 ? 162 GLY A N     1 
ATOM   587 C CA    . GLY A 1 78 ? 0.70992   -8.56967  -0.96339  1.000 12.70426 ? 162 GLY A CA    1 
ATOM   588 C C     . GLY A 1 78 ? -0.55596  -9.40559  -0.96910  1.000 12.06644 ? 162 GLY A C     1 
ATOM   589 O O     . GLY A 1 78 ? -1.16339  -9.63595  0.08080   1.000 12.49416 ? 162 GLY A O     1 
ATOM   590 N N     . PRO A 1 79 ? -0.99028  -9.86844  -2.13824  1.000 10.75683 ? 163 PRO A N     1 
ATOM   591 C CA    . PRO A 1 79 ? -2.18986  -10.71295 -2.17542  1.000 11.52891 ? 163 PRO A CA    1 
ATOM   592 C C     . PRO A 1 79 ? -2.03371  -11.92669 -1.26763  1.000 12.46940 ? 163 PRO A C     1 
ATOM   593 O O     . PRO A 1 79 ? -0.95963  -12.53117 -1.17766  1.000 13.93841 ? 163 PRO A O     1 
ATOM   594 C CB    . PRO A 1 79 ? -2.30634  -11.11542 -3.65034  1.000 10.93089 ? 163 PRO A CB    1 
ATOM   595 C CG    . PRO A 1 79 ? -1.54754  -10.07176 -4.40044  1.000 12.85478 ? 163 PRO A CG    1 
ATOM   596 C CD    . PRO A 1 79 ? -0.42123  -9.65153  -3.47738  1.000 14.14565 ? 163 PRO A CD    1 
ATOM   597 N N     . GLY A 1 80 ? -3.11315  -12.25861 -0.56657  1.000 12.24336 ? 164 GLY A N     1 
ATOM   598 C CA    . GLY A 1 80 ? -3.04942  -13.35845 0.37574   1.000 12.81262 ? 164 GLY A CA    1 
ATOM   599 C C     . GLY A 1 80 ? -2.21236  -13.06720 1.59986   1.000 11.61436 ? 164 GLY A C     1 
ATOM   600 O O     . GLY A 1 80 ? -1.71948  -14.00228 2.23915   1.000 12.48828 ? 164 GLY A O     1 
ATOM   601 N N     . GLY A 1 81 ? -2.01767  -11.78966 1.93207   1.000 12.35415 ? 165 GLY A N     1 
ATOM   602 C CA    . GLY A 1 81 ? -1.34488  -11.42758 3.16645   1.000 12.31034 ? 165 GLY A CA    1 
ATOM   603 C C     . GLY A 1 81 ? 0.15154   -11.62544 3.18026   1.000 13.38913 ? 165 GLY A C     1 
ATOM   604 O O     . GLY A 1 81 ? 0.75334   -11.55258 4.25695   1.000 13.83775 ? 165 GLY A O     1 
ATOM   605 N N     . VAL A 1 82 ? 0.77537   -11.86633 2.02807   1.000 12.58495 ? 166 VAL A N     1 
ATOM   606 C CA    . VAL A 1 82 ? 2.22205   -12.08346 1.95824   1.000 13.45908 ? 166 VAL A CA    1 
ATOM   607 C C     . VAL A 1 82 ? 2.93200   -10.73454 2.03743   1.000 13.01365 ? 166 VAL A C     1 
ATOM   608 O O     . VAL A 1 82 ? 2.27365   -9.68855  1.95821   1.000 14.68569 ? 166 VAL A O     1 
ATOM   609 C CB    . VAL A 1 82 ? 2.62587   -12.85189 0.68619   1.000 11.99701 ? 166 VAL A CB    1 
ATOM   610 C CG1   . VAL A 1 82 ? 1.92951   -14.21056 0.64130   1.000 13.23093 ? 166 VAL A CG1   1 
ATOM   611 C CG2   . VAL A 1 82 ? 2.32835   -12.04216 -0.57574  1.000 11.55801 ? 166 VAL A CG2   1 
ATOM   612 N N     . PRO A 1 83 ? 4.24912   -10.69659 2.21610   1.000 14.73396 ? 167 PRO A N     1 
ATOM   613 C CA    . PRO A 1 83 ? 4.93702   -9.40050  2.23137   1.000 13.02719 ? 167 PRO A CA    1 
ATOM   614 C C     . PRO A 1 83 ? 4.89987   -8.72223  0.87446   1.000 14.07829 ? 167 PRO A C     1 
ATOM   615 O O     . PRO A 1 83 ? 4.92757   -9.36338  -0.17991  1.000 12.73543 ? 167 PRO A O     1 
ATOM   616 C CB    . PRO A 1 83 ? 6.37398   -9.76033  2.62986   1.000 17.84300 ? 167 PRO A CB    1 
ATOM   617 C CG    . PRO A 1 83 ? 6.23482   -11.10224 3.36072   1.000 15.82357 ? 167 PRO A CG    1 
ATOM   618 C CD    . PRO A 1 83 ? 5.14690   -11.79954 2.60709   1.000 14.87306 ? 167 PRO A CD    1 
ATOM   619 N N     . VAL A 1 84 ? 4.84254   -7.39084  0.91331   1.000 13.34124 ? 168 VAL A N     1 
ATOM   620 C CA    . VAL A 1 84 ? 4.93628   -6.62400  -0.32234  1.000 12.83324 ? 168 VAL A CA    1 
ATOM   621 C C     . VAL A 1 84 ? 6.34294   -6.75303  -0.89726  1.000 12.98546 ? 168 VAL A C     1 
ATOM   622 O O     . VAL A 1 84 ? 7.27737   -7.21995  -0.23851  1.000 13.88905 ? 168 VAL A O     1 
ATOM   623 C CB    . VAL A 1 84 ? 4.57468   -5.14896  -0.08217  1.000 11.06841 ? 168 VAL A CB    1 
ATOM   624 C CG1   . VAL A 1 84 ? 3.14097   -5.02709  0.40584   1.000 12.03321 ? 168 VAL A CG1   1 
ATOM   625 C CG2   . VAL A 1 84 ? 5.54884   -4.52211  0.91896   1.000 12.94324 ? 168 VAL A CG2   1 
ATOM   626 N N     . LYS A 1 85 ? 6.49369   -6.31910  -2.14797  1.000 13.09200 ? 169 LYS A N     1 
ATOM   627 C CA    . LYS A 1 85 ? 7.82583   -6.26850  -2.74705  1.000 13.22681 ? 169 LYS A CA    1 
ATOM   628 C C     . LYS A 1 85 ? 8.62100   -5.07554  -2.23636  1.000 15.90879 ? 169 LYS A C     1 
ATOM   629 O O     . LYS A 1 85 ? 9.83870   -5.17715  -2.01947  1.000 15.51302 ? 169 LYS A O     1 
ATOM   630 C CB    . LYS A 1 85 ? 7.72679   -6.20046  -4.27021  1.000 16.18423 ? 169 LYS A CB    1 
ATOM   631 C CG    . LYS A 1 85 ? 7.21825   -7.45277  -4.92918  1.000 21.39219 ? 169 LYS A CG    1 
ATOM   632 C CD    . LYS A 1 85 ? 7.09582   -7.22901  -6.44068  1.000 27.68518 ? 169 LYS A CD    1 
ATOM   633 C CE    . LYS A 1 85 ? 8.46214   -7.11515  -7.14692  1.000 32.17211 ? 169 LYS A CE    1 
ATOM   634 N NZ    . LYS A 1 85 ? 9.28070   -8.36810  -7.18132  1.000 30.36709 ? 169 LYS A NZ    1 
ATOM   635 N N     . GLY A 1 86 ? 7.95896   -3.93166  -2.07154  1.000 14.14574 ? 170 GLY A N     1 
ATOM   636 C CA    . GLY A 1 86 ? 8.62300   -2.71710  -1.64867  1.000 13.30265 ? 170 GLY A CA    1 
ATOM   637 C C     . GLY A 1 86 ? 9.22154   -1.93625  -2.80901  1.000 14.88415 ? 170 GLY A C     1 
ATOM   638 O O     . GLY A 1 86 ? 9.30835   -2.39979  -3.94942  1.000 14.76350 ? 170 GLY A O     1 
ATOM   639 N N     . SER A 1 87 ? 9.64806   -0.71346  -2.49166  1.000 13.66712 ? 171 SER A N     1 
ATOM   640 C CA    . SER A 1 87 ? 10.14020  0.24838   -3.46897  1.000 12.64022 ? 171 SER A CA    1 
ATOM   641 C C     . SER A 1 87 ? 11.61742  0.05213   -3.79202  1.000 13.61684 ? 171 SER A C     1 
ATOM   642 O O     . SER A 1 87 ? 12.42002  -0.30872  -2.93140  1.000 13.70120 ? 171 SER A O     1 
ATOM   643 C CB    . SER A 1 87 ? 9.93669   1.67004   -2.95547  1.000 13.29721 ? 171 SER A CB    1 
ATOM   644 O OG    . SER A 1 87 ? 10.42163  2.62730   -3.88492  1.000 13.78568 ? 171 SER A OG    1 
ATOM   645 N N     . ARG A 1 88 ? 11.97385  0.35657   -5.04543  1.000 13.07116 ? 172 ARG A N     1 
ATOM   646 C CA    . ARG A 1 88 ? 13.37546  0.44119   -5.43579  1.000 13.02193 ? 172 ARG A CA    1 
ATOM   647 C C     . ARG A 1 88 ? 14.08806  1.58835   -4.73630  1.000 16.20120 ? 172 ARG A C     1 
ATOM   648 O O     . ARG A 1 88 ? 15.32043  1.60185   -4.68255  1.000 13.30588 ? 172 ARG A O     1 
ATOM   649 C CB    . ARG A 1 88 ? 13.47946  0.62718   -6.94756  1.000 14.65975 ? 172 ARG A CB    1 
ATOM   650 C CG    . ARG A 1 88 ? 13.16241  -0.62639  -7.72656  1.000 16.64124 ? 172 ARG A CG    1 
ATOM   651 C CD    . ARG A 1 88 ? 13.42511  -0.40064  -9.20445  1.000 18.05797 ? 172 ARG A CD    1 
ATOM   652 N NE    . ARG A 1 88 ? 13.15092  -1.59933  -9.98421  1.000 21.50380 ? 172 ARG A NE    1 
ATOM   653 C CZ    . ARG A 1 88 ? 12.65773  -1.57454  -11.21671 1.000 20.21673 ? 172 ARG A CZ    1 
ATOM   654 N NH1   . ARG A 1 88 ? 12.35443  -0.41149  -11.78000 1.000 16.80638 ? 172 ARG A NH1   1 
ATOM   655 N NH2   . ARG A 1 88 ? 12.42655  -2.71220  -11.86694 1.000 23.00181 ? 172 ARG A NH2   1 
ATOM   656 N N     . TYR A 1 89 ? 13.33450  2.55674   -4.21471  1.000 12.55586 ? 173 TYR A N     1 
ATOM   657 C CA    . TYR A 1 89 ? 13.89432  3.65791   -3.44500  1.000 13.58080 ? 173 TYR A CA    1 
ATOM   658 C C     . TYR A 1 89 ? 14.13977  3.27907   -1.99213  1.000 17.05885 ? 173 TYR A C     1 
ATOM   659 O O     . TYR A 1 89 ? 14.64044  4.10991   -1.22693  1.000 16.27447 ? 173 TYR A O     1 
ATOM   660 C CB    . TYR A 1 89 ? 12.96297  4.86824   -3.51803  1.000 14.46415 ? 173 TYR A CB    1 
ATOM   661 C CG    . TYR A 1 89 ? 12.95068  5.54600   -4.87492  1.000 14.63831 ? 173 TYR A CG    1 
ATOM   662 C CD1   . TYR A 1 89 ? 13.91280  6.48132   -5.21362  1.000 14.46531 ? 173 TYR A CD1   1 
ATOM   663 C CD2   . TYR A 1 89 ? 11.96029  5.25390   -5.81230  1.000 14.80601 ? 173 TYR A CD2   1 
ATOM   664 C CE1   . TYR A 1 89 ? 13.88839  7.11599   -6.45596  1.000 17.76964 ? 173 TYR A CE1   1 
ATOM   665 C CE2   . TYR A 1 89 ? 11.94161  5.86782   -7.05166  1.000 14.22065 ? 173 TYR A CE2   1 
ATOM   666 C CZ    . TYR A 1 89 ? 12.90203  6.80384   -7.36821  1.000 13.73446 ? 173 TYR A CZ    1 
ATOM   667 O OH    . TYR A 1 89 ? 12.88650  7.44239   -8.60986  1.000 17.00287 ? 173 TYR A OH    1 
ATOM   668 N N     . ALA A 1 90 ? 13.77450  2.06159   -1.59803  1.000 13.79217 ? 174 ALA A N     1 
ATOM   669 C CA    . ALA A 1 90 ? 14.11350  1.50381   -0.29253  1.000 17.62791 ? 174 ALA A CA    1 
ATOM   670 C C     . ALA A 1 90 ? 15.16645  0.42431   -0.49683  1.000 16.77241 ? 174 ALA A C     1 
ATOM   671 O O     . ALA A 1 90 ? 14.84326  -0.65413  -1.01700  1.000 18.90959 ? 174 ALA A O     1 
ATOM   672 C CB    . ALA A 1 90 ? 12.87625  0.92085   0.39302   1.000 14.27229 ? 174 ALA A CB    1 
ATOM   673 N N     . PRO A 1 91 ? 16.42179  0.65682   -0.12890  1.000 17.55008 ? 175 PRO A N     1 
ATOM   674 C CA    . PRO A 1 91 ? 17.47577  -0.31203  -0.46105  1.000 19.56693 ? 175 PRO A CA    1 
ATOM   675 C C     . PRO A 1 91 ? 17.25682  -1.66647  0.19400   1.000 20.86837 ? 175 PRO A C     1 
ATOM   676 O O     . PRO A 1 91 ? 16.67175  -1.77674  1.27206   1.000 18.88897 ? 175 PRO A O     1 
ATOM   677 C CB    . PRO A 1 91 ? 18.75193  0.35364   0.07030   1.000 23.44507 ? 175 PRO A CB    1 
ATOM   678 C CG    . PRO A 1 91 ? 18.41005  1.79253   0.22649   1.000 25.96968 ? 175 PRO A CG    1 
ATOM   679 C CD    . PRO A 1 91 ? 16.94956  1.83630   0.57357   1.000 18.99197 ? 175 PRO A CD    1 
ATOM   680 N N     . ASN A 1 92 ? 17.74427  -2.71316  -0.47177  1.000 22.60576 ? 176 ASN A N     1 
ATOM   681 C CA    . ASN A 1 92 ? 17.79524  -4.01809  0.17224   1.000 22.55872 ? 176 ASN A CA    1 
ATOM   682 C C     . ASN A 1 92 ? 18.89647  -4.03430  1.22929   1.000 23.88455 ? 176 ASN A C     1 
ATOM   683 O O     . ASN A 1 92 ? 19.90569  -3.33475  1.11589   1.000 26.90903 ? 176 ASN A O     1 
ATOM   684 C CB    . ASN A 1 92 ? 18.04951  -5.12629  -0.85483  1.000 21.24876 ? 176 ASN A CB    1 
ATOM   685 C CG    . ASN A 1 92 ? 16.90871  -5.29559  -1.84223  1.000 24.99795 ? 176 ASN A CG    1 
ATOM   686 O OD1   . ASN A 1 92 ? 15.76336  -4.91826  -1.56880  1.000 25.80978 ? 176 ASN A OD1   1 
ATOM   687 N ND2   . ASN A 1 92 ? 17.21565  -5.87542  -3.00051  1.000 24.84580 ? 176 ASN A ND2   1 
ATOM   688 N N     . ARG A 1 93 ? 18.69574  -4.84054  2.26628   1.000 24.50029 ? 177 ARG A N     1 
ATOM   689 C CA    . ARG A 1 93 ? 19.71572  -5.00932  3.28550   1.000 26.06871 ? 177 ARG A CA    1 
ATOM   690 C C     . ARG A 1 93 ? 20.94467  -5.65643  2.65961   1.000 30.90315 ? 177 ARG A C     1 
ATOM   691 O O     . ARG A 1 93 ? 22.09158  -5.39936  3.03250   1.000 32.89739 ? 177 ARG A O     1 
ATOM   692 C CB    . ARG A 1 93 ? 19.20312  -5.87028  4.43308   1.000 28.98519 ? 177 ARG A CB    1 
ATOM   693 C CG    . ARG A 1 93 ? 18.55430  -5.08415  5.53436   1.000 32.40018 ? 177 ARG A CG    1 
ATOM   694 C CD    . ARG A 1 93 ? 18.72713  -5.77431  6.87734   1.000 34.97060 ? 177 ARG A CD    1 
ATOM   695 N NE    . ARG A 1 93 ? 17.86444  -5.17515  7.88708   1.000 30.89937 ? 177 ARG A NE    1 
ATOM   696 C CZ    . ARG A 1 93 ? 16.53725  -5.25779  7.88014   1.000 28.02262 ? 177 ARG A CZ    1 
ATOM   697 N NH1   . ARG A 1 93 ? 15.83583  -4.66741  8.83812   1.000 26.36859 ? 177 ARG A NH1   1 
ATOM   698 N NH2   . ARG A 1 93 ? 15.91341  -5.96974  6.94838   1.000 31.15244 ? 177 ARG A NH2   1 
ATOM   699 O OXT   . ARG A 1 93 ? 20.80055  -6.46400  1.74727   1.000 26.15531 ? 177 ARG A OXT   1 
ATOM   700 O "O5'" . U   B 2 1  ? -5.81303  12.60525  -0.93123  1.000 23.63694 ? 1   U   B "O5'" 1 
ATOM   701 C "C5'" . U   B 2 1  ? -6.13963  13.97521  -0.70730  1.000 21.17672 ? 1   U   B "C5'" 1 
ATOM   702 C "C4'" . U   B 2 1  ? -4.93219  14.77993  -0.29002  1.000 19.79631 ? 1   U   B "C4'" 1 
ATOM   703 O "O4'" . U   B 2 1  ? -4.71414  14.62722  1.13878   1.000 20.78273 ? 1   U   B "O4'" 1 
ATOM   704 C "C3'" . U   B 2 1  ? -3.61251  14.39634  -0.96115  1.000 18.57863 ? 1   U   B "C3'" 1 
ATOM   705 O "O3'" . U   B 2 1  ? -2.83384  15.57658  -1.13579  1.000 19.06708 ? 1   U   B "O3'" 1 
ATOM   706 C "C2'" . U   B 2 1  ? -2.94111  13.52877  0.10165   1.000 18.07008 ? 1   U   B "C2'" 1 
ATOM   707 O "O2'" . U   B 2 1  ? -1.53487  13.45247  -0.00525  1.000 20.68182 ? 1   U   B "O2'" 1 
ATOM   708 C "C1'" . U   B 2 1  ? -3.37349  14.24960  1.37172   1.000 18.40702 ? 1   U   B "C1'" 1 
ATOM   709 N N1    . U   B 2 1  ? -3.30042  13.43744  2.59739   1.000 20.60072 ? 1   U   B N1    1 
ATOM   710 C C2    . U   B 2 1  ? -2.45709  13.87493  3.60707   1.000 27.06996 ? 1   U   B C2    1 
ATOM   711 O O2    . U   B 2 1  ? -1.78890  14.89630  3.52532   1.000 29.94143 ? 1   U   B O2    1 
ATOM   712 N N3    . U   B 2 1  ? -2.41073  13.07915  4.72605   1.000 25.02187 ? 1   U   B N3    1 
ATOM   713 C C4    . U   B 2 1  ? -3.11115  11.91088  4.93049   1.000 24.05065 ? 1   U   B C4    1 
ATOM   714 O O4    . U   B 2 1  ? -2.96433  11.29954  5.99646   1.000 25.39756 ? 1   U   B O4    1 
ATOM   715 C C5    . U   B 2 1  ? -3.96211  11.53252  3.84427   1.000 18.05094 ? 1   U   B C5    1 
ATOM   716 C C6    . U   B 2 1  ? -4.02584  12.27717  2.73526   1.000 17.05023 ? 1   U   B C6    1 
ATOM   717 P P     . C   B 2 2  ? -2.63994  16.20293  -2.59798  1.000 18.22411 ? 2   C   B P     1 
ATOM   718 O OP1   . C   B 2 2  ? -1.86084  17.45731  -2.42045  1.000 20.91838 ? 2   C   B OP1   1 
ATOM   719 O OP2   . C   B 2 2  ? -3.91656  16.18033  -3.35759  1.000 19.50526 ? 2   C   B OP2   1 
ATOM   720 O "O5'" . C   B 2 2  ? -1.68337  15.16292  -3.32067  1.000 16.75069 ? 2   C   B "O5'" 1 
ATOM   721 C "C5'" . C   B 2 2  ? -0.30234  15.06740  -2.99291  1.000 17.51097 ? 2   C   B "C5'" 1 
ATOM   722 C "C4'" . C   B 2 2  ? 0.49334   14.70154  -4.21981  1.000 15.09739 ? 2   C   B "C4'" 1 
ATOM   723 O "O4'" . C   B 2 2  ? -0.03913  13.46133  -4.76053  1.000 13.55025 ? 2   C   B "O4'" 1 
ATOM   724 C "C3'" . C   B 2 2  ? 0.42396   15.71850  -5.35945  1.000 14.70881 ? 2   C   B "C3'" 1 
ATOM   725 O "O3'" . C   B 2 2  ? 1.63979   15.64489  -6.09784  1.000 14.69301 ? 2   C   B "O3'" 1 
ATOM   726 C "C2'" . C   B 2 2  ? -0.72007  15.16866  -6.21254  1.000 15.27250 ? 2   C   B "C2'" 1 
ATOM   727 O "O2'" . C   B 2 2  ? -0.74040  15.60658  -7.55731  1.000 18.66965 ? 2   C   B "O2'" 1 
ATOM   728 C "C1'" . C   B 2 2  ? -0.47363  13.66785  -6.09422  1.000 14.15892 ? 2   C   B "C1'" 1 
ATOM   729 N N1    . C   B 2 2  ? -1.65954  12.81714  -6.32026  1.000 13.97127 ? 2   C   B N1    1 
ATOM   730 C C2    . C   B 2 2  ? -1.60139  11.80304  -7.27777  1.000 15.03251 ? 2   C   B C2    1 
ATOM   731 O O2    . C   B 2 2  ? -0.55750  11.66644  -7.93801  1.000 15.34954 ? 2   C   B O2    1 
ATOM   732 N N3    . C   B 2 2  ? -2.68903  11.01378  -7.48027  1.000 13.90706 ? 2   C   B N3    1 
ATOM   733 C C4    . C   B 2 2  ? -3.80120  11.19439  -6.74502  1.000 13.67885 ? 2   C   B C4    1 
ATOM   734 N N4    . C   B 2 2  ? -4.85824  10.39692  -6.95417  1.000 15.23013 ? 2   C   B N4    1 
ATOM   735 C C5    . C   B 2 2  ? -3.87817  12.21193  -5.75764  1.000 14.16129 ? 2   C   B C5    1 
ATOM   736 C C6    . C   B 2 2  ? -2.79507  12.98329  -5.57977  1.000 15.47080 ? 2   C   B C6    1 
ATOM   737 P P     . A   B 2 3  ? 2.68975   16.86207  -6.12721  1.000 17.23717 ? 3   A   B P     1 
ATOM   738 O OP1   . A   B 2 3  ? 2.06858   18.05357  -5.49404  1.000 18.50647 ? 3   A   B OP1   1 
ATOM   739 O OP2   . A   B 2 3  ? 3.23638   16.93926  -7.50545  1.000 19.07329 ? 3   A   B OP2   1 
ATOM   740 O "O5'" . A   B 2 3  ? 3.88799   16.36822  -5.20322  1.000 16.58238 ? 3   A   B "O5'" 1 
ATOM   741 C "C5'" . A   B 2 3  ? 3.74547   16.33407  -3.79238  1.000 15.30020 ? 3   A   B "C5'" 1 
ATOM   742 C "C4'" . A   B 2 3  ? 4.46813   15.14829  -3.20877  1.000 17.86546 ? 3   A   B "C4'" 1 
ATOM   743 O "O4'" . A   B 2 3  ? 3.81105   13.92802  -3.61457  1.000 16.12925 ? 3   A   B "O4'" 1 
ATOM   744 C "C3'" . A   B 2 3  ? 5.89278   14.97486  -3.68750  1.000 17.94298 ? 3   A   B "C3'" 1 
ATOM   745 O "O3'" . A   B 2 3  ? 6.78108   15.80990  -2.98109  1.000 19.60380 ? 3   A   B "O3'" 1 
ATOM   746 C "C2'" . A   B 2 3  ? 6.14331   13.48295  -3.49548  1.000 16.87126 ? 3   A   B "C2'" 1 
ATOM   747 O "O2'" . A   B 2 3  ? 6.41518   13.18953  -2.13095  1.000 16.37510 ? 3   A   B "O2'" 1 
ATOM   748 C "C1'" . A   B 2 3  ? 4.76848   12.90979  -3.82233  1.000 14.42243 ? 3   A   B "C1'" 1 
ATOM   749 N N9    . A   B 2 3  ? 4.63037   12.39645  -5.19980  1.000 13.77387 ? 3   A   B N9    1 
ATOM   750 C C8    . A   B 2 3  ? 3.70455   12.78236  -6.14633  1.000 15.10252 ? 3   A   B C8    1 
ATOM   751 N N7    . A   B 2 3  ? 3.78096   12.09232  -7.25872  1.000 15.32947 ? 3   A   B N7    1 
ATOM   752 C C5    . A   B 2 3  ? 4.82828   11.19878  -7.02659  1.000 13.66812 ? 3   A   B C5    1 
ATOM   753 C C6    . A   B 2 3  ? 5.41151   10.19109  -7.82275  1.000 12.88283 ? 3   A   B C6    1 
ATOM   754 N N6    . A   B 2 3  ? 5.00675   9.90260   -9.06652  1.000 13.02583 ? 3   A   B N6    1 
ATOM   755 N N1    . A   B 2 3  ? 6.41645   9.46619   -7.28784  1.000 13.99843 ? 3   A   B N1    1 
ATOM   756 C C2    . A   B 2 3  ? 6.83134   9.73640   -6.03755  1.000 13.41167 ? 3   A   B C2    1 
ATOM   757 N N3    . A   B 2 3  ? 6.36159   10.66132  -5.19667  1.000 15.25270 ? 3   A   B N3    1 
ATOM   758 C C4    . A   B 2 3  ? 5.34551   11.35811  -5.75681  1.000 12.26632 ? 3   A   B C4    1 
ATOM   759 P P     . U   B 2 4  ? 8.06023   16.38488  -3.74065  1.000 20.06963 ? 4   U   B P     1 
ATOM   760 O OP1   . U   B 2 4  ? 8.93860   17.05699  -2.74743  1.000 23.15084 ? 4   U   B OP1   1 
ATOM   761 O OP2   . U   B 2 4  ? 7.65772   17.12707  -4.95758  1.000 18.70706 ? 4   U   B OP2   1 
ATOM   762 O "O5'" . U   B 2 4  ? 8.72200   15.01899  -4.18738  1.000 22.78308 ? 4   U   B "O5'" 1 
ATOM   763 C "C5'" . U   B 2 4  ? 10.02782  14.95171  -4.67652  1.000 20.54281 ? 4   U   B "C5'" 1 
ATOM   764 C "C4'" . U   B 2 4  ? 10.24813  13.66432  -5.41468  1.000 13.71598 ? 4   U   B "C4'" 1 
ATOM   765 O "O4'" . U   B 2 4  ? 8.97965   13.12600  -5.92888  1.000 13.14096 ? 4   U   B "O4'" 1 
ATOM   766 C "C3'" . U   B 2 4  ? 11.14166  13.85754  -6.61978  1.000 12.43383 ? 4   U   B "C3'" 1 
ATOM   767 O "O3'" . U   B 2 4  ? 11.85602  12.65884  -6.84067  1.000 13.20704 ? 4   U   B "O3'" 1 
ATOM   768 C "C2'" . U   B 2 4  ? 10.13223  14.04888  -7.73814  1.000 14.04451 ? 4   U   B "C2'" 1 
ATOM   769 O "O2'" . U   B 2 4  ? 10.64374  13.81006  -9.02611  1.000 12.66541 ? 4   U   B "O2'" 1 
ATOM   770 C "C1'" . U   B 2 4  ? 9.05916   13.03705  -7.33990  1.000 13.29703 ? 4   U   B "C1'" 1 
ATOM   771 N N1    . U   B 2 4  ? 7.75914   13.32979  -7.96333  1.000 13.89059 ? 4   U   B N1    1 
ATOM   772 C C2    . U   B 2 4  ? 7.37817   12.54314  -9.03536  1.000 14.34681 ? 4   U   B C2    1 
ATOM   773 O O2    . U   B 2 4  ? 8.04021   11.58733  -9.43119  1.000 11.92644 ? 4   U   B O2    1 
ATOM   774 N N3    . U   B 2 4  ? 6.17803   12.89837  -9.61536  1.000 13.19158 ? 4   U   B N3    1 
ATOM   775 C C4    . U   B 2 4  ? 5.37451   13.96849  -9.25025  1.000 17.09022 ? 4   U   B C4    1 
ATOM   776 O O4    . U   B 2 4  ? 4.32803   14.19633  -9.86966  1.000 16.40414 ? 4   U   B O4    1 
ATOM   777 C C5    . U   B 2 4  ? 5.86000   14.74299  -8.14732  1.000 14.72780 ? 4   U   B C5    1 
ATOM   778 C C6    . U   B 2 4  ? 7.01323   14.41253  -7.56322  1.000 14.45043 ? 4   U   B C6    1 
HETATM 779 P P     . 5MC B 2 5  ? 13.23812  12.68004  -7.64885  1.000 14.83562 ? 5   5MC B P     1 
HETATM 780 O OP1   . 5MC B 2 5  ? 13.74158  14.10286  -7.81133  1.000 14.91628 ? 5   5MC B OP1   1 
HETATM 781 O OP2   . 5MC B 2 5  ? 13.06496  11.79446  -8.85147  1.000 14.74676 ? 5   5MC B OP2   1 
HETATM 782 O "O5'" . 5MC B 2 5  ? 14.20545  11.90762  -6.64342  1.000 14.90413 ? 5   5MC B "O5'" 1 
HETATM 783 C "C5'" . 5MC B 2 5  ? 14.77601  12.58954  -5.53663  1.000 13.79485 ? 5   5MC B "C5'" 1 
HETATM 784 C "C4'" . 5MC B 2 5  ? 14.76217  11.73441  -4.29635  1.000 15.38160 ? 5   5MC B "C4'" 1 
HETATM 785 O "O4'" . 5MC B 2 5  ? 13.40540  11.55614  -3.83155  1.000 13.34570 ? 5   5MC B "O4'" 1 
HETATM 786 C "C3'" . 5MC B 2 5  ? 15.26470  10.31393  -4.45431  1.000 14.21134 ? 5   5MC B "C3'" 1 
HETATM 787 O "O3'" . 5MC B 2 5  ? 16.67651  10.23358  -4.50657  1.000 16.12364 ? 5   5MC B "O3'" 1 
HETATM 788 C "C2'" . 5MC B 2 5  ? 14.65870  9.62094   -3.23982  1.000 15.12676 ? 5   5MC B "C2'" 1 
HETATM 789 O "O2'" . 5MC B 2 5  ? 15.41603  9.90810   -2.07011  1.000 15.23915 ? 5   5MC B "O2'" 1 
HETATM 790 C "C1'" . 5MC B 2 5  ? 13.30943  10.33536  -3.12976  1.000 12.44939 ? 5   5MC B "C1'" 1 
HETATM 791 N N1    . 5MC B 2 5  ? 12.24059  9.55298   -3.76331  1.000 13.35683 ? 5   5MC B N1    1 
HETATM 792 C C2    . 5MC B 2 5  ? 11.60992  8.51238   -2.97856  1.000 12.61999 ? 5   5MC B C2    1 
HETATM 793 O O2    . 5MC B 2 5  ? 11.96871  8.29533   -1.83421  1.000 12.89408 ? 5   5MC B O2    1 
HETATM 794 N N3    . 5MC B 2 5  ? 10.54746  7.74197   -3.59424  1.000 13.20830 ? 5   5MC B N3    1 
HETATM 795 C C4    . 5MC B 2 5  ? 10.15714  7.98582   -4.92714  1.000 13.40517 ? 5   5MC B C4    1 
HETATM 796 N N4    . 5MC B 2 5  ? 9.12684   7.22089   -5.50217  1.000 13.25508 ? 5   5MC B N4    1 
HETATM 797 C C5    . 5MC B 2 5  ? 10.79992  9.03586   -5.71518  1.000 12.36681 ? 5   5MC B C5    1 
HETATM 798 C C6    . 5MC B 2 5  ? 11.87481  9.82712   -5.10160  1.000 10.46933 ? 5   5MC B C6    1 
HETATM 799 C CM5   . 5MC B 2 5  ? 10.35923  9.29890   -7.13474  1.000 13.62219 ? 5   5MC B CM5   1 
ATOM   800 P P     . U   B 2 6  ? 17.37553  9.25325   -5.56453  1.000 15.69457 ? 6   U   B P     1 
ATOM   801 O OP1   . U   B 2 6  ? 18.82651  9.52044   -5.46894  1.000 17.98046 ? 6   U   B OP1   1 
ATOM   802 O OP2   . U   B 2 6  ? 16.67094  9.35705   -6.86730  1.000 16.42122 ? 6   U   B OP2   1 
ATOM   803 O "O5'" . U   B 2 6  ? 17.06351  7.79225   -5.00548  1.000 16.79966 ? 6   U   B "O5'" 1 
ATOM   804 C "C5'" . U   B 2 6  ? 17.49490  7.39926   -3.70815  1.000 16.04009 ? 6   U   B "C5'" 1 
ATOM   805 C "C4'" . U   B 2 6  ? 18.35159  6.15985   -3.76937  1.000 16.36431 ? 6   U   B "C4'" 1 
ATOM   806 O "O4'" . U   B 2 6  ? 17.57456  5.08515   -4.36725  1.000 17.10920 ? 6   U   B "O4'" 1 
ATOM   807 C "C3'" . U   B 2 6  ? 19.62944  6.29393   -4.60576  1.000 17.27077 ? 6   U   B "C3'" 1 
ATOM   808 O "O3'" . U   B 2 6  ? 20.71650  5.62258   -3.97134  1.000 18.86013 ? 6   U   B "O3'" 1 
ATOM   809 C "C2'" . U   B 2 6  ? 19.26625  5.58564   -5.90836  1.000 19.61409 ? 6   U   B "C2'" 1 
ATOM   810 O "O2'" . U   B 2 6  ? 20.36621  5.05532   -6.62491  1.000 23.52178 ? 6   U   B "O2'" 1 
ATOM   811 C "C1'" . U   B 2 6  ? 18.31881  4.49323   -5.41660  1.000 19.60038 ? 6   U   B "C1'" 1 
ATOM   812 N N1    . U   B 2 6  ? 17.40252  4.02337   -6.46957  1.000 17.26752 ? 6   U   B N1    1 
ATOM   813 C C2    . U   B 2 6  ? 17.48382  2.70093   -6.88769  1.000 18.21077 ? 6   U   B C2    1 
ATOM   814 O O2    . U   B 2 6  ? 18.25573  1.90135   -6.39578  1.000 23.00416 ? 6   U   B O2    1 
ATOM   815 N N3    . U   B 2 6  ? 16.64423  2.34701   -7.90726  1.000 16.24183 ? 6   U   B N3    1 
ATOM   816 C C4    . U   B 2 6  ? 15.73908  3.17105   -8.53350  1.000 17.47307 ? 6   U   B C4    1 
ATOM   817 O O4    . U   B 2 6  ? 15.04051  2.71326   -9.43155  1.000 21.41186 ? 6   U   B O4    1 
ATOM   818 C C5    . U   B 2 6  ? 15.70987  4.52356   -8.06023  1.000 15.73009 ? 6   U   B C5    1 
ATOM   819 C C6    . U   B 2 6  ? 16.52692  4.89902   -7.07300  1.000 17.10567 ? 6   U   B C6    1 
HETATM 820 S S     . SO4 C 3 .  ? 3.66534   -8.13304  -8.49470  1.000 18.50737 ? 201 SO4 A S     1 
HETATM 821 O O1    . SO4 C 3 .  ? 2.94794   -7.91384  -9.75061  1.000 21.08059 ? 201 SO4 A O1    1 
HETATM 822 O O2    . SO4 C 3 .  ? 3.40080   -7.02909  -7.58318  1.000 20.21582 ? 201 SO4 A O2    1 
HETATM 823 O O3    . SO4 C 3 .  ? 5.09556   -8.16224  -8.80942  1.000 23.18502 ? 201 SO4 A O3    1 
HETATM 824 O O4    . SO4 C 3 .  ? 3.28878   -9.40031  -7.88850  1.000 22.32398 ? 201 SO4 A O4    1 
HETATM 825 S S     . SO4 D 3 .  ? 5.48997   -2.10717  12.64342  1.000 43.33283 ? 202 SO4 A S     1 
HETATM 826 O O1    . SO4 D 3 .  ? 4.41962   -1.58962  11.79138  1.000 43.98453 ? 202 SO4 A O1    1 
HETATM 827 O O2    . SO4 D 3 .  ? 5.66901   -1.21019  13.78593  1.000 43.21723 ? 202 SO4 A O2    1 
HETATM 828 O O3    . SO4 D 3 .  ? 6.73727   -2.18120  11.87519  1.000 39.26048 ? 202 SO4 A O3    1 
HETATM 829 O O4    . SO4 D 3 .  ? 5.12303   -3.43613  13.11879  1.000 40.10020 ? 202 SO4 A O4    1 
HETATM 830 O O     . HOH E 4 .  ? -8.32322  -3.10780  9.09163   1.000 39.57599 ? 301 HOH A O     1 
HETATM 831 O O     . HOH E 4 .  ? 11.74308  -10.83004 0.76212   1.000 34.38859 ? 302 HOH A O     1 
HETATM 832 O O     . HOH E 4 .  ? -5.03179  11.46309  11.32773  1.000 37.41765 ? 303 HOH A O     1 
HETATM 833 O O     . HOH E 4 .  ? -6.47217  10.83844  6.98029   1.000 27.60311 ? 304 HOH A O     1 
HETATM 834 O O     . HOH E 4 .  ? 8.47890   3.62491   -5.19212  1.000 23.15056 ? 305 HOH A O     1 
HETATM 835 O O     . HOH E 4 .  ? 4.61635   0.06002   7.48316   1.000 17.53866 ? 306 HOH A O     1 
HETATM 836 O O     . HOH E 4 .  ? -3.22306  -3.95105  -12.42669 1.000 20.25016 ? 307 HOH A O     1 
HETATM 837 O O     . HOH E 4 .  ? -12.80738 11.11053  4.16138   1.000 25.25326 ? 308 HOH A O     1 
HETATM 838 O O     . HOH E 4 .  ? -15.07367 9.40146   1.38575   1.000 30.82861 ? 309 HOH A O     1 
HETATM 839 O O     . HOH E 4 .  ? 1.62919   -10.16671 -6.06658  1.000 15.90976 ? 310 HOH A O     1 
HETATM 840 O O     . HOH E 4 .  ? 7.96681   7.20222   -8.06594  1.000 13.42167 ? 311 HOH A O     1 
HETATM 841 O O     . HOH E 4 .  ? -7.86622  10.58612  3.59222   1.000 22.54781 ? 312 HOH A O     1 
HETATM 842 O O     . HOH E 4 .  ? -17.38433 4.96060   -7.21878  1.000 28.33747 ? 313 HOH A O     1 
HETATM 843 O O     . HOH E 4 .  ? 2.91619   -5.69622  10.92315  1.000 32.82801 ? 314 HOH A O     1 
HETATM 844 O O     . HOH E 4 .  ? -9.54013  12.17060  -1.69692  1.000 33.87558 ? 315 HOH A O     1 
HETATM 845 O O     . HOH E 4 .  ? -15.56123 7.03784   -8.58450  1.000 34.43320 ? 316 HOH A O     1 
HETATM 846 O O     . HOH E 4 .  ? 6.80833   13.25261  5.12682   1.000 23.87860 ? 317 HOH A O     1 
HETATM 847 O O     . HOH E 4 .  ? 10.40768  -1.40901  1.99196   1.000 13.42861 ? 318 HOH A O     1 
HETATM 848 O O     . HOH E 4 .  ? 17.38186  13.94445  2.43356   1.000 25.71723 ? 319 HOH A O     1 
HETATM 849 O O     . HOH E 4 .  ? 3.19234   -7.31707  -4.63074  1.000 14.77266 ? 320 HOH A O     1 
HETATM 850 O O     . HOH E 4 .  ? 2.77871   0.42539   11.14869  1.000 30.57888 ? 321 HOH A O     1 
HETATM 851 O O     . HOH E 4 .  ? 13.39841  -5.43277  8.03676   1.000 38.36260 ? 322 HOH A O     1 
HETATM 852 O O     . HOH E 4 .  ? 1.72007   -5.57502  -10.23618 1.000 15.99077 ? 323 HOH A O     1 
HETATM 853 O O     . HOH E 4 .  ? 15.13121  -0.24824  2.85493   1.000 16.48440 ? 324 HOH A O     1 
HETATM 854 O O     . HOH E 4 .  ? 8.63852   -9.43930  -0.90567  1.000 20.36839 ? 325 HOH A O     1 
HETATM 855 O O     . HOH E 4 .  ? 14.67935  9.45151   -8.70222  1.000 17.29415 ? 326 HOH A O     1 
HETATM 856 O O     . HOH E 4 .  ? -12.98144 -6.14049  -1.57686  1.000 21.75849 ? 327 HOH A O     1 
HETATM 857 O O     . HOH E 4 .  ? -15.63146 3.65122   -3.71891  1.000 18.91074 ? 328 HOH A O     1 
HETATM 858 O O     . HOH E 4 .  ? -4.13790  6.34228   -11.11072 1.000 23.49323 ? 329 HOH A O     1 
HETATM 859 O O     . HOH E 4 .  ? -4.65689  18.12023  7.77799   1.000 33.96140 ? 330 HOH A O     1 
HETATM 860 O O     . HOH E 4 .  ? -16.62533 6.92512   1.68881   1.000 35.48573 ? 331 HOH A O     1 
HETATM 861 O O     . HOH E 4 .  ? 8.49091   5.39261   3.85537   1.000 19.85069 ? 332 HOH A O     1 
HETATM 862 O O     . HOH E 4 .  ? -6.50465  6.20624   7.41583   1.000 34.67238 ? 333 HOH A O     1 
HETATM 863 O O     . HOH E 4 .  ? -6.27343  -0.72106  -11.08135 1.000 20.86658 ? 334 HOH A O     1 
HETATM 864 O O     . HOH E 4 .  ? -3.24294  4.97398   4.87289   1.000 13.18705 ? 335 HOH A O     1 
HETATM 865 O O     . HOH E 4 .  ? -7.20601  -6.86037  3.60044   1.000 25.06092 ? 336 HOH A O     1 
HETATM 866 O O     . HOH E 4 .  ? 12.95390  10.04310  4.88002   1.000 15.69601 ? 337 HOH A O     1 
HETATM 867 O O     . HOH E 4 .  ? 19.76084  -6.09435  -3.97440  1.000 33.09657 ? 338 HOH A O     1 
HETATM 868 O O     . HOH E 4 .  ? 0.61929   -13.36602 -3.24938  1.000 14.42620 ? 339 HOH A O     1 
HETATM 869 O O     . HOH E 4 .  ? -7.37912  8.84877   -0.71897  1.000 16.44567 ? 340 HOH A O     1 
HETATM 870 O O     . HOH E 4 .  ? 7.52766   -9.37350  -9.24471  1.000 26.73605 ? 341 HOH A O     1 
HETATM 871 O O     . HOH E 4 .  ? -12.28707 4.58209   -3.00201  1.000 19.39541 ? 342 HOH A O     1 
HETATM 872 O O     . HOH E 4 .  ? -2.55801  -1.23235  8.85574   1.000 29.73563 ? 343 HOH A O     1 
HETATM 873 O O     . HOH E 4 .  ? 13.72915  -3.15879  -5.00009  1.000 20.74261 ? 344 HOH A O     1 
HETATM 874 O O     . HOH E 4 .  ? 6.36334   -8.81778  6.62634   1.000 25.85396 ? 345 HOH A O     1 
HETATM 875 O O     . HOH E 4 .  ? -10.23476 -9.32364  6.00182   1.000 27.63804 ? 346 HOH A O     1 
HETATM 876 O O     . HOH E 4 .  ? 3.68897   -9.44157  -2.69598  1.000 15.80962 ? 347 HOH A O     1 
HETATM 877 O O     . HOH E 4 .  ? -4.99924  13.55237  6.89298   1.000 33.05086 ? 348 HOH A O     1 
HETATM 878 O O     . HOH E 4 .  ? -15.14421 -5.85136  0.92619   1.000 26.36710 ? 349 HOH A O     1 
HETATM 879 O O     . HOH E 4 .  ? 6.09841   -5.52408  8.28581   1.000 26.44003 ? 350 HOH A O     1 
HETATM 880 O O     . HOH E 4 .  ? 8.38275   -0.98140  -8.13543  1.000 19.03728 ? 351 HOH A O     1 
HETATM 881 O O     . HOH E 4 .  ? 6.53380   -11.47642 -1.16731  1.000 27.21156 ? 352 HOH A O     1 
HETATM 882 O O     . HOH E 4 .  ? 11.18681  -3.83287  -5.52428  1.000 25.45857 ? 353 HOH A O     1 
HETATM 883 O O     . HOH E 4 .  ? 5.82292   15.57305  1.71358   1.000 25.13583 ? 354 HOH A O     1 
HETATM 884 O O     . HOH E 4 .  ? 8.31283   -3.07724  2.30749   1.000 15.22171 ? 355 HOH A O     1 
HETATM 885 O O     . HOH E 4 .  ? -5.93941  -7.92387  -8.32680  1.000 25.86857 ? 356 HOH A O     1 
HETATM 886 O O     . HOH E 4 .  ? 11.10472  -4.99819  6.74131   1.000 25.06676 ? 357 HOH A O     1 
HETATM 887 O O     . HOH E 4 .  ? 14.13790  1.80585   -12.01096 1.000 16.38946 ? 358 HOH A O     1 
HETATM 888 O O     . HOH E 4 .  ? -4.14886  -7.37320  3.31684   1.000 24.93733 ? 359 HOH A O     1 
HETATM 889 O O     . HOH E 4 .  ? -14.11841 3.70589   7.96765   1.000 23.23041 ? 360 HOH A O     1 
HETATM 890 O O     . HOH E 4 .  ? -7.86705  -10.18581 -1.98446  1.000 24.99994 ? 361 HOH A O     1 
HETATM 891 O O     . HOH E 4 .  ? -3.39947  -6.03011  -10.28981 1.000 16.38696 ? 362 HOH A O     1 
HETATM 892 O O     . HOH E 4 .  ? -7.92446  9.68251   -3.16502  1.000 19.16344 ? 363 HOH A O     1 
HETATM 893 O O     . HOH E 4 .  ? -10.68056 7.07621   -3.23879  1.000 23.29551 ? 364 HOH A O     1 
HETATM 894 O O     . HOH E 4 .  ? -12.69303 -5.55476  -4.43485  1.000 18.36046 ? 365 HOH A O     1 
HETATM 895 O O     . HOH E 4 .  ? -0.07082  -1.43555  9.45096   1.000 27.11669 ? 366 HOH A O     1 
HETATM 896 O O     . HOH E 4 .  ? 9.72091   8.04003   5.58940   1.000 31.93150 ? 367 HOH A O     1 
HETATM 897 O O     . HOH E 4 .  ? 5.53329   -8.31606  9.21950   1.000 24.64380 ? 368 HOH A O     1 
HETATM 898 O O     . HOH E 4 .  ? 6.25474   -5.52229  -9.34567  1.000 31.58150 ? 369 HOH A O     1 
HETATM 899 O O     . HOH E 4 .  ? 17.50352  2.33509   -2.84977  1.000 25.55776 ? 370 HOH A O     1 
HETATM 900 O O     . HOH E 4 .  ? -14.02086 -8.98934  0.83713   1.000 22.13634 ? 371 HOH A O     1 
HETATM 901 O O     . HOH E 4 .  ? 11.51134  -6.32939  -4.16674  1.000 21.92667 ? 372 HOH A O     1 
HETATM 902 O O     . HOH E 4 .  ? 11.22441  6.15385   5.01002   1.000 27.06600 ? 373 HOH A O     1 
HETATM 903 O O     . HOH E 4 .  ? 10.31749  -10.51829 -5.42147  1.000 27.20079 ? 374 HOH A O     1 
HETATM 904 O O     . HOH E 4 .  ? -6.63801  -12.90114 -1.74760  1.000 38.35263 ? 375 HOH A O     1 
HETATM 905 O O     . HOH E 4 .  ? 7.87610   -3.29210  -6.45275  1.000 27.22192 ? 376 HOH A O     1 
HETATM 906 O O     . HOH E 4 .  ? -15.37763 2.73250   -1.03002  1.000 27.50169 ? 377 HOH A O     1 
HETATM 907 O O     . HOH E 4 .  ? 9.84660   1.18419   -7.07726  1.000 16.38128 ? 378 HOH A O     1 
HETATM 908 O O     . HOH E 4 .  ? -3.66443  8.85841   -12.71487 1.000 30.17337 ? 379 HOH A O     1 
HETATM 909 O O     . HOH E 4 .  ? -2.12023  2.04018   -10.73472 1.000 20.18487 ? 380 HOH A O     1 
HETATM 910 O O     . HOH E 4 .  ? 9.29492   -6.80637  7.59164   1.000 31.51085 ? 381 HOH A O     1 
HETATM 911 O O     . HOH E 4 .  ? 5.33378   -9.78184  -5.36768  1.000 28.79803 ? 382 HOH A O     1 
HETATM 912 O O     . HOH E 4 .  ? 10.53847  -9.04633  -3.11199  1.000 28.29821 ? 383 HOH A O     1 
HETATM 913 O O     . HOH E 4 .  ? -16.27116 11.15096  4.96757   1.000 28.92944 ? 384 HOH A O     1 
HETATM 914 O O     . HOH E 4 .  ? 13.17348  -10.06454 -2.31967  1.000 39.26058 ? 385 HOH A O     1 
HETATM 915 O O     . HOH E 4 .  ? 3.53481   -12.97787 8.45182   1.000 28.76381 ? 386 HOH A O     1 
HETATM 916 O O     . HOH E 4 .  ? 1.49396   12.04835  5.28110   1.000 28.43108 ? 387 HOH A O     1 
HETATM 917 O O     . HOH E 4 .  ? 12.94562  -4.94721  11.83703  1.000 35.92324 ? 388 HOH A O     1 
HETATM 918 O O     . HOH E 4 .  ? 3.87209   8.59208   11.39495  1.000 38.13300 ? 389 HOH A O     1 
HETATM 919 O O     . HOH E 4 .  ? 13.29882  -17.36967 2.12123   1.000 42.08870 ? 390 HOH A O     1 
HETATM 920 O O     . HOH E 4 .  ? -0.15547  4.80305   -12.72010 1.000 18.32204 ? 391 HOH A O     1 
HETATM 921 O O     . HOH E 4 .  ? -2.57438  7.37794   8.82036   1.000 36.08768 ? 392 HOH A O     1 
HETATM 922 O O     . HOH E 4 .  ? 21.88668  0.43728   1.98250   1.000 33.34099 ? 393 HOH A O     1 
HETATM 923 O O     . HOH E 4 .  ? -2.97285  4.21398   -12.07576 1.000 39.72480 ? 394 HOH A O     1 
HETATM 924 O O     . HOH E 4 .  ? 11.65529  -17.18762 4.01050   1.000 38.48727 ? 395 HOH A O     1 
HETATM 925 O O     . HOH E 4 .  ? 7.63929   -11.24435 7.18625   1.000 37.35315 ? 396 HOH A O     1 
HETATM 926 O O     . HOH E 4 .  ? -14.98409 4.67671   -14.39295 1.000 39.62621 ? 397 HOH A O     1 
HETATM 927 O O     . HOH E 4 .  ? -15.68783 1.50071   -14.83890 1.000 37.49500 ? 398 HOH A O     1 
HETATM 928 O O     . HOH F 4 .  ? 1.07318   15.10156  -9.16555  1.000 34.72964 ? 101 HOH B O     1 
HETATM 929 O O     . HOH F 4 .  ? -0.04520  15.36892  0.59238   1.000 25.01608 ? 102 HOH B O     1 
HETATM 930 O O     . HOH F 4 .  ? -1.56195  17.94083  0.09545   1.000 34.64269 ? 103 HOH B O     1 
HETATM 931 O O     . HOH F 4 .  ? -3.07493  8.77590   6.61937   1.000 26.82850 ? 104 HOH B O     1 
HETATM 932 O O     . HOH F 4 .  ? 20.40176  6.48890   -8.85844  1.000 28.64184 ? 105 HOH B O     1 
HETATM 933 O O     . HOH F 4 .  ? 13.25596  16.55373  -6.89868  1.000 16.34167 ? 106 HOH B O     1 
HETATM 934 O O     . HOH F 4 .  ? 23.09869  5.74137   -5.15641  1.000 32.32622 ? 107 HOH B O     1 
HETATM 935 O O     . HOH F 4 .  ? 9.71515   18.60522  -5.87413  1.000 20.51105 ? 108 HOH B O     1 
HETATM 936 O O     . HOH F 4 .  ? 16.40892  14.37068  -8.13234  1.000 24.89355 ? 109 HOH B O     1 
HETATM 937 O O     . HOH F 4 .  ? -6.97614  12.28236  -3.34734  1.000 24.57661 ? 110 HOH B O     1 
HETATM 938 O O     . HOH F 4 .  ? 14.99023  12.07665  -10.77814 1.000 31.19155 ? 111 HOH B O     1 
HETATM 939 O O     . HOH F 4 .  ? -6.54876  10.84959  1.05754   1.000 17.89523 ? 112 HOH B O     1 
HETATM 940 O O     . HOH F 4 .  ? 20.04367  3.29857   -2.63884  1.000 32.06041 ? 113 HOH B O     1 
HETATM 941 O O     . HOH F 4 .  ? 1.27790   19.10985  -3.05895  1.000 35.11091 ? 114 HOH B O     1 
HETATM 942 O O     . HOH F 4 .  ? -2.02133  18.05760  -7.31270  1.000 20.76270 ? 115 HOH B O     1 
HETATM 943 O O     . HOH F 4 .  ? 14.44812  7.18911   -1.07810  1.000 13.82001 ? 116 HOH B O     1 
HETATM 944 O O     . HOH F 4 .  ? -5.96506  14.68483  -4.61190  1.000 19.82132 ? 117 HOH B O     1 
HETATM 945 O O     . HOH F 4 .  ? 1.77134   12.51735  -9.32394  1.000 18.08991 ? 118 HOH B O     1 
HETATM 946 O O     . HOH F 4 .  ? 12.16462  3.19899   -9.47592  1.000 23.80258 ? 119 HOH B O     1 
HETATM 947 O O     . HOH F 4 .  ? 5.83836   18.26359  -7.37395  1.000 31.66769 ? 120 HOH B O     1 
HETATM 948 O O     . HOH F 4 .  ? 11.18922  12.73009  -2.30321  1.000 12.80978 ? 121 HOH B O     1 
HETATM 949 O O     . HOH F 4 .  ? 3.18358   14.58788  -12.62227 1.000 29.47559 ? 122 HOH B O     1 
HETATM 950 O O     . HOH F 4 .  ? 11.24697  15.43461  -1.57132  1.000 22.27253 ? 123 HOH B O     1 
HETATM 951 O O     . HOH F 4 .  ? 1.17502   14.23011  3.16538   1.000 32.36705 ? 124 HOH B O     1 
HETATM 952 O O     . HOH F 4 .  ? 16.56157  12.66263  -1.36353  1.000 23.96051 ? 125 HOH B O     1 
HETATM 953 O O     . HOH F 4 .  ? -3.51251  18.05258  -9.80175  1.000 35.39082 ? 126 HOH B O     1 
HETATM 954 O O     . HOH F 4 .  ? 17.75808  15.70935  -6.08817  1.000 40.82635 ? 127 HOH B O     1 
# 
loop_
_pdbx_poly_seq_scheme.asym_id 
_pdbx_poly_seq_scheme.entity_id 
_pdbx_poly_seq_scheme.seq_id 
_pdbx_poly_seq_scheme.mon_id 
_pdbx_poly_seq_scheme.ndb_seq_num 
_pdbx_poly_seq_scheme.pdb_seq_num 
_pdbx_poly_seq_scheme.auth_seq_num 
_pdbx_poly_seq_scheme.pdb_mon_id 
_pdbx_poly_seq_scheme.auth_mon_id 
_pdbx_poly_seq_scheme.pdb_strand_id 
_pdbx_poly_seq_scheme.pdb_ins_code 
_pdbx_poly_seq_scheme.hetero 
A 1 1  ALA 1  85  ?   ?   ?   A . n 
A 1 2  ASP 2  86  ?   ?   ?   A . n 
A 1 3  LYS 3  87  ?   ?   ?   A . n 
A 1 4  PRO 4  88  88  PRO PRO A . n 
A 1 5  VAL 5  89  89  VAL VAL A . n 
A 1 6  LEU 6  90  90  LEU LEU A . n 
A 1 7  ALA 7  91  91  ALA ALA A . n 
A 1 8  THR 8  92  92  THR THR A . n 
A 1 9  LYS 9  93  93  LYS LYS A . n 
A 1 10 VAL 10 94  94  VAL VAL A . n 
A 1 11 LEU 11 95  95  LEU LEU A . n 
A 1 12 GLY 12 96  96  GLY GLY A . n 
A 1 13 THR 13 97  97  THR THR A . n 
A 1 14 VAL 14 98  98  VAL VAL A . n 
A 1 15 LYS 15 99  99  LYS LYS A . n 
A 1 16 TRP 16 100 100 TRP TRP A . n 
A 1 17 PHE 17 101 101 PHE PHE A . n 
A 1 18 ASN 18 102 102 ASN ASN A . n 
A 1 19 VAL 19 103 103 VAL VAL A . n 
A 1 20 ARG 20 104 104 ARG ARG A . n 
A 1 21 ASN 21 105 105 ASN ASN A . n 
A 1 22 GLY 22 106 106 GLY GLY A . n 
A 1 23 TYR 23 107 107 TYR TYR A . n 
A 1 24 GLY 24 108 108 GLY GLY A . n 
A 1 25 PHE 25 109 109 PHE PHE A . n 
A 1 26 ILE 26 110 110 ILE ILE A . n 
A 1 27 ASN 27 111 111 ASN ASN A . n 
A 1 28 ARG 28 112 112 ARG ARG A . n 
A 1 29 ASN 29 113 113 ASN ASN A . n 
A 1 30 ASP 30 114 114 ASP ASP A . n 
A 1 31 THR 31 115 115 THR THR A . n 
A 1 32 LYS 32 116 116 LYS LYS A . n 
A 1 33 GLU 33 117 117 GLU GLU A . n 
A 1 34 ASP 34 118 118 ASP ASP A . n 
A 1 35 VAL 35 119 119 VAL VAL A . n 
A 1 36 PHE 36 120 120 PHE PHE A . n 
A 1 37 VAL 37 121 121 VAL VAL A . n 
A 1 38 HIS 38 122 122 HIS HIS A . n 
A 1 39 GLN 39 123 123 GLN GLN A . n 
A 1 40 THR 40 124 124 THR THR A . n 
A 1 41 ALA 41 125 125 ALA ALA A . n 
A 1 42 ILE 42 126 126 ILE ILE A . n 
A 1 43 LYS 43 127 127 LYS LYS A . n 
A 1 44 ARG 44 128 128 ARG ARG A . n 
A 1 45 ASN 45 129 129 ASN ASN A . n 
A 1 46 ASN 46 130 130 ASN ASN A . n 
A 1 47 PRO 47 131 131 PRO PRO A . n 
A 1 48 ARG 48 132 132 ARG ARG A . n 
A 1 49 LYS 49 133 133 LYS LYS A . n 
A 1 50 PHE 50 134 134 PHE PHE A . n 
A 1 51 LEU 51 135 135 LEU LEU A . n 
A 1 52 ARG 52 136 136 ARG ARG A . n 
A 1 53 SER 53 137 137 SER SER A . n 
A 1 54 VAL 54 138 138 VAL VAL A . n 
A 1 55 GLY 55 139 139 GLY GLY A . n 
A 1 56 ASP 56 140 140 ASP ASP A . n 
A 1 57 GLY 57 141 141 GLY GLY A . n 
A 1 58 GLU 58 142 142 GLU GLU A . n 
A 1 59 THR 59 143 143 THR THR A . n 
A 1 60 VAL 60 144 144 VAL VAL A . n 
A 1 61 GLU 61 145 145 GLU GLU A . n 
A 1 62 PHE 62 146 146 PHE PHE A . n 
A 1 63 ASP 63 147 147 ASP ASP A . n 
A 1 64 VAL 64 148 148 VAL VAL A . n 
A 1 65 VAL 65 149 149 VAL VAL A . n 
A 1 66 GLU 66 150 150 GLU GLU A . n 
A 1 67 GLY 67 151 151 GLY GLY A . n 
A 1 68 GLU 68 152 152 GLU GLU A . n 
A 1 69 LYS 69 153 153 LYS LYS A . n 
A 1 70 GLY 70 154 154 GLY GLY A . n 
A 1 71 ALA 71 155 155 ALA ALA A . n 
A 1 72 GLU 72 156 156 GLU GLU A . n 
A 1 73 ALA 73 157 157 ALA ALA A . n 
A 1 74 THR 74 158 158 THR THR A . n 
A 1 75 ASN 75 159 159 ASN ASN A . n 
A 1 76 VAL 76 160 160 VAL VAL A . n 
A 1 77 THR 77 161 161 THR THR A . n 
A 1 78 GLY 78 162 162 GLY GLY A . n 
A 1 79 PRO 79 163 163 PRO PRO A . n 
A 1 80 GLY 80 164 164 GLY GLY A . n 
A 1 81 GLY 81 165 165 GLY GLY A . n 
A 1 82 VAL 82 166 166 VAL VAL A . n 
A 1 83 PRO 83 167 167 PRO PRO A . n 
A 1 84 VAL 84 168 168 VAL VAL A . n 
A 1 85 LYS 85 169 169 LYS LYS A . n 
A 1 86 GLY 86 170 170 GLY GLY A . n 
A 1 87 SER 87 171 171 SER SER A . n 
A 1 88 ARG 88 172 172 ARG ARG A . n 
A 1 89 TYR 89 173 173 TYR TYR A . n 
A 1 90 ALA 90 174 174 ALA ALA A . n 
A 1 91 PRO 91 175 175 PRO PRO A . n 
A 1 92 ASN 92 176 176 ASN ASN A . n 
A 1 93 ARG 93 177 177 ARG ARG A . n 
B 2 1  U   1  1   1   U   U   B . n 
B 2 2  C   2  2   2   C   C   B . n 
B 2 3  A   3  3   3   A   A   B . n 
B 2 4  U   4  4   4   U   U   B . n 
B 2 5  5MC 5  5   5   5MC 5MC B . n 
B 2 6  U   6  6   6   U   U   B . n 
# 
loop_
_pdbx_nonpoly_scheme.asym_id 
_pdbx_nonpoly_scheme.entity_id 
_pdbx_nonpoly_scheme.mon_id 
_pdbx_nonpoly_scheme.ndb_seq_num 
_pdbx_nonpoly_scheme.pdb_seq_num 
_pdbx_nonpoly_scheme.auth_seq_num 
_pdbx_nonpoly_scheme.pdb_mon_id 
_pdbx_nonpoly_scheme.auth_mon_id 
_pdbx_nonpoly_scheme.pdb_strand_id 
_pdbx_nonpoly_scheme.pdb_ins_code 
C 3 SO4 1  201 1   SO4 SO4 A . 
D 3 SO4 1  202 2   SO4 SO4 A . 
E 4 HOH 1  301 121 HOH HOH A . 
E 4 HOH 2  302 118 HOH HOH A . 
E 4 HOH 3  303 68  HOH HOH A . 
E 4 HOH 4  304 44  HOH HOH A . 
E 4 HOH 5  305 112 HOH HOH A . 
E 4 HOH 6  306 22  HOH HOH A . 
E 4 HOH 7  307 29  HOH HOH A . 
E 4 HOH 8  308 52  HOH HOH A . 
E 4 HOH 9  309 65  HOH HOH A . 
E 4 HOH 10 310 16  HOH HOH A . 
E 4 HOH 11 311 4   HOH HOH A . 
E 4 HOH 12 312 30  HOH HOH A . 
E 4 HOH 13 313 94  HOH HOH A . 
E 4 HOH 14 314 93  HOH HOH A . 
E 4 HOH 15 315 85  HOH HOH A . 
E 4 HOH 16 316 71  HOH HOH A . 
E 4 HOH 17 317 53  HOH HOH A . 
E 4 HOH 18 318 10  HOH HOH A . 
E 4 HOH 19 319 66  HOH HOH A . 
E 4 HOH 20 320 8   HOH HOH A . 
E 4 HOH 21 321 91  HOH HOH A . 
E 4 HOH 22 322 98  HOH HOH A . 
E 4 HOH 23 323 15  HOH HOH A . 
E 4 HOH 24 324 6   HOH HOH A . 
E 4 HOH 25 325 40  HOH HOH A . 
E 4 HOH 26 326 5   HOH HOH A . 
E 4 HOH 27 327 48  HOH HOH A . 
E 4 HOH 28 328 18  HOH HOH A . 
E 4 HOH 29 329 56  HOH HOH A . 
E 4 HOH 30 330 122 HOH HOH A . 
E 4 HOH 31 331 87  HOH HOH A . 
E 4 HOH 32 332 19  HOH HOH A . 
E 4 HOH 33 333 109 HOH HOH A . 
E 4 HOH 34 334 38  HOH HOH A . 
E 4 HOH 35 335 3   HOH HOH A . 
E 4 HOH 36 336 67  HOH HOH A . 
E 4 HOH 37 337 11  HOH HOH A . 
E 4 HOH 38 338 99  HOH HOH A . 
E 4 HOH 39 339 1   HOH HOH A . 
E 4 HOH 40 340 36  HOH HOH A . 
E 4 HOH 41 341 61  HOH HOH A . 
E 4 HOH 42 342 37  HOH HOH A . 
E 4 HOH 43 343 78  HOH HOH A . 
E 4 HOH 44 344 26  HOH HOH A . 
E 4 HOH 45 345 76  HOH HOH A . 
E 4 HOH 46 346 51  HOH HOH A . 
E 4 HOH 47 347 13  HOH HOH A . 
E 4 HOH 48 348 125 HOH HOH A . 
E 4 HOH 49 349 63  HOH HOH A . 
E 4 HOH 50 350 49  HOH HOH A . 
E 4 HOH 51 351 14  HOH HOH A . 
E 4 HOH 52 352 102 HOH HOH A . 
E 4 HOH 53 353 77  HOH HOH A . 
E 4 HOH 54 354 111 HOH HOH A . 
E 4 HOH 55 355 2   HOH HOH A . 
E 4 HOH 56 356 106 HOH HOH A . 
E 4 HOH 57 357 28  HOH HOH A . 
E 4 HOH 58 358 17  HOH HOH A . 
E 4 HOH 59 359 55  HOH HOH A . 
E 4 HOH 60 360 27  HOH HOH A . 
E 4 HOH 61 361 60  HOH HOH A . 
E 4 HOH 62 362 12  HOH HOH A . 
E 4 HOH 63 363 21  HOH HOH A . 
E 4 HOH 64 364 54  HOH HOH A . 
E 4 HOH 65 365 33  HOH HOH A . 
E 4 HOH 66 366 86  HOH HOH A . 
E 4 HOH 67 367 82  HOH HOH A . 
E 4 HOH 68 368 62  HOH HOH A . 
E 4 HOH 69 369 80  HOH HOH A . 
E 4 HOH 70 370 59  HOH HOH A . 
E 4 HOH 71 371 39  HOH HOH A . 
E 4 HOH 72 372 46  HOH HOH A . 
E 4 HOH 73 373 97  HOH HOH A . 
E 4 HOH 74 374 70  HOH HOH A . 
E 4 HOH 75 375 114 HOH HOH A . 
E 4 HOH 76 376 64  HOH HOH A . 
E 4 HOH 77 377 72  HOH HOH A . 
E 4 HOH 78 378 24  HOH HOH A . 
E 4 HOH 79 379 79  HOH HOH A . 
E 4 HOH 80 380 31  HOH HOH A . 
E 4 HOH 81 381 100 HOH HOH A . 
E 4 HOH 82 382 116 HOH HOH A . 
E 4 HOH 83 383 41  HOH HOH A . 
E 4 HOH 84 384 107 HOH HOH A . 
E 4 HOH 85 385 101 HOH HOH A . 
E 4 HOH 86 386 81  HOH HOH A . 
E 4 HOH 87 387 92  HOH HOH A . 
E 4 HOH 88 388 115 HOH HOH A . 
E 4 HOH 89 389 113 HOH HOH A . 
E 4 HOH 90 390 75  HOH HOH A . 
E 4 HOH 91 391 74  HOH HOH A . 
E 4 HOH 92 392 69  HOH HOH A . 
E 4 HOH 93 393 117 HOH HOH A . 
E 4 HOH 94 394 90  HOH HOH A . 
E 4 HOH 95 395 119 HOH HOH A . 
E 4 HOH 96 396 123 HOH HOH A . 
E 4 HOH 97 397 103 HOH HOH A . 
E 4 HOH 98 398 108 HOH HOH A . 
F 4 HOH 1  101 83  HOH HOH B . 
F 4 HOH 2  102 50  HOH HOH B . 
F 4 HOH 3  103 124 HOH HOH B . 
F 4 HOH 4  104 57  HOH HOH B . 
F 4 HOH 5  105 89  HOH HOH B . 
F 4 HOH 6  106 7   HOH HOH B . 
F 4 HOH 7  107 73  HOH HOH B . 
F 4 HOH 8  108 32  HOH HOH B . 
F 4 HOH 9  109 42  HOH HOH B . 
F 4 HOH 10 110 43  HOH HOH B . 
F 4 HOH 11 111 104 HOH HOH B . 
F 4 HOH 12 112 35  HOH HOH B . 
F 4 HOH 13 113 120 HOH HOH B . 
F 4 HOH 14 114 95  HOH HOH B . 
F 4 HOH 15 115 23  HOH HOH B . 
F 4 HOH 16 116 20  HOH HOH B . 
F 4 HOH 17 117 34  HOH HOH B . 
F 4 HOH 18 118 25  HOH HOH B . 
F 4 HOH 19 119 84  HOH HOH B . 
F 4 HOH 20 120 96  HOH HOH B . 
F 4 HOH 21 121 9   HOH HOH B . 
F 4 HOH 22 122 105 HOH HOH B . 
F 4 HOH 23 123 45  HOH HOH B . 
F 4 HOH 24 124 47  HOH HOH B . 
F 4 HOH 25 125 58  HOH HOH B . 
F 4 HOH 26 126 88  HOH HOH B . 
F 4 HOH 27 127 110 HOH HOH B . 
# 
_pdbx_struct_assembly.id                   1 
_pdbx_struct_assembly.details              author_defined_assembly 
_pdbx_struct_assembly.method_details       ? 
_pdbx_struct_assembly.oligomeric_details   dimeric 
_pdbx_struct_assembly.oligomeric_count     2 
# 
_pdbx_struct_assembly_gen.assembly_id       1 
_pdbx_struct_assembly_gen.oper_expression   1 
_pdbx_struct_assembly_gen.asym_id_list      A,B,C,D,E,F 
# 
loop_
_pdbx_struct_assembly_prop.biol_id 
_pdbx_struct_assembly_prop.type 
_pdbx_struct_assembly_prop.value 
_pdbx_struct_assembly_prop.details 
1 'ABSA (A^2)' 1930 ? 
1 MORE         -16  ? 
1 'SSA (A^2)'  6000 ? 
# 
_pdbx_struct_oper_list.id                   1 
_pdbx_struct_oper_list.type                 'identity operation' 
_pdbx_struct_oper_list.name                 1_555 
_pdbx_struct_oper_list.symmetry_operation   x,y,z 
_pdbx_struct_oper_list.matrix[1][1]         1.0000000000 
_pdbx_struct_oper_list.matrix[1][2]         0.0000000000 
_pdbx_struct_oper_list.matrix[1][3]         0.0000000000 
_pdbx_struct_oper_list.vector[1]            0.0000000000 
_pdbx_struct_oper_list.matrix[2][1]         0.0000000000 
_pdbx_struct_oper_list.matrix[2][2]         1.0000000000 
_pdbx_struct_oper_list.matrix[2][3]         0.0000000000 
_pdbx_struct_oper_list.vector[2]            0.0000000000 
_pdbx_struct_oper_list.matrix[3][1]         0.0000000000 
_pdbx_struct_oper_list.matrix[3][2]         0.0000000000 
_pdbx_struct_oper_list.matrix[3][3]         1.0000000000 
_pdbx_struct_oper_list.vector[3]            0.0000000000 
# 
loop_
_pdbx_audit_revision_history.ordinal 
_pdbx_audit_revision_history.data_content_type 
_pdbx_audit_revision_history.major_revision 
_pdbx_audit_revision_history.minor_revision 
_pdbx_audit_revision_history.revision_date 
1 'Structure model' 1 0 2022-06-22 
2 'Structure model' 1 1 2023-11-29 
# 
_pdbx_audit_revision_details.ordinal             1 
_pdbx_audit_revision_details.revision_ordinal    1 
_pdbx_audit_revision_details.data_content_type   'Structure model' 
_pdbx_audit_revision_details.provider            repository 
_pdbx_audit_revision_details.type                'Initial release' 
_pdbx_audit_revision_details.description         ? 
_pdbx_audit_revision_details.details             ? 
# 
loop_
_pdbx_audit_revision_group.ordinal 
_pdbx_audit_revision_group.revision_ordinal 
_pdbx_audit_revision_group.data_content_type 
_pdbx_audit_revision_group.group 
1 2 'Structure model' 'Data collection'        
2 2 'Structure model' 'Refinement description' 
# 
loop_
_pdbx_audit_revision_category.ordinal 
_pdbx_audit_revision_category.revision_ordinal 
_pdbx_audit_revision_category.data_content_type 
_pdbx_audit_revision_category.category 
1 2 'Structure model' chem_comp_atom                
2 2 'Structure model' chem_comp_bond                
3 2 'Structure model' pdbx_initial_refinement_model 
# 
loop_
_space_group_symop.id 
_space_group_symop.operation_xyz 
1 x,y,z           
2 x+1/2,-y+1/2,-z 
3 -x+1/2,y+1/2,-z 
4 -x,-y,z         
# 
loop_
_software.citation_id 
_software.classification 
_software.compiler_name 
_software.compiler_version 
_software.contact_author 
_software.contact_author_email 
_software.date 
_software.description 
_software.dependencies 
_software.hardware 
_software.language 
_software.location 
_software.mods 
_software.name 
_software.os 
_software.os_version 
_software.type 
_software.version 
_software.pdbx_ordinal 
? 'model building' ? ? ? ? ? ? ? ? ? ? ? Coot     ? ? ? 0.9.5       1 
? refinement       ? ? ? ? ? ? ? ? ? ? ? PHENIX   ? ? ? 1.18.2_3874 2 
? 'data reduction' ? ? ? ? ? ? ? ? ? ? ? HKL-3000 ? ? ? .           3 
? 'data scaling'   ? ? ? ? ? ? ? ? ? ? ? HKL-3000 ? ? ? .           4 
? phasing          ? ? ? ? ? ? ? ? ? ? ? PHENIX   ? ? ? .           5 
# 
_pdbx_entry_details.entry_id                 7F3K 
_pdbx_entry_details.has_ligand_of_interest   Y 
_pdbx_entry_details.compound_details         ? 
_pdbx_entry_details.source_details           ? 
_pdbx_entry_details.nonpolymer_details       ? 
_pdbx_entry_details.sequence_details         ? 
# 
loop_
_pdbx_validate_close_contact.id 
_pdbx_validate_close_contact.PDB_model_num 
_pdbx_validate_close_contact.auth_atom_id_1 
_pdbx_validate_close_contact.auth_asym_id_1 
_pdbx_validate_close_contact.auth_comp_id_1 
_pdbx_validate_close_contact.auth_seq_id_1 
_pdbx_validate_close_contact.PDB_ins_code_1 
_pdbx_validate_close_contact.label_alt_id_1 
_pdbx_validate_close_contact.auth_atom_id_2 
_pdbx_validate_close_contact.auth_asym_id_2 
_pdbx_validate_close_contact.auth_comp_id_2 
_pdbx_validate_close_contact.auth_seq_id_2 
_pdbx_validate_close_contact.PDB_ins_code_2 
_pdbx_validate_close_contact.label_alt_id_2 
_pdbx_validate_close_contact.dist 
1 1 ND2 A ASN 159 ? ? O A HOH 301 ? ? 2.09 
2 1 NE  A ARG 132 ? ? O A HOH 302 ? ? 2.14 
# 
loop_
_pdbx_validate_symm_contact.id 
_pdbx_validate_symm_contact.PDB_model_num 
_pdbx_validate_symm_contact.auth_atom_id_1 
_pdbx_validate_symm_contact.auth_asym_id_1 
_pdbx_validate_symm_contact.auth_comp_id_1 
_pdbx_validate_symm_contact.auth_seq_id_1 
_pdbx_validate_symm_contact.PDB_ins_code_1 
_pdbx_validate_symm_contact.label_alt_id_1 
_pdbx_validate_symm_contact.site_symmetry_1 
_pdbx_validate_symm_contact.auth_atom_id_2 
_pdbx_validate_symm_contact.auth_asym_id_2 
_pdbx_validate_symm_contact.auth_comp_id_2 
_pdbx_validate_symm_contact.auth_seq_id_2 
_pdbx_validate_symm_contact.PDB_ins_code_2 
_pdbx_validate_symm_contact.label_alt_id_2 
_pdbx_validate_symm_contact.site_symmetry_2 
_pdbx_validate_symm_contact.dist 
1 1 O A HOH 367 ? ? 1_555 O A HOH 367 ? ? 2_545 1.81 
2 1 O A HOH 396 ? ? 1_555 O B HOH 127 ? ? 1_565 2.13 
# 
loop_
_pdbx_unobs_or_zero_occ_residues.id 
_pdbx_unobs_or_zero_occ_residues.PDB_model_num 
_pdbx_unobs_or_zero_occ_residues.polymer_flag 
_pdbx_unobs_or_zero_occ_residues.occupancy_flag 
_pdbx_unobs_or_zero_occ_residues.auth_asym_id 
_pdbx_unobs_or_zero_occ_residues.auth_comp_id 
_pdbx_unobs_or_zero_occ_residues.auth_seq_id 
_pdbx_unobs_or_zero_occ_residues.PDB_ins_code 
_pdbx_unobs_or_zero_occ_residues.label_asym_id 
_pdbx_unobs_or_zero_occ_residues.label_comp_id 
_pdbx_unobs_or_zero_occ_residues.label_seq_id 
1 1 Y 1 A ALA 85 ? A ALA 1 
2 1 Y 1 A ASP 86 ? A ASP 2 
3 1 Y 1 A LYS 87 ? A LYS 3 
# 
loop_
_chem_comp_atom.comp_id 
_chem_comp_atom.atom_id 
_chem_comp_atom.type_symbol 
_chem_comp_atom.pdbx_aromatic_flag 
_chem_comp_atom.pdbx_stereo_config 
_chem_comp_atom.pdbx_ordinal 
5MC P      P N N 1   
5MC OP1    O N N 2   
5MC OP2    O N N 3   
5MC OP3    O N N 4   
5MC "O5'"  O N N 5   
5MC "C5'"  C N N 6   
5MC "C4'"  C N R 7   
5MC "O4'"  O N N 8   
5MC "C3'"  C N S 9   
5MC "O3'"  O N N 10  
5MC "C2'"  C N R 11  
5MC "O2'"  O N N 12  
5MC "C1'"  C N R 13  
5MC N1     N N N 14  
5MC C2     C N N 15  
5MC O2     O N N 16  
5MC N3     N N N 17  
5MC C4     C N N 18  
5MC N4     N N N 19  
5MC C5     C N N 20  
5MC C6     C N N 21  
5MC CM5    C N N 22  
5MC HOP2   H N N 23  
5MC HOP3   H N N 24  
5MC "H5'"  H N N 25  
5MC "H5''" H N N 26  
5MC "H4'"  H N N 27  
5MC "H3'"  H N N 28  
5MC "HO3'" H N N 29  
5MC "H2'"  H N N 30  
5MC "HO2'" H N N 31  
5MC "H1'"  H N N 32  
5MC HN41   H N N 33  
5MC HN42   H N N 34  
5MC H6     H N N 35  
5MC HM51   H N N 36  
5MC HM52   H N N 37  
5MC HM53   H N N 38  
A   OP3    O N N 39  
A   P      P N N 40  
A   OP1    O N N 41  
A   OP2    O N N 42  
A   "O5'"  O N N 43  
A   "C5'"  C N N 44  
A   "C4'"  C N R 45  
A   "O4'"  O N N 46  
A   "C3'"  C N S 47  
A   "O3'"  O N N 48  
A   "C2'"  C N R 49  
A   "O2'"  O N N 50  
A   "C1'"  C N R 51  
A   N9     N Y N 52  
A   C8     C Y N 53  
A   N7     N Y N 54  
A   C5     C Y N 55  
A   C6     C Y N 56  
A   N6     N N N 57  
A   N1     N Y N 58  
A   C2     C Y N 59  
A   N3     N Y N 60  
A   C4     C Y N 61  
A   HOP3   H N N 62  
A   HOP2   H N N 63  
A   "H5'"  H N N 64  
A   "H5''" H N N 65  
A   "H4'"  H N N 66  
A   "H3'"  H N N 67  
A   "HO3'" H N N 68  
A   "H2'"  H N N 69  
A   "HO2'" H N N 70  
A   "H1'"  H N N 71  
A   H8     H N N 72  
A   H61    H N N 73  
A   H62    H N N 74  
A   H2     H N N 75  
ALA N      N N N 76  
ALA CA     C N S 77  
ALA C      C N N 78  
ALA O      O N N 79  
ALA CB     C N N 80  
ALA OXT    O N N 81  
ALA H      H N N 82  
ALA H2     H N N 83  
ALA HA     H N N 84  
ALA HB1    H N N 85  
ALA HB2    H N N 86  
ALA HB3    H N N 87  
ALA HXT    H N N 88  
ARG N      N N N 89  
ARG CA     C N S 90  
ARG C      C N N 91  
ARG O      O N N 92  
ARG CB     C N N 93  
ARG CG     C N N 94  
ARG CD     C N N 95  
ARG NE     N N N 96  
ARG CZ     C N N 97  
ARG NH1    N N N 98  
ARG NH2    N N N 99  
ARG OXT    O N N 100 
ARG H      H N N 101 
ARG H2     H N N 102 
ARG HA     H N N 103 
ARG HB2    H N N 104 
ARG HB3    H N N 105 
ARG HG2    H N N 106 
ARG HG3    H N N 107 
ARG HD2    H N N 108 
ARG HD3    H N N 109 
ARG HE     H N N 110 
ARG HH11   H N N 111 
ARG HH12   H N N 112 
ARG HH21   H N N 113 
ARG HH22   H N N 114 
ARG HXT    H N N 115 
ASN N      N N N 116 
ASN CA     C N S 117 
ASN C      C N N 118 
ASN O      O N N 119 
ASN CB     C N N 120 
ASN CG     C N N 121 
ASN OD1    O N N 122 
ASN ND2    N N N 123 
ASN OXT    O N N 124 
ASN H      H N N 125 
ASN H2     H N N 126 
ASN HA     H N N 127 
ASN HB2    H N N 128 
ASN HB3    H N N 129 
ASN HD21   H N N 130 
ASN HD22   H N N 131 
ASN HXT    H N N 132 
ASP N      N N N 133 
ASP CA     C N S 134 
ASP C      C N N 135 
ASP O      O N N 136 
ASP CB     C N N 137 
ASP CG     C N N 138 
ASP OD1    O N N 139 
ASP OD2    O N N 140 
ASP OXT    O N N 141 
ASP H      H N N 142 
ASP H2     H N N 143 
ASP HA     H N N 144 
ASP HB2    H N N 145 
ASP HB3    H N N 146 
ASP HD2    H N N 147 
ASP HXT    H N N 148 
C   OP3    O N N 149 
C   P      P N N 150 
C   OP1    O N N 151 
C   OP2    O N N 152 
C   "O5'"  O N N 153 
C   "C5'"  C N N 154 
C   "C4'"  C N R 155 
C   "O4'"  O N N 156 
C   "C3'"  C N S 157 
C   "O3'"  O N N 158 
C   "C2'"  C N R 159 
C   "O2'"  O N N 160 
C   "C1'"  C N R 161 
C   N1     N N N 162 
C   C2     C N N 163 
C   O2     O N N 164 
C   N3     N N N 165 
C   C4     C N N 166 
C   N4     N N N 167 
C   C5     C N N 168 
C   C6     C N N 169 
C   HOP3   H N N 170 
C   HOP2   H N N 171 
C   "H5'"  H N N 172 
C   "H5''" H N N 173 
C   "H4'"  H N N 174 
C   "H3'"  H N N 175 
C   "HO3'" H N N 176 
C   "H2'"  H N N 177 
C   "HO2'" H N N 178 
C   "H1'"  H N N 179 
C   H41    H N N 180 
C   H42    H N N 181 
C   H5     H N N 182 
C   H6     H N N 183 
GLN N      N N N 184 
GLN CA     C N S 185 
GLN C      C N N 186 
GLN O      O N N 187 
GLN CB     C N N 188 
GLN CG     C N N 189 
GLN CD     C N N 190 
GLN OE1    O N N 191 
GLN NE2    N N N 192 
GLN OXT    O N N 193 
GLN H      H N N 194 
GLN H2     H N N 195 
GLN HA     H N N 196 
GLN HB2    H N N 197 
GLN HB3    H N N 198 
GLN HG2    H N N 199 
GLN HG3    H N N 200 
GLN HE21   H N N 201 
GLN HE22   H N N 202 
GLN HXT    H N N 203 
GLU N      N N N 204 
GLU CA     C N S 205 
GLU C      C N N 206 
GLU O      O N N 207 
GLU CB     C N N 208 
GLU CG     C N N 209 
GLU CD     C N N 210 
GLU OE1    O N N 211 
GLU OE2    O N N 212 
GLU OXT    O N N 213 
GLU H      H N N 214 
GLU H2     H N N 215 
GLU HA     H N N 216 
GLU HB2    H N N 217 
GLU HB3    H N N 218 
GLU HG2    H N N 219 
GLU HG3    H N N 220 
GLU HE2    H N N 221 
GLU HXT    H N N 222 
GLY N      N N N 223 
GLY CA     C N N 224 
GLY C      C N N 225 
GLY O      O N N 226 
GLY OXT    O N N 227 
GLY H      H N N 228 
GLY H2     H N N 229 
GLY HA2    H N N 230 
GLY HA3    H N N 231 
GLY HXT    H N N 232 
HIS N      N N N 233 
HIS CA     C N S 234 
HIS C      C N N 235 
HIS O      O N N 236 
HIS CB     C N N 237 
HIS CG     C Y N 238 
HIS ND1    N Y N 239 
HIS CD2    C Y N 240 
HIS CE1    C Y N 241 
HIS NE2    N Y N 242 
HIS OXT    O N N 243 
HIS H      H N N 244 
HIS H2     H N N 245 
HIS HA     H N N 246 
HIS HB2    H N N 247 
HIS HB3    H N N 248 
HIS HD1    H N N 249 
HIS HD2    H N N 250 
HIS HE1    H N N 251 
HIS HE2    H N N 252 
HIS HXT    H N N 253 
HOH O      O N N 254 
HOH H1     H N N 255 
HOH H2     H N N 256 
ILE N      N N N 257 
ILE CA     C N S 258 
ILE C      C N N 259 
ILE O      O N N 260 
ILE CB     C N S 261 
ILE CG1    C N N 262 
ILE CG2    C N N 263 
ILE CD1    C N N 264 
ILE OXT    O N N 265 
ILE H      H N N 266 
ILE H2     H N N 267 
ILE HA     H N N 268 
ILE HB     H N N 269 
ILE HG12   H N N 270 
ILE HG13   H N N 271 
ILE HG21   H N N 272 
ILE HG22   H N N 273 
ILE HG23   H N N 274 
ILE HD11   H N N 275 
ILE HD12   H N N 276 
ILE HD13   H N N 277 
ILE HXT    H N N 278 
LEU N      N N N 279 
LEU CA     C N S 280 
LEU C      C N N 281 
LEU O      O N N 282 
LEU CB     C N N 283 
LEU CG     C N N 284 
LEU CD1    C N N 285 
LEU CD2    C N N 286 
LEU OXT    O N N 287 
LEU H      H N N 288 
LEU H2     H N N 289 
LEU HA     H N N 290 
LEU HB2    H N N 291 
LEU HB3    H N N 292 
LEU HG     H N N 293 
LEU HD11   H N N 294 
LEU HD12   H N N 295 
LEU HD13   H N N 296 
LEU HD21   H N N 297 
LEU HD22   H N N 298 
LEU HD23   H N N 299 
LEU HXT    H N N 300 
LYS N      N N N 301 
LYS CA     C N S 302 
LYS C      C N N 303 
LYS O      O N N 304 
LYS CB     C N N 305 
LYS CG     C N N 306 
LYS CD     C N N 307 
LYS CE     C N N 308 
LYS NZ     N N N 309 
LYS OXT    O N N 310 
LYS H      H N N 311 
LYS H2     H N N 312 
LYS HA     H N N 313 
LYS HB2    H N N 314 
LYS HB3    H N N 315 
LYS HG2    H N N 316 
LYS HG3    H N N 317 
LYS HD2    H N N 318 
LYS HD3    H N N 319 
LYS HE2    H N N 320 
LYS HE3    H N N 321 
LYS HZ1    H N N 322 
LYS HZ2    H N N 323 
LYS HZ3    H N N 324 
LYS HXT    H N N 325 
PHE N      N N N 326 
PHE CA     C N S 327 
PHE C      C N N 328 
PHE O      O N N 329 
PHE CB     C N N 330 
PHE CG     C Y N 331 
PHE CD1    C Y N 332 
PHE CD2    C Y N 333 
PHE CE1    C Y N 334 
PHE CE2    C Y N 335 
PHE CZ     C Y N 336 
PHE OXT    O N N 337 
PHE H      H N N 338 
PHE H2     H N N 339 
PHE HA     H N N 340 
PHE HB2    H N N 341 
PHE HB3    H N N 342 
PHE HD1    H N N 343 
PHE HD2    H N N 344 
PHE HE1    H N N 345 
PHE HE2    H N N 346 
PHE HZ     H N N 347 
PHE HXT    H N N 348 
PRO N      N N N 349 
PRO CA     C N S 350 
PRO C      C N N 351 
PRO O      O N N 352 
PRO CB     C N N 353 
PRO CG     C N N 354 
PRO CD     C N N 355 
PRO OXT    O N N 356 
PRO H      H N N 357 
PRO HA     H N N 358 
PRO HB2    H N N 359 
PRO HB3    H N N 360 
PRO HG2    H N N 361 
PRO HG3    H N N 362 
PRO HD2    H N N 363 
PRO HD3    H N N 364 
PRO HXT    H N N 365 
SER N      N N N 366 
SER CA     C N S 367 
SER C      C N N 368 
SER O      O N N 369 
SER CB     C N N 370 
SER OG     O N N 371 
SER OXT    O N N 372 
SER H      H N N 373 
SER H2     H N N 374 
SER HA     H N N 375 
SER HB2    H N N 376 
SER HB3    H N N 377 
SER HG     H N N 378 
SER HXT    H N N 379 
SO4 S      S N N 380 
SO4 O1     O N N 381 
SO4 O2     O N N 382 
SO4 O3     O N N 383 
SO4 O4     O N N 384 
THR N      N N N 385 
THR CA     C N S 386 
THR C      C N N 387 
THR O      O N N 388 
THR CB     C N R 389 
THR OG1    O N N 390 
THR CG2    C N N 391 
THR OXT    O N N 392 
THR H      H N N 393 
THR H2     H N N 394 
THR HA     H N N 395 
THR HB     H N N 396 
THR HG1    H N N 397 
THR HG21   H N N 398 
THR HG22   H N N 399 
THR HG23   H N N 400 
THR HXT    H N N 401 
TRP N      N N N 402 
TRP CA     C N S 403 
TRP C      C N N 404 
TRP O      O N N 405 
TRP CB     C N N 406 
TRP CG     C Y N 407 
TRP CD1    C Y N 408 
TRP CD2    C Y N 409 
TRP NE1    N Y N 410 
TRP CE2    C Y N 411 
TRP CE3    C Y N 412 
TRP CZ2    C Y N 413 
TRP CZ3    C Y N 414 
TRP CH2    C Y N 415 
TRP OXT    O N N 416 
TRP H      H N N 417 
TRP H2     H N N 418 
TRP HA     H N N 419 
TRP HB2    H N N 420 
TRP HB3    H N N 421 
TRP HD1    H N N 422 
TRP HE1    H N N 423 
TRP HE3    H N N 424 
TRP HZ2    H N N 425 
TRP HZ3    H N N 426 
TRP HH2    H N N 427 
TRP HXT    H N N 428 
TYR N      N N N 429 
TYR CA     C N S 430 
TYR C      C N N 431 
TYR O      O N N 432 
TYR CB     C N N 433 
TYR CG     C Y N 434 
TYR CD1    C Y N 435 
TYR CD2    C Y N 436 
TYR CE1    C Y N 437 
TYR CE2    C Y N 438 
TYR CZ     C Y N 439 
TYR OH     O N N 440 
TYR OXT    O N N 441 
TYR H      H N N 442 
TYR H2     H N N 443 
TYR HA     H N N 444 
TYR HB2    H N N 445 
TYR HB3    H N N 446 
TYR HD1    H N N 447 
TYR HD2    H N N 448 
TYR HE1    H N N 449 
TYR HE2    H N N 450 
TYR HH     H N N 451 
TYR HXT    H N N 452 
U   OP3    O N N 453 
U   P      P N N 454 
U   OP1    O N N 455 
U   OP2    O N N 456 
U   "O5'"  O N N 457 
U   "C5'"  C N N 458 
U   "C4'"  C N R 459 
U   "O4'"  O N N 460 
U   "C3'"  C N S 461 
U   "O3'"  O N N 462 
U   "C2'"  C N R 463 
U   "O2'"  O N N 464 
U   "C1'"  C N R 465 
U   N1     N N N 466 
U   C2     C N N 467 
U   O2     O N N 468 
U   N3     N N N 469 
U   C4     C N N 470 
U   O4     O N N 471 
U   C5     C N N 472 
U   C6     C N N 473 
U   HOP3   H N N 474 
U   HOP2   H N N 475 
U   "H5'"  H N N 476 
U   "H5''" H N N 477 
U   "H4'"  H N N 478 
U   "H3'"  H N N 479 
U   "HO3'" H N N 480 
U   "H2'"  H N N 481 
U   "HO2'" H N N 482 
U   "H1'"  H N N 483 
U   H3     H N N 484 
U   H5     H N N 485 
U   H6     H N N 486 
VAL N      N N N 487 
VAL CA     C N S 488 
VAL C      C N N 489 
VAL O      O N N 490 
VAL CB     C N N 491 
VAL CG1    C N N 492 
VAL CG2    C N N 493 
VAL OXT    O N N 494 
VAL H      H N N 495 
VAL H2     H N N 496 
VAL HA     H N N 497 
VAL HB     H N N 498 
VAL HG11   H N N 499 
VAL HG12   H N N 500 
VAL HG13   H N N 501 
VAL HG21   H N N 502 
VAL HG22   H N N 503 
VAL HG23   H N N 504 
VAL HXT    H N N 505 
# 
loop_
_chem_comp_bond.comp_id 
_chem_comp_bond.atom_id_1 
_chem_comp_bond.atom_id_2 
_chem_comp_bond.value_order 
_chem_comp_bond.pdbx_aromatic_flag 
_chem_comp_bond.pdbx_stereo_config 
_chem_comp_bond.pdbx_ordinal 
5MC P     OP1    doub N N 1   
5MC P     OP2    sing N N 2   
5MC P     OP3    sing N N 3   
5MC P     "O5'"  sing N N 4   
5MC OP2   HOP2   sing N N 5   
5MC OP3   HOP3   sing N N 6   
5MC "O5'" "C5'"  sing N N 7   
5MC "C5'" "C4'"  sing N N 8   
5MC "C5'" "H5'"  sing N N 9   
5MC "C5'" "H5''" sing N N 10  
5MC "C4'" "O4'"  sing N N 11  
5MC "C4'" "C3'"  sing N N 12  
5MC "C4'" "H4'"  sing N N 13  
5MC "O4'" "C1'"  sing N N 14  
5MC "C3'" "O3'"  sing N N 15  
5MC "C3'" "C2'"  sing N N 16  
5MC "C3'" "H3'"  sing N N 17  
5MC "O3'" "HO3'" sing N N 18  
5MC "C2'" "O2'"  sing N N 19  
5MC "C2'" "C1'"  sing N N 20  
5MC "C2'" "H2'"  sing N N 21  
5MC "O2'" "HO2'" sing N N 22  
5MC "C1'" N1     sing N N 23  
5MC "C1'" "H1'"  sing N N 24  
5MC N1    C2     sing N N 25  
5MC N1    C6     sing N N 26  
5MC C2    O2     doub N N 27  
5MC C2    N3     sing N N 28  
5MC N3    C4     doub N N 29  
5MC C4    N4     sing N N 30  
5MC C4    C5     sing N N 31  
5MC N4    HN41   sing N N 32  
5MC N4    HN42   sing N N 33  
5MC C5    C6     doub N N 34  
5MC C5    CM5    sing N N 35  
5MC C6    H6     sing N N 36  
5MC CM5   HM51   sing N N 37  
5MC CM5   HM52   sing N N 38  
5MC CM5   HM53   sing N N 39  
A   OP3   P      sing N N 40  
A   OP3   HOP3   sing N N 41  
A   P     OP1    doub N N 42  
A   P     OP2    sing N N 43  
A   P     "O5'"  sing N N 44  
A   OP2   HOP2   sing N N 45  
A   "O5'" "C5'"  sing N N 46  
A   "C5'" "C4'"  sing N N 47  
A   "C5'" "H5'"  sing N N 48  
A   "C5'" "H5''" sing N N 49  
A   "C4'" "O4'"  sing N N 50  
A   "C4'" "C3'"  sing N N 51  
A   "C4'" "H4'"  sing N N 52  
A   "O4'" "C1'"  sing N N 53  
A   "C3'" "O3'"  sing N N 54  
A   "C3'" "C2'"  sing N N 55  
A   "C3'" "H3'"  sing N N 56  
A   "O3'" "HO3'" sing N N 57  
A   "C2'" "O2'"  sing N N 58  
A   "C2'" "C1'"  sing N N 59  
A   "C2'" "H2'"  sing N N 60  
A   "O2'" "HO2'" sing N N 61  
A   "C1'" N9     sing N N 62  
A   "C1'" "H1'"  sing N N 63  
A   N9    C8     sing Y N 64  
A   N9    C4     sing Y N 65  
A   C8    N7     doub Y N 66  
A   C8    H8     sing N N 67  
A   N7    C5     sing Y N 68  
A   C5    C6     sing Y N 69  
A   C5    C4     doub Y N 70  
A   C6    N6     sing N N 71  
A   C6    N1     doub Y N 72  
A   N6    H61    sing N N 73  
A   N6    H62    sing N N 74  
A   N1    C2     sing Y N 75  
A   C2    N3     doub Y N 76  
A   C2    H2     sing N N 77  
A   N3    C4     sing Y N 78  
ALA N     CA     sing N N 79  
ALA N     H      sing N N 80  
ALA N     H2     sing N N 81  
ALA CA    C      sing N N 82  
ALA CA    CB     sing N N 83  
ALA CA    HA     sing N N 84  
ALA C     O      doub N N 85  
ALA C     OXT    sing N N 86  
ALA CB    HB1    sing N N 87  
ALA CB    HB2    sing N N 88  
ALA CB    HB3    sing N N 89  
ALA OXT   HXT    sing N N 90  
ARG N     CA     sing N N 91  
ARG N     H      sing N N 92  
ARG N     H2     sing N N 93  
ARG CA    C      sing N N 94  
ARG CA    CB     sing N N 95  
ARG CA    HA     sing N N 96  
ARG C     O      doub N N 97  
ARG C     OXT    sing N N 98  
ARG CB    CG     sing N N 99  
ARG CB    HB2    sing N N 100 
ARG CB    HB3    sing N N 101 
ARG CG    CD     sing N N 102 
ARG CG    HG2    sing N N 103 
ARG CG    HG3    sing N N 104 
ARG CD    NE     sing N N 105 
ARG CD    HD2    sing N N 106 
ARG CD    HD3    sing N N 107 
ARG NE    CZ     sing N N 108 
ARG NE    HE     sing N N 109 
ARG CZ    NH1    sing N N 110 
ARG CZ    NH2    doub N N 111 
ARG NH1   HH11   sing N N 112 
ARG NH1   HH12   sing N N 113 
ARG NH2   HH21   sing N N 114 
ARG NH2   HH22   sing N N 115 
ARG OXT   HXT    sing N N 116 
ASN N     CA     sing N N 117 
ASN N     H      sing N N 118 
ASN N     H2     sing N N 119 
ASN CA    C      sing N N 120 
ASN CA    CB     sing N N 121 
ASN CA    HA     sing N N 122 
ASN C     O      doub N N 123 
ASN C     OXT    sing N N 124 
ASN CB    CG     sing N N 125 
ASN CB    HB2    sing N N 126 
ASN CB    HB3    sing N N 127 
ASN CG    OD1    doub N N 128 
ASN CG    ND2    sing N N 129 
ASN ND2   HD21   sing N N 130 
ASN ND2   HD22   sing N N 131 
ASN OXT   HXT    sing N N 132 
ASP N     CA     sing N N 133 
ASP N     H      sing N N 134 
ASP N     H2     sing N N 135 
ASP CA    C      sing N N 136 
ASP CA    CB     sing N N 137 
ASP CA    HA     sing N N 138 
ASP C     O      doub N N 139 
ASP C     OXT    sing N N 140 
ASP CB    CG     sing N N 141 
ASP CB    HB2    sing N N 142 
ASP CB    HB3    sing N N 143 
ASP CG    OD1    doub N N 144 
ASP CG    OD2    sing N N 145 
ASP OD2   HD2    sing N N 146 
ASP OXT   HXT    sing N N 147 
C   OP3   P      sing N N 148 
C   OP3   HOP3   sing N N 149 
C   P     OP1    doub N N 150 
C   P     OP2    sing N N 151 
C   P     "O5'"  sing N N 152 
C   OP2   HOP2   sing N N 153 
C   "O5'" "C5'"  sing N N 154 
C   "C5'" "C4'"  sing N N 155 
C   "C5'" "H5'"  sing N N 156 
C   "C5'" "H5''" sing N N 157 
C   "C4'" "O4'"  sing N N 158 
C   "C4'" "C3'"  sing N N 159 
C   "C4'" "H4'"  sing N N 160 
C   "O4'" "C1'"  sing N N 161 
C   "C3'" "O3'"  sing N N 162 
C   "C3'" "C2'"  sing N N 163 
C   "C3'" "H3'"  sing N N 164 
C   "O3'" "HO3'" sing N N 165 
C   "C2'" "O2'"  sing N N 166 
C   "C2'" "C1'"  sing N N 167 
C   "C2'" "H2'"  sing N N 168 
C   "O2'" "HO2'" sing N N 169 
C   "C1'" N1     sing N N 170 
C   "C1'" "H1'"  sing N N 171 
C   N1    C2     sing N N 172 
C   N1    C6     sing N N 173 
C   C2    O2     doub N N 174 
C   C2    N3     sing N N 175 
C   N3    C4     doub N N 176 
C   C4    N4     sing N N 177 
C   C4    C5     sing N N 178 
C   N4    H41    sing N N 179 
C   N4    H42    sing N N 180 
C   C5    C6     doub N N 181 
C   C5    H5     sing N N 182 
C   C6    H6     sing N N 183 
GLN N     CA     sing N N 184 
GLN N     H      sing N N 185 
GLN N     H2     sing N N 186 
GLN CA    C      sing N N 187 
GLN CA    CB     sing N N 188 
GLN CA    HA     sing N N 189 
GLN C     O      doub N N 190 
GLN C     OXT    sing N N 191 
GLN CB    CG     sing N N 192 
GLN CB    HB2    sing N N 193 
GLN CB    HB3    sing N N 194 
GLN CG    CD     sing N N 195 
GLN CG    HG2    sing N N 196 
GLN CG    HG3    sing N N 197 
GLN CD    OE1    doub N N 198 
GLN CD    NE2    sing N N 199 
GLN NE2   HE21   sing N N 200 
GLN NE2   HE22   sing N N 201 
GLN OXT   HXT    sing N N 202 
GLU N     CA     sing N N 203 
GLU N     H      sing N N 204 
GLU N     H2     sing N N 205 
GLU CA    C      sing N N 206 
GLU CA    CB     sing N N 207 
GLU CA    HA     sing N N 208 
GLU C     O      doub N N 209 
GLU C     OXT    sing N N 210 
GLU CB    CG     sing N N 211 
GLU CB    HB2    sing N N 212 
GLU CB    HB3    sing N N 213 
GLU CG    CD     sing N N 214 
GLU CG    HG2    sing N N 215 
GLU CG    HG3    sing N N 216 
GLU CD    OE1    doub N N 217 
GLU CD    OE2    sing N N 218 
GLU OE2   HE2    sing N N 219 
GLU OXT   HXT    sing N N 220 
GLY N     CA     sing N N 221 
GLY N     H      sing N N 222 
GLY N     H2     sing N N 223 
GLY CA    C      sing N N 224 
GLY CA    HA2    sing N N 225 
GLY CA    HA3    sing N N 226 
GLY C     O      doub N N 227 
GLY C     OXT    sing N N 228 
GLY OXT   HXT    sing N N 229 
HIS N     CA     sing N N 230 
HIS N     H      sing N N 231 
HIS N     H2     sing N N 232 
HIS CA    C      sing N N 233 
HIS CA    CB     sing N N 234 
HIS CA    HA     sing N N 235 
HIS C     O      doub N N 236 
HIS C     OXT    sing N N 237 
HIS CB    CG     sing N N 238 
HIS CB    HB2    sing N N 239 
HIS CB    HB3    sing N N 240 
HIS CG    ND1    sing Y N 241 
HIS CG    CD2    doub Y N 242 
HIS ND1   CE1    doub Y N 243 
HIS ND1   HD1    sing N N 244 
HIS CD2   NE2    sing Y N 245 
HIS CD2   HD2    sing N N 246 
HIS CE1   NE2    sing Y N 247 
HIS CE1   HE1    sing N N 248 
HIS NE2   HE2    sing N N 249 
HIS OXT   HXT    sing N N 250 
HOH O     H1     sing N N 251 
HOH O     H2     sing N N 252 
ILE N     CA     sing N N 253 
ILE N     H      sing N N 254 
ILE N     H2     sing N N 255 
ILE CA    C      sing N N 256 
ILE CA    CB     sing N N 257 
ILE CA    HA     sing N N 258 
ILE C     O      doub N N 259 
ILE C     OXT    sing N N 260 
ILE CB    CG1    sing N N 261 
ILE CB    CG2    sing N N 262 
ILE CB    HB     sing N N 263 
ILE CG1   CD1    sing N N 264 
ILE CG1   HG12   sing N N 265 
ILE CG1   HG13   sing N N 266 
ILE CG2   HG21   sing N N 267 
ILE CG2   HG22   sing N N 268 
ILE CG2   HG23   sing N N 269 
ILE CD1   HD11   sing N N 270 
ILE CD1   HD12   sing N N 271 
ILE CD1   HD13   sing N N 272 
ILE OXT   HXT    sing N N 273 
LEU N     CA     sing N N 274 
LEU N     H      sing N N 275 
LEU N     H2     sing N N 276 
LEU CA    C      sing N N 277 
LEU CA    CB     sing N N 278 
LEU CA    HA     sing N N 279 
LEU C     O      doub N N 280 
LEU C     OXT    sing N N 281 
LEU CB    CG     sing N N 282 
LEU CB    HB2    sing N N 283 
LEU CB    HB3    sing N N 284 
LEU CG    CD1    sing N N 285 
LEU CG    CD2    sing N N 286 
LEU CG    HG     sing N N 287 
LEU CD1   HD11   sing N N 288 
LEU CD1   HD12   sing N N 289 
LEU CD1   HD13   sing N N 290 
LEU CD2   HD21   sing N N 291 
LEU CD2   HD22   sing N N 292 
LEU CD2   HD23   sing N N 293 
LEU OXT   HXT    sing N N 294 
LYS N     CA     sing N N 295 
LYS N     H      sing N N 296 
LYS N     H2     sing N N 297 
LYS CA    C      sing N N 298 
LYS CA    CB     sing N N 299 
LYS CA    HA     sing N N 300 
LYS C     O      doub N N 301 
LYS C     OXT    sing N N 302 
LYS CB    CG     sing N N 303 
LYS CB    HB2    sing N N 304 
LYS CB    HB3    sing N N 305 
LYS CG    CD     sing N N 306 
LYS CG    HG2    sing N N 307 
LYS CG    HG3    sing N N 308 
LYS CD    CE     sing N N 309 
LYS CD    HD2    sing N N 310 
LYS CD    HD3    sing N N 311 
LYS CE    NZ     sing N N 312 
LYS CE    HE2    sing N N 313 
LYS CE    HE3    sing N N 314 
LYS NZ    HZ1    sing N N 315 
LYS NZ    HZ2    sing N N 316 
LYS NZ    HZ3    sing N N 317 
LYS OXT   HXT    sing N N 318 
PHE N     CA     sing N N 319 
PHE N     H      sing N N 320 
PHE N     H2     sing N N 321 
PHE CA    C      sing N N 322 
PHE CA    CB     sing N N 323 
PHE CA    HA     sing N N 324 
PHE C     O      doub N N 325 
PHE C     OXT    sing N N 326 
PHE CB    CG     sing N N 327 
PHE CB    HB2    sing N N 328 
PHE CB    HB3    sing N N 329 
PHE CG    CD1    doub Y N 330 
PHE CG    CD2    sing Y N 331 
PHE CD1   CE1    sing Y N 332 
PHE CD1   HD1    sing N N 333 
PHE CD2   CE2    doub Y N 334 
PHE CD2   HD2    sing N N 335 
PHE CE1   CZ     doub Y N 336 
PHE CE1   HE1    sing N N 337 
PHE CE2   CZ     sing Y N 338 
PHE CE2   HE2    sing N N 339 
PHE CZ    HZ     sing N N 340 
PHE OXT   HXT    sing N N 341 
PRO N     CA     sing N N 342 
PRO N     CD     sing N N 343 
PRO N     H      sing N N 344 
PRO CA    C      sing N N 345 
PRO CA    CB     sing N N 346 
PRO CA    HA     sing N N 347 
PRO C     O      doub N N 348 
PRO C     OXT    sing N N 349 
PRO CB    CG     sing N N 350 
PRO CB    HB2    sing N N 351 
PRO CB    HB3    sing N N 352 
PRO CG    CD     sing N N 353 
PRO CG    HG2    sing N N 354 
PRO CG    HG3    sing N N 355 
PRO CD    HD2    sing N N 356 
PRO CD    HD3    sing N N 357 
PRO OXT   HXT    sing N N 358 
SER N     CA     sing N N 359 
SER N     H      sing N N 360 
SER N     H2     sing N N 361 
SER CA    C      sing N N 362 
SER CA    CB     sing N N 363 
SER CA    HA     sing N N 364 
SER C     O      doub N N 365 
SER C     OXT    sing N N 366 
SER CB    OG     sing N N 367 
SER CB    HB2    sing N N 368 
SER CB    HB3    sing N N 369 
SER OG    HG     sing N N 370 
SER OXT   HXT    sing N N 371 
SO4 S     O1     doub N N 372 
SO4 S     O2     doub N N 373 
SO4 S     O3     sing N N 374 
SO4 S     O4     sing N N 375 
THR N     CA     sing N N 376 
THR N     H      sing N N 377 
THR N     H2     sing N N 378 
THR CA    C      sing N N 379 
THR CA    CB     sing N N 380 
THR CA    HA     sing N N 381 
THR C     O      doub N N 382 
THR C     OXT    sing N N 383 
THR CB    OG1    sing N N 384 
THR CB    CG2    sing N N 385 
THR CB    HB     sing N N 386 
THR OG1   HG1    sing N N 387 
THR CG2   HG21   sing N N 388 
THR CG2   HG22   sing N N 389 
THR CG2   HG23   sing N N 390 
THR OXT   HXT    sing N N 391 
TRP N     CA     sing N N 392 
TRP N     H      sing N N 393 
TRP N     H2     sing N N 394 
TRP CA    C      sing N N 395 
TRP CA    CB     sing N N 396 
TRP CA    HA     sing N N 397 
TRP C     O      doub N N 398 
TRP C     OXT    sing N N 399 
TRP CB    CG     sing N N 400 
TRP CB    HB2    sing N N 401 
TRP CB    HB3    sing N N 402 
TRP CG    CD1    doub Y N 403 
TRP CG    CD2    sing Y N 404 
TRP CD1   NE1    sing Y N 405 
TRP CD1   HD1    sing N N 406 
TRP CD2   CE2    doub Y N 407 
TRP CD2   CE3    sing Y N 408 
TRP NE1   CE2    sing Y N 409 
TRP NE1   HE1    sing N N 410 
TRP CE2   CZ2    sing Y N 411 
TRP CE3   CZ3    doub Y N 412 
TRP CE3   HE3    sing N N 413 
TRP CZ2   CH2    doub Y N 414 
TRP CZ2   HZ2    sing N N 415 
TRP CZ3   CH2    sing Y N 416 
TRP CZ3   HZ3    sing N N 417 
TRP CH2   HH2    sing N N 418 
TRP OXT   HXT    sing N N 419 
TYR N     CA     sing N N 420 
TYR N     H      sing N N 421 
TYR N     H2     sing N N 422 
TYR CA    C      sing N N 423 
TYR CA    CB     sing N N 424 
TYR CA    HA     sing N N 425 
TYR C     O      doub N N 426 
TYR C     OXT    sing N N 427 
TYR CB    CG     sing N N 428 
TYR CB    HB2    sing N N 429 
TYR CB    HB3    sing N N 430 
TYR CG    CD1    doub Y N 431 
TYR CG    CD2    sing Y N 432 
TYR CD1   CE1    sing Y N 433 
TYR CD1   HD1    sing N N 434 
TYR CD2   CE2    doub Y N 435 
TYR CD2   HD2    sing N N 436 
TYR CE1   CZ     doub Y N 437 
TYR CE1   HE1    sing N N 438 
TYR CE2   CZ     sing Y N 439 
TYR CE2   HE2    sing N N 440 
TYR CZ    OH     sing N N 441 
TYR OH    HH     sing N N 442 
TYR OXT   HXT    sing N N 443 
U   OP3   P      sing N N 444 
U   OP3   HOP3   sing N N 445 
U   P     OP1    doub N N 446 
U   P     OP2    sing N N 447 
U   P     "O5'"  sing N N 448 
U   OP2   HOP2   sing N N 449 
U   "O5'" "C5'"  sing N N 450 
U   "C5'" "C4'"  sing N N 451 
U   "C5'" "H5'"  sing N N 452 
U   "C5'" "H5''" sing N N 453 
U   "C4'" "O4'"  sing N N 454 
U   "C4'" "C3'"  sing N N 455 
U   "C4'" "H4'"  sing N N 456 
U   "O4'" "C1'"  sing N N 457 
U   "C3'" "O3'"  sing N N 458 
U   "C3'" "C2'"  sing N N 459 
U   "C3'" "H3'"  sing N N 460 
U   "O3'" "HO3'" sing N N 461 
U   "C2'" "O2'"  sing N N 462 
U   "C2'" "C1'"  sing N N 463 
U   "C2'" "H2'"  sing N N 464 
U   "O2'" "HO2'" sing N N 465 
U   "C1'" N1     sing N N 466 
U   "C1'" "H1'"  sing N N 467 
U   N1    C2     sing N N 468 
U   N1    C6     sing N N 469 
U   C2    O2     doub N N 470 
U   C2    N3     sing N N 471 
U   N3    C4     sing N N 472 
U   N3    H3     sing N N 473 
U   C4    O4     doub N N 474 
U   C4    C5     sing N N 475 
U   C5    C6     doub N N 476 
U   C5    H5     sing N N 477 
U   C6    H6     sing N N 478 
VAL N     CA     sing N N 479 
VAL N     H      sing N N 480 
VAL N     H2     sing N N 481 
VAL CA    C      sing N N 482 
VAL CA    CB     sing N N 483 
VAL CA    HA     sing N N 484 
VAL C     O      doub N N 485 
VAL C     OXT    sing N N 486 
VAL CB    CG1    sing N N 487 
VAL CB    CG2    sing N N 488 
VAL CB    HB     sing N N 489 
VAL CG1   HG11   sing N N 490 
VAL CG1   HG12   sing N N 491 
VAL CG1   HG13   sing N N 492 
VAL CG2   HG21   sing N N 493 
VAL CG2   HG22   sing N N 494 
VAL CG2   HG23   sing N N 495 
VAL OXT   HXT    sing N N 496 
# 
_pdbx_audit_support.funding_organization   'National Natural Science Foundation of China (NSFC)' 
_pdbx_audit_support.country                China 
_pdbx_audit_support.grant_number           31870741 
_pdbx_audit_support.ordinal                1 
# 
_pdbx_entity_instance_feature.ordinal        1 
_pdbx_entity_instance_feature.comp_id        5MC 
_pdbx_entity_instance_feature.asym_id        ? 
_pdbx_entity_instance_feature.seq_num        ? 
_pdbx_entity_instance_feature.auth_comp_id   5MC 
_pdbx_entity_instance_feature.auth_asym_id   ? 
_pdbx_entity_instance_feature.auth_seq_num   ? 
_pdbx_entity_instance_feature.feature_type   'SUBJECT OF INVESTIGATION' 
_pdbx_entity_instance_feature.details        ? 
# 
loop_
_pdbx_entity_nonpoly.entity_id 
_pdbx_entity_nonpoly.name 
_pdbx_entity_nonpoly.comp_id 
3 'SULFATE ION' SO4 
4 water         HOH 
# 
_pdbx_initial_refinement_model.id               1 
_pdbx_initial_refinement_model.entity_id_list   ? 
_pdbx_initial_refinement_model.type             'experimental model' 
_pdbx_initial_refinement_model.source_name      PDB 
_pdbx_initial_refinement_model.accession_code   6A6J 
_pdbx_initial_refinement_model.details          ? 
# 
_pdbx_struct_assembly_auth_evidence.id                     1 
_pdbx_struct_assembly_auth_evidence.assembly_id            1 
_pdbx_struct_assembly_auth_evidence.experimental_support   'isothermal titration calorimetry' 
_pdbx_struct_assembly_auth_evidence.details                ? 
# 
_space_group.name_H-M_alt     'P 21 21 2' 
_space_group.name_Hall        'P 2 2ab' 
_space_group.IT_number        18 
_space_group.crystal_system   orthorhombic 
_space_group.id               1 
# 
